data_4FME
#
_entry.id   4FME
#
_cell.length_a   137.222
_cell.length_b   137.222
_cell.length_c   126.503
_cell.angle_alpha   90.00
_cell.angle_beta   90.00
_cell.angle_gamma   90.00
#
_symmetry.space_group_name_H-M   'P 43'
#
loop_
_entity.id
_entity.type
_entity.pdbx_description
1 polymer 'EspG protein'
2 polymer 'Ras-related protein Rab-1A'
3 polymer 'ADP-ribosylation factor 6'
4 non-polymer 'ALUMINUM FLUORIDE'
5 non-polymer "GUANOSINE-5'-DIPHOSPHATE"
6 non-polymer 'MAGNESIUM ION'
7 non-polymer "GUANOSINE-5'-TRIPHOSPHATE"
8 water water
#
loop_
_entity_poly.entity_id
_entity_poly.type
_entity_poly.pdbx_seq_one_letter_code
_entity_poly.pdbx_strand_id
1 'polypeptide(L)'
;EMSCAEKLLKVLSFGLWNPTYSRSERQSFQELLTVLEPVYPLPNELGRVSARFSDGSSLRISVTNSESIEAEIRTPNNEK
ITVLLESNEQNRLLQSLPIDRHMPYIQVHRALSEMDLTDTTSMRNLLGFTSKLSTTLIPHNAQTDPLSGPTPFSSIFMDT
CRGLGNAKLSLNGVDIPANAQMLLRDALGLKDTHSSPTRNVIDHGISRHDAEQIARESSGSDKQKAEVVEFLCHPEAATA
ICSAFYQSFNVPALTLTHERISKASEYNAERSLDTPNACINISISQSSDGNIYVTSHTGVLIMAPEDRPNEMGMLTNRTS
YEVPQGVKCTIDEMVRALQPRYAASETYLQN
;
A,D
2 'polypeptide(L)'
;PEYDYLFKLLLIGDSGVGKSCLLLRFADDTYTESYISTIGVDFKIRTIELDGKTIKLQIWDTAGQERFRTITSSYYRGAH
GIIVVYDVTDQESFNNVKQWLQEIDRYASENVNKLLVGNKCDLTTKKVVDYTTAKEFADSLGIPFLETSAKNATNVEQSF
MTMAAEIKKRM
;
B,E
3 'polypeptide(L)'
;MRILMLGLDAAGKTTILYKLKLGQSVTTIPTVGFNVETVTYKNVKFNVWDVGGQDKIRPLWRHYYTGTQGLIFVVDCADR
DRIDEARQELHRIINDREMRDAIILIFANKQDLPDAMKPHEIQEKLGLTRIRDRNWYVQPSCATSGDGLYEGLTWLTSNY
;
C,F
#
# COMPACT_ATOMS: atom_id res chain seq x y z
N GLU A 1 10.06 26.01 42.44
CA GLU A 1 10.60 24.66 42.16
C GLU A 1 9.84 23.98 41.03
N MET A 2 9.67 24.71 39.94
CA MET A 2 8.97 24.19 38.77
C MET A 2 9.79 23.09 38.10
N SER A 3 9.30 21.86 38.20
CA SER A 3 9.98 20.70 37.61
C SER A 3 10.46 20.96 36.20
N CYS A 4 11.51 20.25 35.79
CA CYS A 4 12.08 20.40 34.46
C CYS A 4 11.02 20.24 33.38
N ALA A 5 10.32 19.11 33.40
CA ALA A 5 9.27 18.85 32.43
C ALA A 5 8.27 19.99 32.39
N GLU A 6 7.85 20.45 33.55
CA GLU A 6 6.90 21.55 33.64
C GLU A 6 7.40 22.78 32.90
N LYS A 7 8.71 23.00 32.90
CA LYS A 7 9.27 24.16 32.21
C LYS A 7 9.02 24.06 30.71
N LEU A 8 9.58 23.03 30.09
CA LEU A 8 9.42 22.82 28.65
C LEU A 8 7.97 22.94 28.22
N LEU A 9 7.09 22.16 28.85
CA LEU A 9 5.67 22.19 28.53
C LEU A 9 5.12 23.60 28.62
N LYS A 10 5.65 24.38 29.57
CA LYS A 10 5.21 25.76 29.76
C LYS A 10 5.69 26.62 28.60
N VAL A 11 6.94 26.42 28.19
CA VAL A 11 7.53 27.18 27.09
C VAL A 11 6.81 26.88 25.78
N LEU A 12 6.79 25.61 25.40
CA LEU A 12 6.15 25.17 24.17
C LEU A 12 4.71 25.67 24.10
N SER A 13 4.09 25.82 25.27
CA SER A 13 2.72 26.29 25.37
C SER A 13 2.61 27.79 25.10
N PHE A 14 3.67 28.53 25.39
CA PHE A 14 3.68 29.97 25.19
C PHE A 14 4.30 30.34 23.84
N GLY A 15 5.14 29.45 23.31
CA GLY A 15 5.77 29.70 22.04
C GLY A 15 7.28 29.62 22.06
N LEU A 16 7.81 28.47 21.66
CA LEU A 16 9.26 28.25 21.63
C LEU A 16 9.92 29.26 20.70
N TRP A 17 9.14 29.82 19.78
CA TRP A 17 9.64 30.80 18.83
C TRP A 17 9.32 32.23 19.24
N ASN A 18 8.86 32.43 20.47
CA ASN A 18 8.52 33.76 20.96
C ASN A 18 9.78 34.63 20.97
N PRO A 19 9.82 35.65 20.09
CA PRO A 19 10.94 36.58 19.96
C PRO A 19 11.34 37.34 21.24
N THR A 20 10.43 37.39 22.22
CA THR A 20 10.70 38.09 23.46
C THR A 20 11.76 37.45 24.34
N TYR A 21 12.14 36.21 24.03
CA TYR A 21 13.15 35.52 24.82
C TYR A 21 14.50 36.22 24.67
N SER A 22 15.13 36.50 25.81
CA SER A 22 16.41 37.21 25.86
C SER A 22 17.58 36.45 25.22
N ARG A 23 17.27 35.42 24.43
CA ARG A 23 18.30 34.62 23.77
C ARG A 23 19.01 33.78 24.82
N SER A 24 19.46 34.41 25.89
CA SER A 24 20.11 33.68 26.97
C SER A 24 19.25 32.48 27.33
N GLU A 25 17.95 32.72 27.37
CA GLU A 25 16.95 31.67 27.57
C GLU A 25 16.73 30.63 26.48
N ARG A 26 17.07 30.99 25.25
CA ARG A 26 16.95 30.08 24.11
C ARG A 26 17.82 28.88 24.42
N GLN A 27 19.00 29.16 24.96
CA GLN A 27 19.97 28.15 25.34
C GLN A 27 19.33 27.23 26.37
N SER A 28 18.59 27.85 27.29
CA SER A 28 17.92 27.12 28.36
C SER A 28 16.87 26.15 27.82
N PHE A 29 16.30 26.48 26.67
CA PHE A 29 15.27 25.65 26.07
C PHE A 29 15.82 24.54 25.19
N GLN A 30 16.78 24.88 24.32
CA GLN A 30 17.39 23.91 23.42
C GLN A 30 17.81 22.64 24.18
N GLU A 31 18.33 22.84 25.39
CA GLU A 31 18.76 21.71 26.22
C GLU A 31 17.63 20.75 26.58
N LEU A 32 16.40 21.24 26.60
CA LEU A 32 15.25 20.41 26.93
C LEU A 32 14.59 19.78 25.71
N LEU A 33 14.35 20.58 24.69
CA LEU A 33 13.71 20.11 23.47
C LEU A 33 14.47 18.95 22.82
N THR A 34 15.79 18.94 22.99
CA THR A 34 16.62 17.89 22.42
C THR A 34 16.50 16.59 23.19
N VAL A 35 15.69 16.59 24.24
CA VAL A 35 15.49 15.41 25.07
C VAL A 35 14.21 14.70 24.65
N LEU A 36 13.44 15.32 23.77
CA LEU A 36 12.19 14.75 23.29
C LEU A 36 12.47 13.66 22.25
N GLU A 37 12.10 12.43 22.58
CA GLU A 37 12.32 11.30 21.69
C GLU A 37 11.01 10.64 21.26
N PRO A 38 10.71 10.67 19.95
CA PRO A 38 9.48 10.06 19.42
C PRO A 38 9.44 8.56 19.69
N VAL A 39 8.34 8.09 20.27
CA VAL A 39 8.19 6.67 20.58
C VAL A 39 6.94 6.09 19.94
N TYR A 40 6.81 4.77 20.01
CA TYR A 40 5.67 4.06 19.43
C TYR A 40 4.33 4.70 19.84
N PRO A 41 3.64 5.33 18.88
CA PRO A 41 2.35 5.98 19.14
C PRO A 41 1.21 4.97 19.17
N LEU A 42 0.19 5.25 19.98
CA LEU A 42 -0.96 4.35 20.08
C LEU A 42 -1.80 4.39 18.80
N PRO A 43 -2.65 3.37 18.60
CA PRO A 43 -3.52 3.25 17.43
C PRO A 43 -4.22 4.53 16.99
N ASN A 44 -4.88 5.21 17.93
CA ASN A 44 -5.61 6.43 17.62
C ASN A 44 -4.75 7.69 17.72
N GLU A 45 -3.43 7.50 17.72
CA GLU A 45 -2.50 8.63 17.81
C GLU A 45 -1.78 8.91 16.50
N LEU A 46 -1.39 10.17 16.32
CA LEU A 46 -0.69 10.60 15.12
C LEU A 46 0.78 10.87 15.44
N GLY A 47 1.11 10.79 16.72
CA GLY A 47 2.48 11.02 17.15
C GLY A 47 2.62 11.12 18.66
N ARG A 48 3.57 10.37 19.20
CA ARG A 48 3.81 10.37 20.65
C ARG A 48 5.25 10.77 20.94
N VAL A 49 5.43 11.58 21.99
CA VAL A 49 6.77 12.04 22.36
C VAL A 49 7.02 11.84 23.85
N SER A 50 8.24 11.43 24.18
CA SER A 50 8.63 11.19 25.56
C SER A 50 9.97 11.83 25.90
N ALA A 51 10.17 12.15 27.18
CA ALA A 51 11.42 12.77 27.62
C ALA A 51 11.70 12.56 29.10
N ARG A 52 12.87 12.02 29.41
CA ARG A 52 13.27 11.79 30.79
C ARG A 52 14.42 12.73 31.17
N PHE A 53 14.06 13.82 31.84
CA PHE A 53 15.02 14.83 32.26
C PHE A 53 15.87 14.38 33.43
N SER A 54 16.87 15.19 33.79
CA SER A 54 17.78 14.89 34.87
C SER A 54 17.20 15.08 36.27
N ASP A 55 16.18 15.93 36.40
CA ASP A 55 15.57 16.17 37.71
C ASP A 55 14.63 15.03 38.09
N GLY A 56 14.76 13.91 37.40
CA GLY A 56 13.92 12.76 37.68
C GLY A 56 12.52 12.89 37.12
N SER A 57 12.19 14.06 36.57
CA SER A 57 10.86 14.27 36.01
C SER A 57 10.72 13.55 34.68
N SER A 58 9.53 13.60 34.11
CA SER A 58 9.26 12.96 32.82
C SER A 58 8.07 13.62 32.14
N LEU A 59 8.10 13.65 30.82
CA LEU A 59 7.02 14.25 30.03
C LEU A 59 6.54 13.29 28.96
N ARG A 60 5.23 13.30 28.70
CA ARG A 60 4.65 12.44 27.69
C ARG A 60 3.53 13.17 26.94
N ILE A 61 3.86 13.68 25.76
CA ILE A 61 2.89 14.40 24.95
C ILE A 61 2.31 13.52 23.85
N SER A 62 0.99 13.51 23.74
CA SER A 62 0.30 12.73 22.72
C SER A 62 -0.46 13.62 21.76
N VAL A 63 -0.63 13.15 20.54
CA VAL A 63 -1.34 13.90 19.51
C VAL A 63 -2.26 12.99 18.71
N THR A 64 -3.55 13.02 19.03
CA THR A 64 -4.53 12.20 18.32
C THR A 64 -4.65 12.68 16.89
N ASN A 65 -5.30 11.89 16.04
CA ASN A 65 -5.48 12.27 14.65
C ASN A 65 -6.36 13.51 14.57
N SER A 66 -7.14 13.74 15.62
CA SER A 66 -8.03 14.89 15.70
C SER A 66 -7.17 16.08 16.12
N GLU A 67 -5.86 15.91 16.03
CA GLU A 67 -4.89 16.93 16.39
C GLU A 67 -5.07 17.45 17.81
N SER A 68 -5.58 16.58 18.68
CA SER A 68 -5.78 16.92 20.09
C SER A 68 -4.47 16.67 20.82
N ILE A 69 -3.97 17.68 21.51
CA ILE A 69 -2.71 17.55 22.24
C ILE A 69 -2.89 17.33 23.74
N GLU A 70 -2.72 16.08 24.17
CA GLU A 70 -2.84 15.72 25.58
C GLU A 70 -1.43 15.49 26.12
N ALA A 71 -1.17 15.93 27.34
CA ALA A 71 0.15 15.75 27.93
C ALA A 71 0.10 15.27 29.36
N GLU A 72 1.14 14.54 29.77
CA GLU A 72 1.24 14.02 31.13
C GLU A 72 2.67 14.18 31.63
N ILE A 73 2.81 14.52 32.91
CA ILE A 73 4.13 14.71 33.51
C ILE A 73 4.22 14.00 34.86
N ARG A 74 5.45 13.86 35.36
CA ARG A 74 5.69 13.22 36.64
C ARG A 74 6.87 13.87 37.36
N THR A 75 6.57 14.80 38.25
CA THR A 75 7.60 15.51 39.02
C THR A 75 8.49 14.51 39.75
N PRO A 76 9.64 14.97 40.29
CA PRO A 76 10.54 14.07 41.01
C PRO A 76 9.85 13.29 42.12
N ASN A 77 8.72 13.80 42.60
CA ASN A 77 7.96 13.12 43.65
C ASN A 77 6.76 12.40 43.04
N ASN A 78 6.95 11.90 41.82
CA ASN A 78 5.92 11.19 41.08
C ASN A 78 4.54 11.78 41.32
N GLU A 79 4.30 12.95 40.76
CA GLU A 79 3.02 13.64 40.90
C GLU A 79 2.33 13.72 39.54
N LYS A 80 1.74 12.60 39.10
CA LYS A 80 1.06 12.58 37.81
C LYS A 80 0.22 13.83 37.58
N ILE A 81 0.67 14.64 36.64
CA ILE A 81 -0.02 15.89 36.30
C ILE A 81 -0.39 15.89 34.82
N THR A 82 -1.69 15.77 34.54
CA THR A 82 -2.17 15.75 33.17
C THR A 82 -2.61 17.15 32.77
N VAL A 83 -2.14 17.61 31.61
CA VAL A 83 -2.48 18.96 31.14
C VAL A 83 -2.86 18.95 29.66
N LEU A 84 -4.07 19.39 29.36
CA LEU A 84 -4.55 19.46 27.99
C LEU A 84 -4.02 20.73 27.34
N LEU A 85 -3.41 20.59 26.16
CA LEU A 85 -2.84 21.73 25.45
C LEU A 85 -3.61 22.11 24.19
N GLU A 86 -3.30 23.29 23.67
CA GLU A 86 -3.92 23.80 22.45
C GLU A 86 -2.88 24.59 21.66
N SER A 87 -2.89 24.42 20.34
CA SER A 87 -1.94 25.11 19.48
C SER A 87 -2.61 26.15 18.58
N ASN A 88 -2.06 27.36 18.58
CA ASN A 88 -2.57 28.45 17.77
C ASN A 88 -1.44 29.10 16.98
N GLU A 89 -1.79 29.87 15.96
CA GLU A 89 -0.80 30.54 15.12
C GLU A 89 0.16 31.41 15.92
N GLN A 90 -0.11 31.57 17.21
CA GLN A 90 0.75 32.38 18.08
C GLN A 90 1.94 31.60 18.61
N ASN A 91 1.66 30.51 19.32
CA ASN A 91 2.72 29.68 19.90
C ASN A 91 3.28 28.62 18.97
N ARG A 92 2.56 28.33 17.88
CA ARG A 92 3.01 27.32 16.92
C ARG A 92 3.45 26.07 17.67
N LEU A 93 2.63 25.65 18.63
CA LEU A 93 2.93 24.47 19.44
C LEU A 93 3.08 23.21 18.59
N LEU A 94 2.03 22.88 17.85
CA LEU A 94 2.02 21.69 17.01
C LEU A 94 3.18 21.66 16.02
N GLN A 95 4.03 22.67 16.07
CA GLN A 95 5.19 22.77 15.19
C GLN A 95 6.46 22.32 15.90
N SER A 96 6.59 22.70 17.17
CA SER A 96 7.76 22.35 17.96
C SER A 96 7.70 20.93 18.52
N LEU A 97 6.99 20.06 17.82
CA LEU A 97 6.86 18.66 18.24
C LEU A 97 7.20 17.70 17.12
N PRO A 98 8.03 16.69 17.40
CA PRO A 98 8.44 15.70 16.39
C PRO A 98 7.28 14.80 15.98
N ILE A 99 6.43 15.31 15.10
CA ILE A 99 5.27 14.56 14.62
C ILE A 99 4.98 14.84 13.16
N ASP A 100 4.97 13.78 12.35
CA ASP A 100 4.70 13.90 10.92
C ASP A 100 3.21 14.15 10.73
N ARG A 101 2.87 15.21 10.02
CA ARG A 101 1.46 15.56 9.79
C ARG A 101 1.10 15.61 8.31
N HIS A 102 -0.20 15.65 8.04
CA HIS A 102 -0.70 15.71 6.67
C HIS A 102 -0.74 17.17 6.22
N MET A 103 0.18 17.54 5.33
CA MET A 103 0.26 18.90 4.82
C MET A 103 0.33 18.94 3.31
N PRO A 104 -0.37 19.90 2.69
CA PRO A 104 -0.39 20.05 1.22
C PRO A 104 0.98 20.42 0.67
N TYR A 105 1.89 20.81 1.55
CA TYR A 105 3.24 21.21 1.16
C TYR A 105 4.25 20.95 2.27
N ILE A 106 5.52 20.86 1.89
CA ILE A 106 6.59 20.62 2.85
C ILE A 106 6.60 21.71 3.92
N GLN A 107 6.53 21.30 5.18
CA GLN A 107 6.53 22.23 6.29
C GLN A 107 7.79 23.09 6.28
N VAL A 108 7.66 24.36 6.68
CA VAL A 108 8.78 25.28 6.71
C VAL A 108 8.96 25.80 8.13
N HIS A 109 10.18 25.69 8.65
CA HIS A 109 10.48 26.15 10.01
C HIS A 109 11.66 27.11 10.05
N ARG A 110 11.69 27.94 11.08
CA ARG A 110 12.75 28.92 11.27
C ARG A 110 13.59 28.57 12.49
N ALA A 111 14.91 28.55 12.33
CA ALA A 111 15.81 28.23 13.42
C ALA A 111 15.67 29.25 14.55
N LEU A 112 16.48 29.11 15.58
CA LEU A 112 16.43 30.02 16.73
C LEU A 112 17.45 31.15 16.62
N SER A 113 17.70 31.80 17.74
CA SER A 113 18.65 32.93 17.82
C SER A 113 20.00 32.94 17.13
N GLU A 114 20.90 32.02 17.49
CA GLU A 114 22.26 32.04 16.95
C GLU A 114 22.62 30.99 15.87
N MET A 115 21.99 29.82 15.94
CA MET A 115 22.31 28.72 15.04
C MET A 115 22.78 29.23 13.68
N ASP A 116 24.06 29.01 13.38
CA ASP A 116 24.61 29.43 12.10
C ASP A 116 25.20 28.25 11.35
N LEU A 117 25.25 28.35 10.02
CA LEU A 117 25.79 27.28 9.18
C LEU A 117 27.18 27.57 8.65
N THR A 118 28.19 26.93 9.24
CA THR A 118 29.56 27.11 8.81
C THR A 118 30.39 25.83 8.71
N ASP A 119 30.70 25.21 9.84
CA ASP A 119 31.50 24.00 9.85
C ASP A 119 30.66 22.77 10.20
N THR A 120 31.27 21.60 10.09
CA THR A 120 30.60 20.33 10.38
C THR A 120 29.80 20.39 11.68
N THR A 121 30.42 20.92 12.73
CA THR A 121 29.78 21.03 14.03
C THR A 121 28.50 21.86 13.97
N SER A 122 28.55 22.97 13.26
CA SER A 122 27.41 23.86 13.15
C SER A 122 26.22 23.19 12.44
N MET A 123 26.49 22.15 11.66
CA MET A 123 25.43 21.44 10.96
C MET A 123 24.67 20.53 11.91
N ARG A 124 25.41 19.70 12.63
CA ARG A 124 24.82 18.77 13.59
C ARG A 124 23.99 19.52 14.62
N ASN A 125 24.55 20.60 15.16
CA ASN A 125 23.87 21.40 16.17
C ASN A 125 22.50 21.87 15.68
N LEU A 126 22.34 22.03 14.38
CA LEU A 126 21.07 22.47 13.81
C LEU A 126 20.12 21.29 13.66
N LEU A 127 20.62 20.20 13.10
CA LEU A 127 19.82 19.00 12.90
C LEU A 127 19.28 18.48 14.23
N GLY A 128 20.07 18.65 15.28
CA GLY A 128 19.65 18.20 16.60
C GLY A 128 18.30 18.84 16.86
N PHE A 129 18.18 20.11 16.47
CA PHE A 129 16.95 20.88 16.66
C PHE A 129 15.75 20.62 15.74
N THR A 130 15.99 20.73 14.43
CA THR A 130 14.95 20.52 13.44
C THR A 130 14.29 19.16 13.58
N SER A 131 15.08 18.16 13.96
CA SER A 131 14.58 16.80 14.14
C SER A 131 13.51 16.73 15.22
N LYS A 132 13.41 17.80 16.00
CA LYS A 132 12.44 17.88 17.09
C LYS A 132 11.23 18.71 16.66
N LEU A 133 11.19 19.08 15.38
CA LEU A 133 10.11 19.87 14.84
C LEU A 133 9.21 19.00 13.95
N SER A 134 8.03 19.51 13.62
CA SER A 134 7.10 18.77 12.78
C SER A 134 7.64 18.54 11.37
N THR A 135 6.86 17.83 10.57
CA THR A 135 7.23 17.53 9.18
C THR A 135 5.98 17.35 8.33
N THR A 136 6.17 17.01 7.06
CA THR A 136 5.06 16.80 6.15
C THR A 136 5.10 15.42 5.53
N LEU A 137 4.12 14.59 5.88
CA LEU A 137 4.04 13.22 5.35
C LEU A 137 4.06 13.22 3.83
N ILE A 138 5.16 12.73 3.26
CA ILE A 138 5.32 12.66 1.81
C ILE A 138 4.96 11.28 1.30
N PRO A 139 4.02 11.20 0.34
CA PRO A 139 3.60 9.92 -0.23
C PRO A 139 4.71 9.30 -1.07
N HIS A 140 4.64 7.99 -1.30
CA HIS A 140 5.64 7.30 -2.09
C HIS A 140 5.02 6.23 -2.96
N ASN A 141 5.38 6.23 -4.25
CA ASN A 141 4.86 5.26 -5.18
C ASN A 141 5.84 4.10 -5.31
N ALA A 142 5.38 3.00 -5.89
CA ALA A 142 6.21 1.80 -6.06
C ALA A 142 7.53 2.10 -6.76
N GLN A 143 7.58 3.21 -7.49
CA GLN A 143 8.79 3.60 -8.21
C GLN A 143 9.77 4.39 -7.36
N THR A 144 9.29 4.98 -6.27
CA THR A 144 10.16 5.77 -5.40
C THR A 144 10.22 5.19 -3.99
N ASP A 145 9.61 4.03 -3.80
CA ASP A 145 9.60 3.36 -2.49
C ASP A 145 10.97 2.77 -2.15
N PRO A 146 11.60 3.28 -1.08
CA PRO A 146 12.92 2.82 -0.61
C PRO A 146 13.02 1.33 -0.34
N LEU A 147 11.88 0.62 -0.43
CA LEU A 147 11.87 -0.81 -0.18
C LEU A 147 11.46 -1.62 -1.41
N SER A 148 11.42 -0.97 -2.57
CA SER A 148 11.06 -1.64 -3.80
C SER A 148 12.27 -1.72 -4.72
N GLY A 149 12.03 -1.95 -6.00
CA GLY A 149 13.13 -2.04 -6.95
C GLY A 149 13.93 -3.32 -6.83
N PRO A 150 14.98 -3.48 -7.65
CA PRO A 150 15.86 -4.66 -7.68
C PRO A 150 16.56 -4.98 -6.36
N THR A 151 17.31 -4.03 -5.82
CA THR A 151 18.04 -4.26 -4.57
C THR A 151 17.62 -3.43 -3.36
N PRO A 152 16.52 -3.83 -2.71
CA PRO A 152 16.02 -3.12 -1.52
C PRO A 152 16.87 -3.43 -0.30
N PHE A 153 17.10 -2.44 0.55
CA PHE A 153 17.93 -2.60 1.75
C PHE A 153 19.23 -3.36 1.46
N SER A 154 19.89 -3.00 0.36
CA SER A 154 21.14 -3.64 -0.01
C SER A 154 22.34 -3.09 0.75
N SER A 155 22.39 -1.76 0.86
CA SER A 155 23.50 -1.10 1.55
C SER A 155 23.22 -0.82 3.02
N ILE A 156 22.17 -1.44 3.55
CA ILE A 156 21.80 -1.25 4.95
C ILE A 156 22.95 -1.50 5.92
N PHE A 157 23.83 -2.44 5.58
CA PHE A 157 24.96 -2.76 6.44
C PHE A 157 26.14 -1.83 6.23
N MET A 158 26.52 -1.61 4.98
CA MET A 158 27.64 -0.72 4.68
C MET A 158 27.27 0.71 5.02
N ASP A 159 25.99 1.04 4.93
CA ASP A 159 25.52 2.39 5.26
C ASP A 159 25.68 2.65 6.74
N THR A 160 25.85 1.58 7.52
CA THR A 160 26.01 1.69 8.96
C THR A 160 27.47 1.85 9.37
N CYS A 161 28.37 1.17 8.67
CA CYS A 161 29.79 1.26 8.98
C CYS A 161 30.25 2.71 8.95
N ARG A 162 29.99 3.38 7.84
CA ARG A 162 30.36 4.78 7.67
C ARG A 162 29.33 5.69 8.35
N GLY A 163 28.39 5.08 9.06
CA GLY A 163 27.37 5.84 9.75
C GLY A 163 27.67 5.98 11.23
N LEU A 164 27.77 4.84 11.91
CA LEU A 164 28.05 4.82 13.35
C LEU A 164 29.32 5.61 13.66
N GLY A 165 29.35 6.24 14.83
CA GLY A 165 30.50 7.01 15.24
C GLY A 165 30.53 8.38 14.59
N ASN A 166 29.60 8.61 13.66
CA ASN A 166 29.53 9.89 12.97
C ASN A 166 28.09 10.41 12.93
N ALA A 167 27.25 9.87 13.79
CA ALA A 167 25.85 10.26 13.85
C ALA A 167 25.40 10.52 15.28
N LYS A 168 24.26 11.20 15.42
CA LYS A 168 23.71 11.50 16.74
C LYS A 168 22.70 10.43 17.10
N LEU A 169 23.15 9.41 17.83
CA LEU A 169 22.28 8.31 18.23
C LEU A 169 21.62 8.56 19.58
N SER A 170 20.53 7.84 19.83
CA SER A 170 19.79 7.96 21.09
C SER A 170 18.92 6.73 21.33
N LEU A 171 19.14 6.09 22.49
CA LEU A 171 18.37 4.90 22.85
C LEU A 171 17.65 5.13 24.16
N ASN A 172 16.39 5.56 24.07
CA ASN A 172 15.58 5.84 25.26
C ASN A 172 16.10 7.06 26.00
N GLY A 173 16.43 8.11 25.25
CA GLY A 173 16.93 9.32 25.86
C GLY A 173 18.42 9.23 26.18
N VAL A 174 18.92 8.01 26.28
CA VAL A 174 20.33 7.79 26.59
C VAL A 174 21.20 8.05 25.37
N ASP A 175 21.78 9.23 25.32
CA ASP A 175 22.65 9.62 24.21
C ASP A 175 23.80 8.64 24.04
N ILE A 176 24.07 8.26 22.80
CA ILE A 176 25.15 7.34 22.49
C ILE A 176 26.29 8.10 21.83
N PRO A 177 27.33 8.46 22.61
CA PRO A 177 28.47 9.21 22.09
C PRO A 177 29.22 8.49 20.97
N ALA A 178 30.23 9.15 20.42
CA ALA A 178 31.04 8.58 19.35
C ALA A 178 31.64 7.24 19.73
N ASN A 179 32.54 7.25 20.70
CA ASN A 179 33.20 6.03 21.16
C ASN A 179 32.18 4.93 21.41
N ALA A 180 31.02 5.31 21.92
CA ALA A 180 29.95 4.37 22.20
C ALA A 180 29.50 3.66 20.92
N GLN A 181 29.24 4.44 19.89
CA GLN A 181 28.80 3.89 18.60
C GLN A 181 29.87 2.99 18.01
N MET A 182 31.13 3.42 18.06
CA MET A 182 32.23 2.63 17.53
C MET A 182 32.29 1.27 18.22
N LEU A 183 31.83 1.22 19.48
CA LEU A 183 31.81 -0.02 20.23
C LEU A 183 30.71 -0.92 19.68
N LEU A 184 29.58 -0.31 19.34
CA LEU A 184 28.45 -1.03 18.79
C LEU A 184 28.82 -1.57 17.42
N ARG A 185 29.43 -0.71 16.61
CA ARG A 185 29.86 -1.07 15.27
C ARG A 185 30.70 -2.35 15.28
N ASP A 186 31.32 -2.63 16.42
CA ASP A 186 32.13 -3.84 16.58
C ASP A 186 31.25 -5.04 16.89
N ALA A 187 30.42 -4.89 17.92
CA ALA A 187 29.52 -5.96 18.34
C ALA A 187 28.61 -6.41 17.20
N LEU A 188 28.36 -5.50 16.26
CA LEU A 188 27.51 -5.81 15.12
C LEU A 188 28.29 -6.52 14.02
N GLY A 189 29.56 -6.78 14.28
CA GLY A 189 30.40 -7.47 13.31
C GLY A 189 30.50 -6.73 11.99
N LEU A 190 30.39 -5.40 12.03
CA LEU A 190 30.48 -4.60 10.82
C LEU A 190 31.85 -3.94 10.70
N LYS A 191 32.82 -4.73 10.24
CA LYS A 191 34.19 -4.24 10.07
C LYS A 191 34.39 -3.43 8.79
N ASP A 192 34.45 -4.12 7.65
CA ASP A 192 34.62 -3.44 6.36
C ASP A 192 33.26 -3.23 5.74
N THR A 193 33.21 -2.40 4.70
CA THR A 193 31.95 -2.09 4.01
C THR A 193 31.44 -3.23 3.14
N HIS A 194 31.84 -4.46 3.45
CA HIS A 194 31.40 -5.62 2.68
C HIS A 194 30.90 -6.74 3.58
N SER A 195 31.21 -6.65 4.87
CA SER A 195 30.80 -7.68 5.83
C SER A 195 29.35 -7.51 6.27
N SER A 196 28.82 -8.56 6.90
CA SER A 196 27.46 -8.56 7.40
C SER A 196 27.47 -9.08 8.83
N PRO A 197 26.46 -8.71 9.63
CA PRO A 197 26.37 -9.15 11.03
C PRO A 197 26.56 -10.66 11.17
N THR A 198 27.30 -11.06 12.20
CA THR A 198 27.57 -12.47 12.43
C THR A 198 26.25 -13.23 12.49
N ARG A 199 26.28 -14.50 12.10
CA ARG A 199 25.07 -15.32 12.11
C ARG A 199 24.46 -15.38 13.50
N ASN A 200 25.30 -15.27 14.52
CA ASN A 200 24.86 -15.31 15.91
C ASN A 200 24.18 -14.00 16.33
N VAL A 201 24.76 -12.88 15.94
CA VAL A 201 24.22 -11.57 16.28
C VAL A 201 22.82 -11.36 15.72
N ILE A 202 22.49 -12.10 14.65
CA ILE A 202 21.18 -11.98 14.03
C ILE A 202 20.12 -12.75 14.82
N ASP A 203 20.47 -13.96 15.25
CA ASP A 203 19.53 -14.80 15.98
C ASP A 203 19.46 -14.36 17.45
N HIS A 204 20.59 -13.89 17.98
CA HIS A 204 20.64 -13.45 19.38
C HIS A 204 20.94 -12.00 19.73
N GLY A 205 21.18 -11.18 18.71
CA GLY A 205 21.47 -9.78 18.95
C GLY A 205 22.90 -9.56 19.41
N ILE A 206 23.14 -8.44 20.08
CA ILE A 206 24.48 -8.11 20.58
C ILE A 206 24.79 -8.91 21.83
N SER A 207 25.99 -9.51 21.87
CA SER A 207 26.40 -10.29 23.02
C SER A 207 26.27 -9.42 24.27
N ARG A 208 25.88 -10.02 25.38
CA ARG A 208 25.71 -9.29 26.62
C ARG A 208 27.00 -8.63 27.08
N HIS A 209 28.11 -9.04 26.49
CA HIS A 209 29.41 -8.48 26.85
C HIS A 209 29.58 -7.08 26.24
N ASP A 210 29.69 -7.03 24.91
CA ASP A 210 29.86 -5.77 24.21
C ASP A 210 28.76 -4.80 24.61
N ALA A 211 27.52 -5.27 24.52
CA ALA A 211 26.35 -4.46 24.85
C ALA A 211 26.51 -3.74 26.18
N GLU A 212 26.78 -4.50 27.24
CA GLU A 212 26.95 -3.93 28.57
C GLU A 212 27.99 -2.81 28.55
N GLN A 213 29.03 -2.97 27.74
CA GLN A 213 30.08 -1.96 27.64
C GLN A 213 29.52 -0.65 27.07
N ILE A 214 28.97 -0.74 25.87
CA ILE A 214 28.40 0.42 25.19
C ILE A 214 27.64 1.32 26.16
N ALA A 215 26.88 0.70 27.05
CA ALA A 215 26.10 1.44 28.03
C ALA A 215 26.99 2.26 28.95
N ARG A 216 27.95 1.60 29.61
CA ARG A 216 28.87 2.28 30.51
C ARG A 216 29.48 3.53 29.89
N GLU A 217 29.69 3.50 28.58
CA GLU A 217 30.26 4.65 27.88
C GLU A 217 29.18 5.50 27.23
N SER A 218 28.08 5.72 27.94
CA SER A 218 26.98 6.51 27.42
C SER A 218 26.37 7.37 28.52
N SER A 219 25.93 8.57 28.16
CA SER A 219 25.31 9.49 29.11
C SER A 219 23.95 8.99 29.57
N GLY A 220 23.78 8.92 30.89
CA GLY A 220 22.53 8.46 31.45
C GLY A 220 22.71 7.85 32.84
N SER A 221 21.67 7.93 33.65
CA SER A 221 21.73 7.39 35.01
C SER A 221 21.97 5.89 34.96
N ASP A 222 22.55 5.35 36.03
CA ASP A 222 22.83 3.92 36.12
C ASP A 222 21.57 3.14 35.76
N LYS A 223 20.43 3.63 36.26
CA LYS A 223 19.15 3.01 36.00
C LYS A 223 18.88 2.96 34.50
N GLN A 224 19.10 4.09 33.83
CA GLN A 224 18.89 4.19 32.39
C GLN A 224 19.82 3.27 31.61
N LYS A 225 21.11 3.32 31.95
CA LYS A 225 22.10 2.48 31.28
C LYS A 225 21.64 1.03 31.19
N ALA A 226 21.22 0.49 32.33
CA ALA A 226 20.76 -0.90 32.39
C ALA A 226 19.73 -1.18 31.30
N GLU A 227 18.83 -0.23 31.06
CA GLU A 227 17.81 -0.39 30.04
C GLU A 227 18.43 -0.63 28.66
N VAL A 228 19.38 0.24 28.30
CA VAL A 228 20.05 0.14 27.02
C VAL A 228 20.67 -1.25 26.84
N VAL A 229 20.99 -1.88 27.96
CA VAL A 229 21.58 -3.21 27.95
C VAL A 229 20.53 -4.27 27.59
N GLU A 230 19.35 -4.17 28.21
CA GLU A 230 18.27 -5.11 27.94
C GLU A 230 17.75 -4.98 26.52
N PHE A 231 17.98 -3.81 25.92
CA PHE A 231 17.55 -3.55 24.56
C PHE A 231 18.53 -4.13 23.56
N LEU A 232 19.81 -3.84 23.75
CA LEU A 232 20.86 -4.31 22.86
C LEU A 232 21.15 -5.80 23.05
N CYS A 233 20.18 -6.55 23.56
CA CYS A 233 20.34 -7.98 23.77
C CYS A 233 19.38 -8.79 22.92
N HIS A 234 18.35 -8.13 22.39
CA HIS A 234 17.36 -8.81 21.56
C HIS A 234 17.73 -8.72 20.08
N PRO A 235 17.51 -9.82 19.33
CA PRO A 235 17.81 -9.87 17.91
C PRO A 235 17.12 -8.75 17.12
N GLU A 236 15.95 -8.34 17.60
CA GLU A 236 15.19 -7.28 16.95
C GLU A 236 15.96 -5.96 16.94
N ALA A 237 16.55 -5.63 18.09
CA ALA A 237 17.31 -4.40 18.24
C ALA A 237 18.31 -4.20 17.10
N ALA A 238 18.97 -5.28 16.70
CA ALA A 238 19.95 -5.22 15.62
C ALA A 238 19.30 -4.74 14.33
N THR A 239 18.14 -5.32 14.02
CA THR A 239 17.40 -4.97 12.81
C THR A 239 16.97 -3.51 12.84
N ALA A 240 16.69 -3.01 14.03
CA ALA A 240 16.25 -1.63 14.21
C ALA A 240 17.37 -0.61 14.01
N ILE A 241 18.56 -0.93 14.50
CA ILE A 241 19.71 -0.03 14.39
C ILE A 241 20.32 0.00 12.98
N CYS A 242 20.47 -1.17 12.37
CA CYS A 242 21.05 -1.25 11.04
C CYS A 242 20.14 -0.68 9.95
N SER A 243 18.83 -0.75 10.18
CA SER A 243 17.86 -0.24 9.21
C SER A 243 17.76 1.27 9.23
N ALA A 244 17.77 1.86 10.43
CA ALA A 244 17.67 3.30 10.60
C ALA A 244 18.73 4.07 9.80
N PHE A 245 19.86 3.44 9.54
CA PHE A 245 20.93 4.08 8.79
C PHE A 245 20.78 3.99 7.28
N TYR A 246 19.71 3.34 6.83
CA TYR A 246 19.47 3.18 5.40
C TYR A 246 19.65 4.54 4.70
N GLN A 247 20.25 4.52 3.51
CA GLN A 247 20.50 5.75 2.77
C GLN A 247 19.39 6.16 1.82
N SER A 248 18.62 5.19 1.33
CA SER A 248 17.54 5.48 0.39
C SER A 248 16.27 6.06 1.02
N PHE A 249 16.19 6.06 2.35
CA PHE A 249 15.01 6.62 3.02
C PHE A 249 14.81 8.06 2.59
N ASN A 250 15.85 8.64 2.00
CA ASN A 250 15.82 10.03 1.55
C ASN A 250 15.21 10.21 0.16
N VAL A 251 15.07 9.11 -0.57
CA VAL A 251 14.50 9.16 -1.92
C VAL A 251 13.14 9.84 -1.95
N PRO A 252 12.20 9.38 -1.10
CA PRO A 252 10.86 9.96 -1.05
C PRO A 252 10.84 11.48 -1.02
N ALA A 253 11.65 12.07 -0.15
CA ALA A 253 11.73 13.51 -0.01
C ALA A 253 12.60 14.17 -1.07
N LEU A 254 13.77 13.58 -1.32
CA LEU A 254 14.69 14.12 -2.32
C LEU A 254 14.05 14.32 -3.68
N THR A 255 13.32 13.31 -4.14
CA THR A 255 12.66 13.37 -5.44
C THR A 255 11.64 14.52 -5.48
N LEU A 256 11.60 15.29 -4.40
CA LEU A 256 10.67 16.41 -4.31
C LEU A 256 11.46 17.71 -4.42
N THR A 257 12.60 17.79 -3.72
CA THR A 257 13.43 18.98 -3.74
C THR A 257 14.91 18.79 -4.07
N HIS A 258 15.25 17.71 -4.76
CA HIS A 258 16.63 17.43 -5.10
C HIS A 258 17.20 18.56 -5.96
N GLU A 259 16.34 19.28 -6.66
CA GLU A 259 16.79 20.37 -7.50
C GLU A 259 17.30 21.54 -6.66
N ARG A 260 16.52 21.96 -5.67
CA ARG A 260 16.91 23.06 -4.81
C ARG A 260 18.02 22.63 -3.85
N ILE A 261 18.18 21.32 -3.68
CA ILE A 261 19.21 20.78 -2.80
C ILE A 261 20.59 20.95 -3.43
N SER A 262 20.65 20.84 -4.75
CA SER A 262 21.91 21.00 -5.46
C SER A 262 22.29 22.47 -5.52
N LYS A 263 21.30 23.34 -5.64
CA LYS A 263 21.55 24.78 -5.70
C LYS A 263 22.25 25.22 -4.42
N ALA A 264 21.99 24.49 -3.34
CA ALA A 264 22.60 24.79 -2.04
C ALA A 264 24.03 24.26 -2.04
N SER A 265 24.24 23.16 -2.76
CA SER A 265 25.56 22.54 -2.86
C SER A 265 26.50 23.45 -3.65
N GLU A 266 25.95 24.16 -4.63
CA GLU A 266 26.74 25.06 -5.46
C GLU A 266 27.15 26.30 -4.67
N TYR A 267 26.20 26.90 -3.96
CA TYR A 267 26.46 28.09 -3.18
C TYR A 267 27.49 27.81 -2.10
N ASN A 268 27.75 26.54 -1.84
CA ASN A 268 28.71 26.14 -0.83
C ASN A 268 30.07 25.75 -1.41
N ALA A 269 30.05 25.05 -2.55
CA ALA A 269 31.28 24.62 -3.20
C ALA A 269 32.13 25.83 -3.58
N GLU A 270 31.46 26.92 -3.91
CA GLU A 270 32.14 28.16 -4.29
C GLU A 270 32.54 28.96 -3.05
N ARG A 271 31.67 28.96 -2.05
CA ARG A 271 31.92 29.68 -0.81
C ARG A 271 32.86 28.91 0.13
N SER A 272 33.30 27.73 -0.32
CA SER A 272 34.20 26.90 0.46
C SER A 272 33.65 26.61 1.86
N LEU A 273 32.34 26.71 2.02
CA LEU A 273 31.70 26.45 3.30
C LEU A 273 32.04 25.00 3.62
N ASP A 274 32.87 24.79 4.63
CA ASP A 274 33.27 23.46 5.04
C ASP A 274 32.09 22.82 5.75
N THR A 275 31.29 22.07 4.99
CA THR A 275 30.12 21.39 5.53
C THR A 275 29.94 20.04 4.84
N PRO A 276 29.78 18.97 5.63
CA PRO A 276 29.60 17.62 5.08
C PRO A 276 28.33 17.48 4.24
N ASN A 277 28.26 16.40 3.46
CA ASN A 277 27.10 16.14 2.61
C ASN A 277 25.81 16.18 3.41
N ALA A 278 25.70 15.27 4.38
CA ALA A 278 24.50 15.20 5.21
C ALA A 278 24.85 14.72 6.62
N CYS A 279 23.86 14.77 7.51
CA CYS A 279 24.04 14.36 8.88
C CYS A 279 22.85 13.48 9.29
N ILE A 280 23.10 12.51 10.17
CA ILE A 280 22.05 11.62 10.62
C ILE A 280 21.80 11.73 12.12
N ASN A 281 20.53 11.83 12.49
CA ASN A 281 20.12 11.93 13.88
C ASN A 281 19.05 10.87 14.12
N ILE A 282 19.44 9.79 14.79
CA ILE A 282 18.52 8.69 15.06
C ILE A 282 17.99 8.66 16.49
N SER A 283 16.78 8.15 16.64
CA SER A 283 16.13 8.05 17.94
C SER A 283 15.36 6.74 18.04
N ILE A 284 15.92 5.78 18.77
CA ILE A 284 15.27 4.48 18.94
C ILE A 284 14.76 4.29 20.37
N SER A 285 13.46 4.03 20.50
CA SER A 285 12.85 3.83 21.81
C SER A 285 11.99 2.57 21.84
N GLN A 286 12.08 1.84 22.95
CA GLN A 286 11.31 0.61 23.14
C GLN A 286 10.36 0.76 24.32
N SER A 287 9.07 0.89 24.02
CA SER A 287 8.05 1.04 25.05
C SER A 287 8.04 -0.18 25.99
N SER A 288 7.62 0.05 27.23
CA SER A 288 7.55 -1.02 28.21
C SER A 288 6.64 -2.13 27.71
N ASP A 289 5.86 -1.83 26.69
CA ASP A 289 4.94 -2.78 26.10
C ASP A 289 5.70 -3.81 25.27
N GLY A 290 6.88 -3.42 24.81
CA GLY A 290 7.70 -4.31 24.01
C GLY A 290 7.95 -3.78 22.61
N ASN A 291 7.04 -2.94 22.13
CA ASN A 291 7.16 -2.35 20.80
C ASN A 291 8.47 -1.58 20.63
N ILE A 292 9.02 -1.65 19.42
CA ILE A 292 10.26 -0.95 19.11
C ILE A 292 10.01 0.06 17.99
N TYR A 293 10.22 1.33 18.30
CA TYR A 293 10.00 2.40 17.32
C TYR A 293 11.33 3.04 16.94
N VAL A 294 11.57 3.19 15.65
CA VAL A 294 12.82 3.78 15.16
C VAL A 294 12.55 5.01 14.30
N THR A 295 13.07 6.16 14.75
CA THR A 295 12.90 7.41 14.03
C THR A 295 14.26 7.95 13.60
N SER A 296 14.54 7.90 12.31
CA SER A 296 15.81 8.37 11.78
C SER A 296 15.67 9.45 10.72
N HIS A 297 15.87 10.71 11.12
CA HIS A 297 15.78 11.84 10.20
C HIS A 297 17.17 12.29 9.76
N THR A 298 17.33 12.46 8.45
CA THR A 298 18.60 12.89 7.88
C THR A 298 18.58 14.39 7.58
N GLY A 299 19.74 15.03 7.67
CA GLY A 299 19.81 16.46 7.40
C GLY A 299 20.59 16.78 6.14
N VAL A 300 20.14 17.80 5.42
CA VAL A 300 20.80 18.22 4.19
C VAL A 300 20.51 19.69 3.88
N LEU A 301 21.57 20.44 3.59
CA LEU A 301 21.45 21.86 3.28
C LEU A 301 20.65 22.03 1.99
N ILE A 302 19.70 22.97 2.00
CA ILE A 302 18.86 23.23 0.84
C ILE A 302 18.63 24.72 0.64
N MET A 303 18.54 25.13 -0.63
CA MET A 303 18.31 26.54 -0.96
C MET A 303 16.83 26.89 -0.88
N ALA A 304 16.54 28.03 -0.26
CA ALA A 304 15.17 28.49 -0.11
C ALA A 304 14.51 28.66 -1.47
N PRO A 305 13.17 28.77 -1.51
CA PRO A 305 12.43 28.93 -2.77
C PRO A 305 12.82 30.21 -3.52
N GLU A 306 12.20 30.41 -4.68
CA GLU A 306 12.49 31.59 -5.49
C GLU A 306 12.25 32.95 -4.85
N ASP A 307 11.11 33.10 -4.18
CA ASP A 307 10.75 34.35 -3.52
C ASP A 307 11.78 34.84 -2.50
N ARG A 308 12.48 33.92 -1.86
CA ARG A 308 13.48 34.28 -0.85
C ARG A 308 14.89 33.90 -1.30
N PRO A 309 15.56 34.80 -2.05
CA PRO A 309 16.92 34.58 -2.56
C PRO A 309 18.08 34.59 -1.57
N ASN A 310 19.11 33.80 -1.89
CA ASN A 310 20.32 33.67 -1.10
C ASN A 310 20.07 33.35 0.37
N GLU A 311 19.02 32.58 0.64
CA GLU A 311 18.72 32.20 2.02
C GLU A 311 18.80 30.68 2.13
N MET A 312 19.86 30.20 2.77
CA MET A 312 20.07 28.76 2.93
C MET A 312 19.46 28.17 4.19
N GLY A 313 19.09 26.90 4.11
CA GLY A 313 18.51 26.21 5.24
C GLY A 313 18.88 24.74 5.22
N MET A 314 18.10 23.92 5.92
CA MET A 314 18.37 22.48 5.98
C MET A 314 17.09 21.66 5.89
N LEU A 315 17.10 20.66 5.02
CA LEU A 315 15.94 19.78 4.84
C LEU A 315 16.08 18.62 5.83
N THR A 316 14.99 18.26 6.48
CA THR A 316 15.02 17.17 7.45
C THR A 316 14.12 16.02 7.03
N ASN A 317 14.65 15.12 6.20
CA ASN A 317 13.90 13.97 5.73
C ASN A 317 13.79 12.92 6.84
N ARG A 318 12.63 12.89 7.50
CA ARG A 318 12.38 11.96 8.58
C ARG A 318 11.77 10.64 8.09
N THR A 319 12.13 9.57 8.78
CA THR A 319 11.62 8.24 8.44
C THR A 319 11.38 7.45 9.73
N SER A 320 10.11 7.27 10.07
CA SER A 320 9.74 6.54 11.28
C SER A 320 9.03 5.23 10.95
N TYR A 321 9.30 4.20 11.76
CA TYR A 321 8.69 2.90 11.56
C TYR A 321 8.81 2.02 12.81
N GLU A 322 8.10 0.90 12.81
CA GLU A 322 8.11 -0.01 13.95
C GLU A 322 8.87 -1.29 13.61
N VAL A 323 9.41 -1.93 14.65
CA VAL A 323 10.16 -3.18 14.48
C VAL A 323 9.35 -4.35 15.04
N PRO A 324 8.66 -5.09 14.16
CA PRO A 324 7.84 -6.24 14.56
C PRO A 324 8.65 -7.13 15.50
N GLN A 325 8.00 -7.67 16.52
CA GLN A 325 8.66 -8.52 17.50
C GLN A 325 8.98 -9.84 16.80
N GLY A 326 10.19 -9.95 16.28
CA GLY A 326 10.62 -11.15 15.59
C GLY A 326 11.53 -10.86 14.42
N VAL A 327 11.30 -9.73 13.76
CA VAL A 327 12.11 -9.33 12.62
C VAL A 327 13.59 -9.37 12.95
N LYS A 328 14.31 -10.29 12.31
CA LYS A 328 15.74 -10.43 12.55
C LYS A 328 16.56 -9.65 11.53
N CYS A 329 17.76 -9.23 11.93
CA CYS A 329 18.64 -8.45 11.08
C CYS A 329 19.15 -9.17 9.83
N THR A 330 18.27 -9.35 8.85
CA THR A 330 18.64 -9.99 7.60
C THR A 330 18.06 -9.15 6.45
N ILE A 331 18.89 -8.89 5.45
CA ILE A 331 18.50 -8.09 4.30
C ILE A 331 17.09 -8.43 3.79
N ASP A 332 16.69 -9.67 3.99
CA ASP A 332 15.37 -10.13 3.54
C ASP A 332 14.15 -9.76 4.38
N GLU A 333 14.14 -10.15 5.65
CA GLU A 333 13.02 -9.86 6.55
C GLU A 333 12.79 -8.35 6.64
N MET A 334 13.88 -7.58 6.72
CA MET A 334 13.79 -6.13 6.81
C MET A 334 12.91 -5.53 5.72
N VAL A 335 12.91 -6.14 4.54
CA VAL A 335 12.14 -5.65 3.41
C VAL A 335 10.68 -6.08 3.43
N ARG A 336 10.42 -7.29 3.89
CA ARG A 336 9.07 -7.83 3.93
C ARG A 336 8.26 -7.31 5.12
N ALA A 337 8.91 -7.13 6.26
CA ALA A 337 8.20 -6.74 7.49
C ALA A 337 7.93 -5.24 7.72
N LEU A 338 8.95 -4.42 7.52
CA LEU A 338 8.93 -3.02 7.95
C LEU A 338 8.17 -2.12 6.98
N GLN A 339 7.43 -1.16 7.53
CA GLN A 339 6.63 -0.22 6.74
C GLN A 339 6.92 1.21 7.21
N PRO A 340 8.01 1.81 6.71
CA PRO A 340 8.44 3.17 7.05
C PRO A 340 7.56 4.31 6.54
N ARG A 341 7.42 5.35 7.36
CA ARG A 341 6.65 6.53 7.00
C ARG A 341 7.65 7.64 6.71
N TYR A 342 7.61 8.19 5.50
CA TYR A 342 8.54 9.24 5.11
C TYR A 342 7.96 10.65 5.08
N ALA A 343 8.67 11.58 5.71
CA ALA A 343 8.24 12.97 5.77
C ALA A 343 9.42 13.90 6.07
N ALA A 344 9.53 14.97 5.31
CA ALA A 344 10.62 15.93 5.50
C ALA A 344 10.08 17.32 5.82
N SER A 345 11.00 18.26 6.03
CA SER A 345 10.65 19.63 6.35
C SER A 345 11.85 20.55 6.13
N GLU A 346 11.60 21.74 5.60
CA GLU A 346 12.67 22.70 5.35
C GLU A 346 12.79 23.70 6.48
N THR A 347 14.01 23.92 6.95
CA THR A 347 14.25 24.86 8.04
C THR A 347 15.26 25.90 7.58
N TYR A 348 14.91 27.18 7.71
CA TYR A 348 15.80 28.25 7.29
C TYR A 348 16.27 29.13 8.43
N LEU A 349 17.55 29.50 8.39
CA LEU A 349 18.17 30.34 9.41
C LEU A 349 17.40 31.61 9.68
N GLN A 350 17.62 32.19 10.85
CA GLN A 350 16.96 33.42 11.25
C GLN A 350 17.85 34.59 10.84
N ASN A 351 17.73 35.02 9.59
CA ASN A 351 18.53 36.13 9.08
C ASN A 351 17.68 37.09 8.26
N PRO B 1 35.74 36.34 -15.99
CA PRO B 1 36.20 34.95 -16.25
C PRO B 1 37.69 34.79 -15.99
N GLU B 2 38.04 34.38 -14.78
CA GLU B 2 39.44 34.18 -14.42
C GLU B 2 39.88 32.76 -14.77
N TYR B 3 38.94 31.96 -15.25
CA TYR B 3 39.23 30.58 -15.63
C TYR B 3 39.14 30.38 -17.14
N ASP B 4 39.94 29.45 -17.64
CA ASP B 4 39.97 29.15 -19.08
C ASP B 4 38.98 28.05 -19.45
N TYR B 5 38.70 27.17 -18.50
CA TYR B 5 37.77 26.06 -18.75
C TYR B 5 36.80 25.85 -17.59
N LEU B 6 35.68 25.19 -17.89
CA LEU B 6 34.65 24.89 -16.90
C LEU B 6 34.21 23.52 -17.40
N PHE B 7 34.54 22.48 -16.63
CA PHE B 7 34.20 21.12 -16.99
C PHE B 7 33.38 20.58 -15.83
N LYS B 8 32.44 19.69 -16.14
CA LYS B 8 31.59 19.07 -15.13
C LYS B 8 31.76 17.56 -15.18
N LEU B 9 32.31 16.99 -14.12
CA LEU B 9 32.54 15.55 -14.04
C LEU B 9 31.53 14.89 -13.11
N LEU B 10 31.00 13.74 -13.53
CA LEU B 10 30.03 13.00 -12.73
C LEU B 10 30.60 11.63 -12.36
N LEU B 11 30.39 11.22 -11.12
CA LEU B 11 30.88 9.93 -10.64
C LEU B 11 29.73 8.98 -10.32
N ILE B 12 29.63 7.91 -11.11
CA ILE B 12 28.56 6.93 -10.92
C ILE B 12 29.15 5.54 -10.71
N GLY B 13 28.39 4.68 -10.03
CA GLY B 13 28.84 3.33 -9.76
C GLY B 13 28.19 2.76 -8.53
N ASP B 14 28.32 1.44 -8.33
CA ASP B 14 27.73 0.78 -7.18
C ASP B 14 28.05 1.53 -5.88
N SER B 15 27.10 1.48 -4.94
CA SER B 15 27.26 2.16 -3.67
C SER B 15 28.18 1.39 -2.73
N GLY B 16 29.17 2.08 -2.17
CA GLY B 16 30.10 1.44 -1.26
C GLY B 16 31.51 1.28 -1.81
N VAL B 17 31.68 1.56 -3.10
CA VAL B 17 32.97 1.37 -3.76
C VAL B 17 33.80 2.66 -3.91
N GLY B 18 33.68 3.58 -2.96
CA GLY B 18 34.53 4.76 -2.92
C GLY B 18 34.52 5.72 -4.10
N LYS B 19 33.38 6.34 -4.35
CA LYS B 19 33.26 7.49 -5.24
C LYS B 19 33.50 8.80 -4.51
N SER B 20 33.39 8.79 -3.19
CA SER B 20 33.60 9.98 -2.39
C SER B 20 35.07 10.07 -1.98
N CYS B 21 35.64 8.94 -1.58
CA CYS B 21 37.03 8.88 -1.16
C CYS B 21 37.93 9.32 -2.30
N LEU B 22 37.50 9.06 -3.54
CA LEU B 22 38.28 9.44 -4.72
C LEU B 22 38.01 10.90 -5.09
N LEU B 23 36.91 11.44 -4.58
CA LEU B 23 36.54 12.83 -4.87
C LEU B 23 37.12 13.76 -3.82
N LEU B 24 37.41 13.23 -2.64
CA LEU B 24 37.96 14.02 -1.54
C LEU B 24 39.48 14.06 -1.61
N ARG B 25 40.10 12.93 -1.90
CA ARG B 25 41.55 12.84 -2.01
C ARG B 25 42.05 13.69 -3.18
N PHE B 26 41.18 13.88 -4.17
CA PHE B 26 41.52 14.66 -5.35
C PHE B 26 41.26 16.16 -5.16
N ALA B 27 40.27 16.49 -4.32
CA ALA B 27 39.91 17.87 -4.07
C ALA B 27 40.59 18.38 -2.81
N ASP B 28 40.71 17.54 -1.79
CA ASP B 28 41.28 17.96 -0.50
C ASP B 28 42.51 17.19 0.01
N ASP B 29 42.96 16.19 -0.72
CA ASP B 29 44.10 15.39 -0.29
C ASP B 29 43.91 14.87 1.12
N THR B 30 42.86 14.06 1.30
CA THR B 30 42.54 13.47 2.59
C THR B 30 41.73 12.19 2.44
N TYR B 31 41.57 11.45 3.53
CA TYR B 31 40.82 10.20 3.50
C TYR B 31 40.45 9.84 4.94
N THR B 32 39.18 9.54 5.16
CA THR B 32 38.68 9.17 6.49
C THR B 32 37.25 8.64 6.34
N GLU B 33 36.82 7.83 7.30
CA GLU B 33 35.47 7.27 7.28
C GLU B 33 34.54 8.04 8.22
N SER B 34 35.03 9.16 8.74
CA SER B 34 34.24 9.98 9.65
C SER B 34 33.06 10.63 8.94
N TYR B 35 32.87 10.28 7.67
CA TYR B 35 31.78 10.82 6.87
C TYR B 35 30.69 9.78 6.68
N ILE B 36 29.44 10.23 6.64
CA ILE B 36 28.32 9.32 6.44
C ILE B 36 28.03 9.15 4.95
N SER B 37 27.36 8.06 4.60
CA SER B 37 27.03 7.78 3.21
C SER B 37 26.42 9.02 2.56
N THR B 38 26.83 9.31 1.33
CA THR B 38 26.32 10.47 0.61
C THR B 38 24.83 10.29 0.30
N ILE B 39 24.06 11.34 0.61
CA ILE B 39 22.62 11.31 0.38
C ILE B 39 22.25 12.17 -0.82
N GLY B 40 22.10 11.54 -1.98
CA GLY B 40 21.74 12.26 -3.18
C GLY B 40 22.93 12.64 -4.02
N VAL B 41 23.15 13.94 -4.20
CA VAL B 41 24.26 14.44 -5.00
C VAL B 41 25.13 15.41 -4.22
N ASP B 42 26.44 15.16 -4.23
CA ASP B 42 27.40 16.01 -3.54
C ASP B 42 28.08 16.88 -4.60
N PHE B 43 28.60 18.03 -4.19
CA PHE B 43 29.25 18.94 -5.12
C PHE B 43 30.54 19.53 -4.58
N LYS B 44 31.65 19.23 -5.25
CA LYS B 44 32.96 19.73 -4.83
C LYS B 44 33.67 20.40 -6.00
N ILE B 45 34.73 21.14 -5.71
CA ILE B 45 35.48 21.84 -6.74
C ILE B 45 37.00 21.73 -6.54
N ARG B 46 37.73 21.62 -7.63
CA ARG B 46 39.18 21.51 -7.59
C ARG B 46 39.76 22.03 -8.91
N THR B 47 40.45 23.16 -8.85
CA THR B 47 41.05 23.76 -10.03
C THR B 47 42.46 23.22 -10.26
N ILE B 48 42.76 22.85 -11.50
CA ILE B 48 44.07 22.31 -11.84
C ILE B 48 44.77 23.15 -12.91
N GLU B 49 45.96 22.72 -13.29
CA GLU B 49 46.74 23.41 -14.31
C GLU B 49 47.37 22.42 -15.28
N LEU B 50 46.86 22.39 -16.50
CA LEU B 50 47.38 21.47 -17.52
C LEU B 50 47.37 22.18 -18.86
N ASP B 51 48.49 22.09 -19.59
CA ASP B 51 48.64 22.74 -20.89
C ASP B 51 48.59 24.26 -20.75
N GLY B 52 49.00 24.76 -19.59
CA GLY B 52 49.01 26.19 -19.35
C GLY B 52 47.63 26.81 -19.47
N LYS B 53 46.65 26.18 -18.82
CA LYS B 53 45.27 26.66 -18.84
C LYS B 53 44.61 26.49 -17.49
N THR B 54 43.80 27.46 -17.10
CA THR B 54 43.09 27.41 -15.82
C THR B 54 41.88 26.50 -15.99
N ILE B 55 42.03 25.24 -15.61
CA ILE B 55 40.96 24.26 -15.74
C ILE B 55 40.15 24.09 -14.45
N LYS B 56 39.19 24.98 -14.23
CA LYS B 56 38.35 24.90 -13.05
C LYS B 56 37.42 23.70 -13.21
N LEU B 57 37.31 22.89 -12.16
CA LEU B 57 36.45 21.72 -12.22
C LEU B 57 35.21 21.82 -11.35
N GLN B 58 34.20 21.05 -11.72
CA GLN B 58 32.93 21.00 -10.99
C GLN B 58 32.47 19.55 -10.93
N ILE B 59 33.04 18.81 -9.98
CA ILE B 59 32.70 17.39 -9.81
C ILE B 59 31.40 17.18 -9.05
N TRP B 60 30.53 16.35 -9.62
CA TRP B 60 29.25 16.04 -8.99
C TRP B 60 29.22 14.58 -8.57
N ASP B 61 29.04 14.35 -7.27
CA ASP B 61 29.00 13.01 -6.73
C ASP B 61 27.56 12.55 -6.56
N THR B 62 27.30 11.27 -6.80
CA THR B 62 25.95 10.72 -6.69
C THR B 62 25.92 9.41 -5.94
N ALA B 63 24.82 9.17 -5.23
CA ALA B 63 24.65 7.93 -4.47
C ALA B 63 24.66 6.74 -5.43
N GLY B 64 24.68 5.54 -4.87
CA GLY B 64 24.70 4.34 -5.71
C GLY B 64 23.48 3.46 -5.59
N GLN B 65 22.83 3.47 -4.43
CA GLN B 65 21.65 2.64 -4.22
C GLN B 65 20.70 2.74 -5.41
N GLU B 66 20.24 1.58 -5.89
CA GLU B 66 19.33 1.50 -7.02
C GLU B 66 18.19 2.51 -6.98
N ARG B 67 17.73 2.85 -5.77
CA ARG B 67 16.64 3.79 -5.62
C ARG B 67 16.98 5.20 -6.06
N PHE B 68 18.26 5.58 -5.95
CA PHE B 68 18.70 6.90 -6.35
C PHE B 68 18.95 6.98 -7.86
N ARG B 69 18.53 5.96 -8.58
CA ARG B 69 18.71 5.91 -10.03
C ARG B 69 17.89 7.01 -10.72
N THR B 70 16.59 7.02 -10.47
CA THR B 70 15.69 8.00 -11.06
C THR B 70 16.07 9.44 -10.77
N ILE B 71 16.51 9.70 -9.54
CA ILE B 71 16.89 11.05 -9.13
C ILE B 71 18.25 11.49 -9.68
N THR B 72 19.13 10.53 -9.94
CA THR B 72 20.46 10.85 -10.46
C THR B 72 20.46 11.16 -11.95
N SER B 73 19.48 10.64 -12.68
CA SER B 73 19.38 10.86 -14.12
C SER B 73 19.34 12.34 -14.47
N SER B 74 18.81 13.16 -13.57
CA SER B 74 18.70 14.60 -13.78
C SER B 74 20.06 15.30 -13.64
N TYR B 75 21.14 14.54 -13.74
CA TYR B 75 22.48 15.10 -13.61
C TYR B 75 23.40 14.70 -14.76
N TYR B 76 22.99 13.69 -15.52
CA TYR B 76 23.79 13.22 -16.66
C TYR B 76 23.76 14.17 -17.84
N ARG B 77 22.93 15.21 -17.75
CA ARG B 77 22.79 16.19 -18.82
C ARG B 77 23.96 16.97 -19.41
N GLY B 78 24.56 17.84 -18.60
CA GLY B 78 25.66 18.68 -19.06
C GLY B 78 26.90 18.03 -18.50
N ALA B 79 27.08 16.74 -18.76
CA ALA B 79 28.24 16.01 -18.25
C ALA B 79 29.34 15.94 -19.31
N HIS B 80 30.52 16.43 -18.94
CA HIS B 80 31.67 16.43 -19.84
C HIS B 80 32.48 15.14 -19.64
N GLY B 81 32.13 14.40 -18.59
CA GLY B 81 32.82 13.16 -18.30
C GLY B 81 32.05 12.32 -17.29
N ILE B 82 32.32 11.02 -17.27
CA ILE B 82 31.64 10.12 -16.35
C ILE B 82 32.58 9.01 -15.89
N ILE B 83 33.07 9.13 -14.65
CA ILE B 83 33.98 8.15 -14.08
C ILE B 83 33.22 7.01 -13.40
N VAL B 84 32.88 5.98 -14.17
CA VAL B 84 32.17 4.84 -13.64
C VAL B 84 33.12 4.04 -12.75
N VAL B 85 33.07 4.31 -11.45
CA VAL B 85 33.94 3.64 -10.48
C VAL B 85 33.35 2.31 -10.02
N TYR B 86 34.22 1.34 -9.78
CA TYR B 86 33.81 0.01 -9.32
C TYR B 86 34.84 -0.50 -8.33
N ASP B 87 34.40 -1.30 -7.37
CA ASP B 87 35.30 -1.84 -6.36
C ASP B 87 36.00 -3.09 -6.92
N VAL B 88 37.33 -3.05 -6.93
CA VAL B 88 38.11 -4.18 -7.44
C VAL B 88 38.20 -5.31 -6.43
N THR B 89 37.45 -5.20 -5.33
CA THR B 89 37.46 -6.23 -4.30
C THR B 89 36.09 -6.90 -4.21
N ASP B 90 35.09 -6.26 -4.82
CA ASP B 90 33.73 -6.80 -4.82
C ASP B 90 33.32 -7.15 -6.24
N GLN B 91 33.32 -8.44 -6.54
CA GLN B 91 32.96 -8.93 -7.87
C GLN B 91 31.67 -8.32 -8.39
N GLU B 92 30.66 -8.23 -7.53
CA GLU B 92 29.36 -7.66 -7.90
C GLU B 92 29.53 -6.30 -8.58
N SER B 93 30.20 -5.38 -7.89
CA SER B 93 30.42 -4.03 -8.40
C SER B 93 31.16 -4.02 -9.73
N PHE B 94 31.83 -5.14 -10.05
CA PHE B 94 32.57 -5.24 -11.30
C PHE B 94 31.67 -5.59 -12.48
N ASN B 95 30.62 -6.35 -12.19
CA ASN B 95 29.68 -6.77 -13.23
C ASN B 95 28.75 -5.62 -13.61
N ASN B 96 28.26 -4.92 -12.60
CA ASN B 96 27.35 -3.79 -12.80
C ASN B 96 27.98 -2.65 -13.58
N VAL B 97 29.31 -2.66 -13.70
CA VAL B 97 30.02 -1.61 -14.44
C VAL B 97 29.45 -1.49 -15.85
N LYS B 98 28.86 -2.57 -16.33
CA LYS B 98 28.27 -2.60 -17.67
C LYS B 98 26.92 -1.89 -17.64
N GLN B 99 26.17 -2.10 -16.56
CA GLN B 99 24.86 -1.48 -16.40
C GLN B 99 24.96 0.02 -16.22
N TRP B 100 25.95 0.48 -15.46
CA TRP B 100 26.13 1.91 -15.24
C TRP B 100 26.47 2.60 -16.57
N LEU B 101 27.06 1.83 -17.48
CA LEU B 101 27.42 2.36 -18.79
C LEU B 101 26.17 2.56 -19.63
N GLN B 102 25.19 1.68 -19.44
CA GLN B 102 23.93 1.76 -20.17
C GLN B 102 23.19 3.02 -19.75
N GLU B 103 23.09 3.22 -18.43
CA GLU B 103 22.42 4.39 -17.88
C GLU B 103 22.98 5.65 -18.54
N ILE B 104 24.29 5.64 -18.76
CA ILE B 104 24.99 6.76 -19.38
C ILE B 104 24.45 7.06 -20.78
N ASP B 105 24.24 6.01 -21.57
CA ASP B 105 23.73 6.17 -22.93
C ASP B 105 22.32 6.77 -22.95
N ARG B 106 21.44 6.23 -22.11
CA ARG B 106 20.06 6.68 -22.04
C ARG B 106 19.98 8.14 -21.60
N TYR B 107 20.84 8.53 -20.66
CA TYR B 107 20.82 9.91 -20.17
C TYR B 107 21.92 10.93 -20.45
N ALA B 108 23.17 10.48 -20.41
CA ALA B 108 24.32 11.36 -20.65
C ALA B 108 24.46 11.54 -22.16
N SER B 109 25.14 12.61 -22.56
CA SER B 109 25.35 12.91 -23.97
C SER B 109 26.15 11.83 -24.72
N GLU B 110 25.74 11.58 -25.96
CA GLU B 110 26.38 10.58 -26.80
C GLU B 110 27.91 10.66 -26.82
N ASN B 111 28.44 11.87 -26.70
CA ASN B 111 29.89 12.07 -26.71
C ASN B 111 30.51 12.32 -25.34
N VAL B 112 29.99 11.66 -24.32
CA VAL B 112 30.53 11.80 -22.96
C VAL B 112 31.81 11.00 -22.81
N ASN B 113 32.83 11.64 -22.24
CA ASN B 113 34.11 10.98 -22.02
C ASN B 113 34.01 9.92 -20.92
N LYS B 114 33.95 8.66 -21.32
CA LYS B 114 33.86 7.55 -20.37
C LYS B 114 35.24 7.16 -19.85
N LEU B 115 35.39 7.21 -18.53
CA LEU B 115 36.66 6.85 -17.91
C LEU B 115 36.44 5.85 -16.78
N LEU B 116 36.88 4.61 -17.00
CA LEU B 116 36.73 3.54 -16.03
C LEU B 116 37.78 3.65 -14.92
N VAL B 117 37.42 3.18 -13.72
CA VAL B 117 38.32 3.22 -12.58
C VAL B 117 38.09 2.06 -11.62
N GLY B 118 39.19 1.42 -11.21
CA GLY B 118 39.10 0.32 -10.27
C GLY B 118 39.77 0.89 -9.05
N ASN B 119 38.98 1.20 -8.03
CA ASN B 119 39.49 1.80 -6.80
C ASN B 119 39.65 0.69 -5.77
N LYS B 120 40.30 1.02 -4.66
CA LYS B 120 40.54 0.09 -3.56
C LYS B 120 41.39 -1.09 -4.02
N CYS B 121 42.61 -0.78 -4.48
CA CYS B 121 43.54 -1.81 -4.95
C CYS B 121 44.56 -2.18 -3.88
N ASP B 122 44.65 -1.35 -2.84
CA ASP B 122 45.58 -1.61 -1.75
C ASP B 122 45.30 -2.95 -1.08
N LEU B 123 44.02 -3.28 -0.97
CA LEU B 123 43.61 -4.54 -0.36
C LEU B 123 43.69 -5.67 -1.39
N THR B 124 44.91 -5.92 -1.87
CA THR B 124 45.14 -6.97 -2.86
C THR B 124 44.79 -8.36 -2.34
N THR B 125 44.92 -8.55 -1.03
CA THR B 125 44.62 -9.85 -0.42
C THR B 125 43.17 -10.24 -0.64
N LYS B 126 42.28 -9.25 -0.59
CA LYS B 126 40.85 -9.49 -0.79
C LYS B 126 40.37 -8.96 -2.13
N LYS B 127 41.27 -8.92 -3.11
CA LYS B 127 40.94 -8.43 -4.45
C LYS B 127 40.45 -9.59 -5.31
N VAL B 128 39.61 -9.28 -6.30
CA VAL B 128 39.08 -10.30 -7.19
C VAL B 128 39.22 -10.02 -8.68
N VAL B 129 39.47 -8.75 -9.02
CA VAL B 129 39.62 -8.35 -10.41
C VAL B 129 41.01 -8.05 -10.98
N ASP B 130 41.56 -9.00 -11.73
CA ASP B 130 42.88 -8.85 -12.33
C ASP B 130 42.93 -7.66 -13.28
N TYR B 131 44.04 -6.92 -13.23
CA TYR B 131 44.24 -5.75 -14.08
C TYR B 131 43.91 -6.09 -15.53
N THR B 132 44.08 -7.35 -15.89
CA THR B 132 43.82 -7.82 -17.24
C THR B 132 42.34 -8.05 -17.52
N THR B 133 41.65 -8.67 -16.58
CA THR B 133 40.23 -8.96 -16.74
C THR B 133 39.44 -7.67 -17.04
N ALA B 134 39.67 -6.66 -16.21
CA ALA B 134 38.99 -5.38 -16.38
C ALA B 134 39.45 -4.66 -17.65
N LYS B 135 40.75 -4.45 -17.76
CA LYS B 135 41.35 -3.78 -18.92
C LYS B 135 40.76 -4.35 -20.22
N GLU B 136 40.33 -5.60 -20.17
CA GLU B 136 39.75 -6.25 -21.33
C GLU B 136 38.46 -5.58 -21.79
N PHE B 137 37.48 -5.49 -20.90
CA PHE B 137 36.21 -4.87 -21.23
C PHE B 137 36.46 -3.39 -21.50
N ALA B 138 37.38 -2.81 -20.74
CA ALA B 138 37.73 -1.40 -20.90
C ALA B 138 38.30 -1.04 -22.26
N ASP B 139 39.39 -1.71 -22.63
CA ASP B 139 40.04 -1.48 -23.92
C ASP B 139 39.14 -1.91 -25.07
N SER B 140 38.16 -2.75 -24.76
CA SER B 140 37.23 -3.24 -25.78
C SER B 140 36.30 -2.13 -26.23
N LEU B 141 36.14 -1.12 -25.37
CA LEU B 141 35.27 0.02 -25.69
C LEU B 141 35.91 1.39 -25.78
N GLY B 142 37.24 1.43 -25.61
CA GLY B 142 37.95 2.70 -25.67
C GLY B 142 37.85 3.45 -24.36
N ILE B 143 37.91 2.71 -23.26
CA ILE B 143 37.83 3.30 -21.93
C ILE B 143 39.17 3.19 -21.21
N PRO B 144 39.84 4.33 -20.99
CA PRO B 144 41.14 4.35 -20.31
C PRO B 144 41.03 3.89 -18.86
N PHE B 145 41.08 2.58 -18.66
CA PHE B 145 40.98 1.98 -17.32
C PHE B 145 42.29 2.09 -16.55
N LEU B 146 42.19 2.49 -15.28
CA LEU B 146 43.36 2.62 -14.43
C LEU B 146 43.00 2.18 -13.00
N GLU B 147 43.91 1.47 -12.36
CA GLU B 147 43.69 1.02 -10.99
C GLU B 147 44.17 2.10 -10.02
N THR B 148 43.26 2.61 -9.20
CA THR B 148 43.58 3.66 -8.25
C THR B 148 43.24 3.28 -6.81
N SER B 149 43.58 4.18 -5.89
CA SER B 149 43.32 3.97 -4.48
C SER B 149 43.30 5.33 -3.78
N ALA B 150 42.18 5.65 -3.14
CA ALA B 150 42.03 6.92 -2.45
C ALA B 150 42.72 6.92 -1.09
N LYS B 151 43.28 5.77 -0.72
CA LYS B 151 43.97 5.64 0.56
C LYS B 151 45.47 5.85 0.39
N ASN B 152 46.04 5.21 -0.62
CA ASN B 152 47.48 5.33 -0.90
C ASN B 152 47.70 6.49 -1.86
N ALA B 153 46.61 7.06 -2.36
CA ALA B 153 46.66 8.17 -3.29
C ALA B 153 47.25 7.72 -4.63
N THR B 154 47.18 6.42 -4.88
CA THR B 154 47.71 5.84 -6.11
C THR B 154 46.87 6.24 -7.32
N ASN B 155 47.51 6.84 -8.31
CA ASN B 155 46.84 7.28 -9.53
C ASN B 155 45.62 8.16 -9.29
N VAL B 156 45.48 8.67 -8.07
CA VAL B 156 44.36 9.54 -7.75
C VAL B 156 44.46 10.81 -8.58
N GLU B 157 45.67 11.34 -8.68
CA GLU B 157 45.94 12.56 -9.45
C GLU B 157 46.01 12.21 -10.92
N GLN B 158 46.66 11.09 -11.23
CA GLN B 158 46.83 10.62 -12.60
C GLN B 158 45.51 10.28 -13.26
N SER B 159 44.86 9.23 -12.77
CA SER B 159 43.59 8.76 -13.32
C SER B 159 42.50 9.82 -13.35
N PHE B 160 42.74 10.96 -12.68
CA PHE B 160 41.75 12.03 -12.67
C PHE B 160 42.05 13.06 -13.75
N MET B 161 43.31 13.41 -13.90
CA MET B 161 43.73 14.38 -14.91
C MET B 161 43.53 13.78 -16.30
N THR B 162 43.48 12.45 -16.35
CA THR B 162 43.29 11.73 -17.60
C THR B 162 42.03 12.22 -18.31
N MET B 163 41.02 12.56 -17.51
CA MET B 163 39.76 13.05 -18.04
C MET B 163 39.90 14.52 -18.42
N ALA B 164 40.70 15.25 -17.64
CA ALA B 164 40.93 16.66 -17.87
C ALA B 164 41.57 16.91 -19.23
N ALA B 165 42.28 15.91 -19.74
CA ALA B 165 42.94 16.02 -21.04
C ALA B 165 42.08 15.38 -22.12
N GLU B 166 41.52 14.21 -21.81
CA GLU B 166 40.67 13.49 -22.75
C GLU B 166 39.54 14.40 -23.23
N ILE B 167 39.17 15.35 -22.39
CA ILE B 167 38.10 16.30 -22.70
C ILE B 167 38.60 17.48 -23.52
N LYS B 168 39.83 17.91 -23.26
CA LYS B 168 40.42 19.04 -23.96
C LYS B 168 40.63 18.71 -25.43
N LYS B 169 40.47 17.44 -25.77
CA LYS B 169 40.64 16.98 -27.15
C LYS B 169 39.46 17.43 -28.01
N ARG B 170 38.27 17.32 -27.44
CA ARG B 170 37.05 17.72 -28.15
C ARG B 170 36.91 19.24 -28.17
N MET B 171 37.79 19.92 -27.44
CA MET B 171 37.78 21.38 -27.37
C MET B 171 39.15 21.96 -27.66
N MET C 1 -17.23 34.12 -2.75
CA MET C 1 -17.34 33.38 -4.04
C MET C 1 -16.78 31.96 -3.92
N ARG C 2 -17.55 30.99 -4.38
CA ARG C 2 -17.14 29.59 -4.33
C ARG C 2 -16.45 29.19 -5.63
N ILE C 3 -15.12 29.23 -5.62
CA ILE C 3 -14.33 28.87 -6.79
C ILE C 3 -13.86 27.42 -6.75
N LEU C 4 -13.84 26.77 -7.91
CA LEU C 4 -13.42 25.39 -8.02
C LEU C 4 -12.21 25.26 -8.94
N MET C 5 -11.07 24.89 -8.38
CA MET C 5 -9.85 24.71 -9.17
C MET C 5 -9.75 23.30 -9.72
N LEU C 6 -9.56 23.19 -11.04
CA LEU C 6 -9.43 21.91 -11.70
C LEU C 6 -8.36 21.95 -12.79
N GLY C 7 -8.00 20.79 -13.30
CA GLY C 7 -6.99 20.72 -14.34
C GLY C 7 -6.18 19.43 -14.22
N LEU C 8 -5.47 19.09 -15.29
CA LEU C 8 -4.66 17.88 -15.30
C LEU C 8 -3.69 17.87 -14.13
N ASP C 9 -3.15 16.70 -13.82
CA ASP C 9 -2.20 16.56 -12.73
C ASP C 9 -0.88 17.26 -13.04
N ALA C 10 -0.17 17.66 -12.00
CA ALA C 10 1.11 18.34 -12.14
C ALA C 10 0.96 19.62 -12.95
N ALA C 11 -0.24 20.15 -13.00
CA ALA C 11 -0.53 21.38 -13.73
C ALA C 11 -0.10 22.59 -12.91
N GLY C 12 -0.16 22.46 -11.59
CA GLY C 12 0.22 23.56 -10.71
C GLY C 12 -0.97 24.23 -10.05
N LYS C 13 -1.90 23.43 -9.55
CA LYS C 13 -3.08 23.98 -8.88
C LYS C 13 -2.82 24.28 -7.41
N THR C 14 -2.39 23.26 -6.66
CA THR C 14 -2.10 23.44 -5.24
C THR C 14 -1.02 24.50 -5.07
N THR C 15 -0.09 24.54 -6.02
CA THR C 15 1.00 25.49 -5.98
C THR C 15 0.42 26.91 -6.02
N ILE C 16 -0.71 27.06 -6.70
CA ILE C 16 -1.38 28.35 -6.83
C ILE C 16 -2.24 28.64 -5.61
N LEU C 17 -3.16 27.73 -5.30
CA LEU C 17 -4.06 27.90 -4.16
C LEU C 17 -3.31 28.38 -2.91
N TYR C 18 -2.26 27.66 -2.54
CA TYR C 18 -1.48 28.00 -1.37
C TYR C 18 -0.45 29.09 -1.63
N LYS C 19 -0.37 29.55 -2.88
CA LYS C 19 0.56 30.61 -3.24
C LYS C 19 -0.07 31.94 -2.84
N LEU C 20 -1.40 31.96 -2.84
CA LEU C 20 -2.15 33.16 -2.47
C LEU C 20 -2.40 33.18 -0.97
N LYS C 21 -2.71 32.01 -0.40
CA LYS C 21 -2.97 31.91 1.03
C LYS C 21 -1.75 32.21 1.89
N LEU C 22 -0.57 32.15 1.29
CA LEU C 22 0.68 32.38 2.02
C LEU C 22 1.57 33.47 1.40
N GLY C 23 1.36 33.78 0.12
CA GLY C 23 2.20 34.74 -0.56
C GLY C 23 3.52 34.14 -0.99
N GLN C 24 4.12 33.35 -0.10
CA GLN C 24 5.39 32.69 -0.38
C GLN C 24 5.14 31.34 -1.05
N SER C 25 6.04 30.95 -1.94
CA SER C 25 5.91 29.69 -2.66
C SER C 25 6.37 28.50 -1.82
N VAL C 26 5.64 27.39 -1.92
CA VAL C 26 5.96 26.18 -1.16
C VAL C 26 6.11 24.97 -2.09
N THR C 27 6.79 23.95 -1.59
CA THR C 27 6.99 22.72 -2.36
C THR C 27 5.77 21.82 -2.28
N THR C 28 4.80 22.08 -3.15
CA THR C 28 3.57 21.31 -3.20
C THR C 28 3.79 19.81 -3.35
N ILE C 29 2.85 19.03 -2.83
CA ILE C 29 2.89 17.58 -2.90
C ILE C 29 1.66 17.08 -3.66
N PRO C 30 1.81 15.97 -4.42
CA PRO C 30 0.70 15.39 -5.18
C PRO C 30 -0.59 15.31 -4.37
N THR C 31 -1.59 16.09 -4.77
CA THR C 31 -2.87 16.09 -4.07
C THR C 31 -3.66 14.82 -4.36
N VAL C 32 -3.90 14.03 -3.33
CA VAL C 32 -4.65 12.79 -3.46
C VAL C 32 -6.11 13.03 -3.08
N GLY C 33 -6.34 14.02 -2.23
CA GLY C 33 -7.68 14.34 -1.80
C GLY C 33 -8.18 15.64 -2.42
N PHE C 34 -8.30 16.67 -1.60
CA PHE C 34 -8.77 17.97 -2.07
C PHE C 34 -8.44 19.08 -1.08
N ASN C 35 -7.75 20.12 -1.55
CA ASN C 35 -7.39 21.24 -0.71
C ASN C 35 -8.39 22.37 -0.88
N VAL C 36 -8.83 22.94 0.23
CA VAL C 36 -9.79 24.04 0.20
C VAL C 36 -9.41 25.15 1.18
N GLU C 37 -9.02 26.30 0.64
CA GLU C 37 -8.64 27.44 1.45
C GLU C 37 -9.52 28.66 1.17
N THR C 38 -9.30 29.72 1.94
CA THR C 38 -10.06 30.96 1.78
C THR C 38 -9.16 32.18 1.72
N VAL C 39 -9.08 32.79 0.55
CA VAL C 39 -8.26 33.98 0.35
C VAL C 39 -9.16 35.19 0.12
N THR C 40 -8.68 36.36 0.53
CA THR C 40 -9.46 37.59 0.37
C THR C 40 -8.65 38.66 -0.35
N TYR C 41 -8.93 38.86 -1.63
CA TYR C 41 -8.23 39.85 -2.42
C TYR C 41 -9.22 40.84 -3.02
N LYS C 42 -8.78 42.09 -3.19
CA LYS C 42 -9.64 43.14 -3.74
C LYS C 42 -10.88 43.34 -2.88
N ASN C 43 -10.71 43.19 -1.58
CA ASN C 43 -11.80 43.35 -0.62
C ASN C 43 -12.92 42.35 -0.90
N VAL C 44 -12.56 41.20 -1.45
CA VAL C 44 -13.52 40.15 -1.79
C VAL C 44 -12.96 38.79 -1.39
N LYS C 45 -13.76 37.99 -0.70
CA LYS C 45 -13.35 36.67 -0.26
C LYS C 45 -13.58 35.58 -1.29
N PHE C 46 -12.56 34.76 -1.51
CA PHE C 46 -12.63 33.66 -2.45
C PHE C 46 -12.57 32.34 -1.69
N ASN C 47 -13.31 31.34 -2.19
CA ASN C 47 -13.33 30.03 -1.55
C ASN C 47 -12.86 28.99 -2.55
N VAL C 48 -11.55 28.89 -2.71
CA VAL C 48 -10.93 27.96 -3.64
C VAL C 48 -11.00 26.51 -3.17
N TRP C 49 -11.28 25.61 -4.11
CA TRP C 49 -11.37 24.18 -3.83
C TRP C 49 -10.49 23.39 -4.78
N ASP C 50 -9.22 23.22 -4.41
CA ASP C 50 -8.27 22.49 -5.23
C ASP C 50 -8.49 20.99 -5.13
N VAL C 51 -8.91 20.38 -6.24
CA VAL C 51 -9.16 18.94 -6.27
C VAL C 51 -8.05 18.24 -7.07
N GLY C 52 -7.63 17.07 -6.58
CA GLY C 52 -6.59 16.33 -7.25
C GLY C 52 -6.87 16.12 -8.72
N GLY C 53 -5.81 15.98 -9.52
CA GLY C 53 -5.98 15.78 -10.94
C GLY C 53 -5.45 14.45 -11.41
N GLN C 54 -5.26 13.52 -10.48
CA GLN C 54 -4.76 12.19 -10.81
C GLN C 54 -5.71 11.48 -11.77
N ASP C 55 -5.14 10.75 -12.71
CA ASP C 55 -5.92 10.02 -13.71
C ASP C 55 -7.01 9.18 -13.05
N LYS C 56 -6.81 8.85 -11.78
CA LYS C 56 -7.77 8.04 -11.03
C LYS C 56 -8.94 8.85 -10.50
N ILE C 57 -8.65 9.84 -9.65
CA ILE C 57 -9.67 10.67 -9.05
C ILE C 57 -10.20 11.78 -9.96
N ARG C 58 -10.21 11.52 -11.27
CA ARG C 58 -10.70 12.49 -12.23
C ARG C 58 -12.23 12.55 -12.19
N PRO C 59 -12.89 11.39 -12.10
CA PRO C 59 -14.36 11.30 -12.05
C PRO C 59 -15.02 11.95 -10.85
N LEU C 60 -14.26 12.20 -9.79
CA LEU C 60 -14.81 12.82 -8.60
C LEU C 60 -14.96 14.33 -8.73
N TRP C 61 -14.67 14.85 -9.92
CA TRP C 61 -14.77 16.27 -10.18
C TRP C 61 -16.23 16.71 -10.27
N ARG C 62 -17.10 15.78 -10.67
CA ARG C 62 -18.52 16.07 -10.80
C ARG C 62 -19.16 16.31 -9.44
N HIS C 63 -18.65 15.63 -8.42
CA HIS C 63 -19.17 15.77 -7.07
C HIS C 63 -18.90 17.16 -6.52
N TYR C 64 -18.32 18.02 -7.37
CA TYR C 64 -18.00 19.39 -6.98
C TYR C 64 -18.61 20.42 -7.94
N TYR C 65 -19.20 19.95 -9.03
CA TYR C 65 -19.81 20.85 -10.00
C TYR C 65 -20.87 21.76 -9.39
N THR C 66 -21.83 21.15 -8.71
CA THR C 66 -22.92 21.90 -8.08
C THR C 66 -22.40 22.92 -7.07
N GLY C 67 -22.98 24.10 -7.08
CA GLY C 67 -22.58 25.14 -6.15
C GLY C 67 -21.28 25.83 -6.55
N THR C 68 -20.91 25.73 -7.82
CA THR C 68 -19.68 26.35 -8.30
C THR C 68 -19.95 27.71 -8.92
N GLN C 69 -19.35 28.75 -8.35
CA GLN C 69 -19.53 30.10 -8.86
C GLN C 69 -18.57 30.38 -10.01
N GLY C 70 -17.40 29.73 -9.97
CA GLY C 70 -16.41 29.92 -11.01
C GLY C 70 -15.48 28.74 -11.16
N LEU C 71 -14.96 28.54 -12.37
CA LEU C 71 -14.04 27.44 -12.65
C LEU C 71 -12.66 27.93 -13.06
N ILE C 72 -11.66 27.60 -12.25
CA ILE C 72 -10.28 27.99 -12.54
C ILE C 72 -9.54 26.77 -13.09
N PHE C 73 -9.50 26.65 -14.41
CA PHE C 73 -8.83 25.53 -15.05
C PHE C 73 -7.36 25.85 -15.29
N VAL C 74 -6.49 25.28 -14.46
CA VAL C 74 -5.05 25.50 -14.59
C VAL C 74 -4.51 24.59 -15.69
N VAL C 75 -3.61 25.11 -16.51
CA VAL C 75 -3.03 24.34 -17.59
C VAL C 75 -1.51 24.50 -17.68
N ASP C 76 -0.82 23.38 -17.86
CA ASP C 76 0.63 23.37 -17.98
C ASP C 76 0.99 23.77 -19.41
N CYS C 77 1.39 25.02 -19.60
CA CYS C 77 1.75 25.53 -20.92
C CYS C 77 2.87 24.77 -21.61
N ALA C 78 3.54 23.88 -20.88
CA ALA C 78 4.62 23.09 -21.45
C ALA C 78 4.36 21.64 -21.81
N ASP C 79 3.40 21.03 -21.10
CA ASP C 79 3.05 19.64 -21.35
C ASP C 79 2.15 19.54 -22.58
N ARG C 80 2.75 19.78 -23.74
CA ARG C 80 2.04 19.74 -25.01
C ARG C 80 1.41 18.36 -25.27
N ASP C 81 2.14 17.32 -24.88
CA ASP C 81 1.67 15.95 -25.08
C ASP C 81 0.29 15.72 -24.45
N ARG C 82 -0.05 16.52 -23.45
CA ARG C 82 -1.34 16.39 -22.77
C ARG C 82 -2.15 17.68 -22.83
N ILE C 83 -1.70 18.62 -23.65
CA ILE C 83 -2.42 19.90 -23.77
C ILE C 83 -3.81 19.64 -24.32
N ASP C 84 -3.94 18.62 -25.16
CA ASP C 84 -5.21 18.25 -25.75
C ASP C 84 -6.06 17.56 -24.69
N GLU C 85 -5.42 16.69 -23.92
CA GLU C 85 -6.10 15.96 -22.86
C GLU C 85 -6.83 16.96 -21.96
N ALA C 86 -6.39 18.22 -22.03
CA ALA C 86 -6.98 19.29 -21.23
C ALA C 86 -8.36 19.68 -21.77
N ARG C 87 -8.42 20.05 -23.04
CA ARG C 87 -9.69 20.44 -23.64
C ARG C 87 -10.71 19.32 -23.49
N GLN C 88 -10.20 18.08 -23.42
CA GLN C 88 -11.05 16.92 -23.26
C GLN C 88 -11.83 17.01 -21.95
N GLU C 89 -11.10 17.25 -20.86
CA GLU C 89 -11.72 17.36 -19.54
C GLU C 89 -12.46 18.70 -19.43
N LEU C 90 -11.80 19.77 -19.84
CA LEU C 90 -12.38 21.10 -19.78
C LEU C 90 -13.78 21.15 -20.39
N HIS C 91 -13.91 20.63 -21.61
CA HIS C 91 -15.19 20.60 -22.29
C HIS C 91 -16.21 19.80 -21.51
N ARG C 92 -15.79 18.61 -21.07
CA ARG C 92 -16.64 17.71 -20.31
C ARG C 92 -17.11 18.37 -19.01
N ILE C 93 -16.35 19.38 -18.56
CA ILE C 93 -16.67 20.09 -17.33
C ILE C 93 -17.67 21.22 -17.57
N ILE C 94 -17.31 22.14 -18.47
CA ILE C 94 -18.17 23.28 -18.78
C ILE C 94 -19.46 22.94 -19.52
N ASN C 95 -19.64 21.67 -19.85
CA ASN C 95 -20.85 21.25 -20.55
C ASN C 95 -21.92 20.80 -19.57
N ASP C 96 -21.55 19.92 -18.65
CA ASP C 96 -22.48 19.40 -17.65
C ASP C 96 -23.31 20.55 -17.08
N ARG C 97 -24.63 20.46 -17.28
CA ARG C 97 -25.56 21.48 -16.81
C ARG C 97 -25.28 22.04 -15.42
N GLU C 98 -24.69 21.22 -14.54
CA GLU C 98 -24.39 21.67 -13.18
C GLU C 98 -23.59 22.97 -13.22
N MET C 99 -22.50 22.96 -13.99
CA MET C 99 -21.64 24.13 -14.12
C MET C 99 -21.84 24.83 -15.46
N ARG C 100 -22.96 24.55 -16.13
CA ARG C 100 -23.24 25.17 -17.41
C ARG C 100 -23.28 26.69 -17.32
N ASP C 101 -23.32 27.21 -16.10
CA ASP C 101 -23.37 28.65 -15.90
C ASP C 101 -22.48 29.20 -14.77
N ALA C 102 -21.25 29.54 -15.14
CA ALA C 102 -20.27 30.08 -14.21
C ALA C 102 -19.15 30.71 -15.01
N ILE C 103 -18.43 31.64 -14.41
CA ILE C 103 -17.37 32.35 -15.13
C ILE C 103 -16.26 31.31 -15.20
N ILE C 104 -15.46 31.38 -16.26
CA ILE C 104 -14.38 30.43 -16.45
C ILE C 104 -13.03 31.11 -16.66
N LEU C 105 -12.12 30.92 -15.70
CA LEU C 105 -10.79 31.51 -15.78
C LEU C 105 -9.74 30.43 -16.04
N ILE C 106 -9.09 30.52 -17.20
CA ILE C 106 -8.06 29.56 -17.57
C ILE C 106 -6.67 30.13 -17.27
N PHE C 107 -5.93 29.45 -16.41
CA PHE C 107 -4.59 29.87 -16.05
C PHE C 107 -3.52 29.28 -16.97
N ALA C 108 -2.71 30.15 -17.55
CA ALA C 108 -1.63 29.72 -18.43
C ALA C 108 -0.48 29.75 -17.43
N ASN C 109 -0.34 28.66 -16.69
CA ASN C 109 0.70 28.54 -15.66
C ASN C 109 1.96 28.05 -16.36
N LYS C 110 3.09 28.19 -15.69
CA LYS C 110 4.39 27.79 -16.19
C LYS C 110 4.82 28.57 -17.44
N GLN C 111 4.65 29.89 -17.39
CA GLN C 111 5.02 30.76 -18.50
C GLN C 111 6.52 31.04 -18.45
N ASP C 112 7.16 30.57 -17.38
CA ASP C 112 8.59 30.77 -17.19
C ASP C 112 9.40 29.75 -17.98
N LEU C 113 8.83 28.58 -18.20
CA LEU C 113 9.51 27.51 -18.93
C LEU C 113 9.76 27.91 -20.38
N PRO C 114 10.86 27.42 -20.97
CA PRO C 114 11.24 27.72 -22.36
C PRO C 114 10.14 27.41 -23.37
N ASP C 115 9.65 26.17 -23.34
CA ASP C 115 8.60 25.74 -24.26
C ASP C 115 7.28 26.46 -23.99
N ALA C 116 7.35 27.56 -23.26
CA ALA C 116 6.17 28.35 -22.92
C ALA C 116 5.20 28.45 -24.10
N MET C 117 3.90 28.37 -23.81
CA MET C 117 2.87 28.47 -24.83
C MET C 117 2.08 29.76 -24.65
N LYS C 118 2.21 30.67 -25.61
CA LYS C 118 1.50 31.94 -25.55
C LYS C 118 0.00 31.73 -25.31
N PRO C 119 -0.63 32.64 -24.54
CA PRO C 119 -2.05 32.59 -24.20
C PRO C 119 -2.95 32.37 -25.41
N HIS C 120 -2.92 33.31 -26.35
CA HIS C 120 -3.75 33.23 -27.55
C HIS C 120 -3.67 31.84 -28.20
N GLU C 121 -2.63 31.08 -27.85
CA GLU C 121 -2.46 29.75 -28.40
C GLU C 121 -3.30 28.76 -27.61
N ILE C 122 -3.16 28.81 -26.28
CA ILE C 122 -3.93 27.94 -25.40
C ILE C 122 -5.42 28.19 -25.64
N GLN C 123 -5.74 29.43 -25.99
CA GLN C 123 -7.11 29.84 -26.25
C GLN C 123 -7.73 29.03 -27.37
N GLU C 124 -6.98 28.82 -28.45
CA GLU C 124 -7.47 28.05 -29.59
C GLU C 124 -7.27 26.56 -29.38
N LYS C 125 -6.26 26.20 -28.60
CA LYS C 125 -5.96 24.80 -28.32
C LYS C 125 -7.05 24.15 -27.48
N LEU C 126 -7.32 24.73 -26.31
CA LEU C 126 -8.34 24.21 -25.41
C LEU C 126 -9.72 24.20 -26.05
N GLY C 127 -9.91 25.04 -27.06
CA GLY C 127 -11.19 25.10 -27.74
C GLY C 127 -12.13 26.07 -27.04
N LEU C 128 -11.58 27.17 -26.54
CA LEU C 128 -12.37 28.18 -25.84
C LEU C 128 -12.87 29.21 -26.85
N THR C 129 -12.05 29.43 -27.88
CA THR C 129 -12.36 30.40 -28.92
C THR C 129 -13.68 30.12 -29.66
N ARG C 130 -13.81 28.92 -30.22
CA ARG C 130 -15.03 28.58 -30.95
C ARG C 130 -16.26 28.56 -30.05
N ILE C 131 -16.09 28.10 -28.82
CA ILE C 131 -17.19 28.06 -27.87
C ILE C 131 -17.50 29.45 -27.32
N ARG C 132 -18.68 29.95 -27.61
CA ARG C 132 -19.11 31.26 -27.14
C ARG C 132 -20.35 30.99 -26.28
N ASP C 133 -21.18 32.02 -26.12
CA ASP C 133 -22.37 31.92 -25.30
C ASP C 133 -21.96 31.67 -23.86
N ARG C 134 -20.76 32.13 -23.52
CA ARG C 134 -20.21 31.91 -22.19
C ARG C 134 -19.14 32.95 -21.89
N ASN C 135 -18.84 33.14 -20.61
CA ASN C 135 -17.82 34.11 -20.20
C ASN C 135 -16.57 33.39 -19.74
N TRP C 136 -15.43 33.81 -20.28
CA TRP C 136 -14.14 33.21 -19.94
C TRP C 136 -12.97 34.15 -20.22
N TYR C 137 -11.76 33.68 -19.92
CA TYR C 137 -10.55 34.46 -20.14
C TYR C 137 -9.34 33.56 -19.97
N VAL C 138 -8.26 33.88 -20.68
CA VAL C 138 -7.03 33.11 -20.59
C VAL C 138 -5.96 34.01 -19.97
N GLN C 139 -5.73 33.84 -18.68
CA GLN C 139 -4.76 34.65 -17.94
C GLN C 139 -3.40 33.98 -17.77
N PRO C 140 -2.33 34.61 -18.28
CA PRO C 140 -0.98 34.05 -18.17
C PRO C 140 -0.36 34.13 -16.78
N SER C 141 0.08 33.00 -16.23
CA SER C 141 0.60 33.00 -14.86
C SER C 141 1.75 32.03 -14.55
N CYS C 142 2.44 32.31 -13.44
CA CYS C 142 3.52 31.46 -12.94
C CYS C 142 3.43 31.29 -11.43
N ALA C 143 2.84 30.18 -11.00
CA ALA C 143 2.64 29.86 -9.58
C ALA C 143 3.92 30.03 -8.74
N THR C 144 5.07 29.72 -9.33
CA THR C 144 6.34 29.82 -8.62
C THR C 144 6.72 31.25 -8.28
N SER C 145 5.93 32.22 -8.74
CA SER C 145 6.20 33.63 -8.48
C SER C 145 4.95 34.35 -8.00
N GLY C 146 3.91 34.34 -8.83
CA GLY C 146 2.67 35.02 -8.48
C GLY C 146 2.16 35.91 -9.60
N ASP C 147 2.84 35.87 -10.73
CA ASP C 147 2.45 36.69 -11.88
C ASP C 147 1.10 36.25 -12.44
N GLY C 148 0.17 37.20 -12.55
CA GLY C 148 -1.14 36.89 -13.08
C GLY C 148 -2.08 36.24 -12.08
N LEU C 149 -1.52 35.57 -11.09
CA LEU C 149 -2.33 34.90 -10.08
C LEU C 149 -3.31 35.86 -9.41
N TYR C 150 -2.85 37.07 -9.12
CA TYR C 150 -3.70 38.07 -8.50
C TYR C 150 -4.59 38.77 -9.52
N GLU C 151 -4.05 39.03 -10.71
CA GLU C 151 -4.84 39.68 -11.75
C GLU C 151 -5.96 38.74 -12.17
N GLY C 152 -5.67 37.43 -12.14
CA GLY C 152 -6.68 36.44 -12.49
C GLY C 152 -7.82 36.53 -11.50
N LEU C 153 -7.51 36.96 -10.28
CA LEU C 153 -8.51 37.11 -9.24
C LEU C 153 -9.35 38.34 -9.55
N THR C 154 -8.67 39.46 -9.79
CA THR C 154 -9.33 40.72 -10.11
C THR C 154 -10.26 40.53 -11.30
N TRP C 155 -9.99 39.51 -12.10
CA TRP C 155 -10.81 39.22 -13.26
C TRP C 155 -12.16 38.68 -12.79
N LEU C 156 -12.11 37.63 -11.98
CA LEU C 156 -13.31 37.00 -11.43
C LEU C 156 -14.18 38.06 -10.77
N THR C 157 -13.54 38.99 -10.08
CA THR C 157 -14.25 40.07 -9.40
C THR C 157 -15.01 40.97 -10.36
N SER C 158 -14.30 41.57 -11.32
CA SER C 158 -14.93 42.45 -12.30
C SER C 158 -15.97 41.74 -13.16
N ASN C 159 -15.72 40.47 -13.47
CA ASN C 159 -16.65 39.70 -14.29
C ASN C 159 -17.68 38.95 -13.46
N TYR C 160 -18.21 39.62 -12.43
CA TYR C 160 -19.22 39.02 -11.56
C TYR C 160 -19.60 39.99 -10.44
N GLU D 1 -21.03 -9.45 -43.57
CA GLU D 1 -19.78 -10.12 -43.12
C GLU D 1 -19.16 -9.42 -41.93
N MET D 2 -19.99 -9.16 -40.92
CA MET D 2 -19.53 -8.49 -39.71
C MET D 2 -18.62 -9.41 -38.90
N SER D 3 -17.34 -9.06 -38.87
CA SER D 3 -16.34 -9.84 -38.15
C SER D 3 -16.82 -10.26 -36.77
N CYS D 4 -16.27 -11.37 -36.27
CA CYS D 4 -16.64 -11.88 -34.95
C CYS D 4 -16.49 -10.82 -33.87
N ALA D 5 -15.29 -10.25 -33.76
CA ALA D 5 -15.04 -9.22 -32.77
C ALA D 5 -16.04 -8.09 -32.88
N GLU D 6 -16.34 -7.68 -34.11
CA GLU D 6 -17.30 -6.61 -34.34
C GLU D 6 -18.65 -6.95 -33.75
N LYS D 7 -19.02 -8.23 -33.76
CA LYS D 7 -20.31 -8.65 -33.20
C LYS D 7 -20.36 -8.36 -31.70
N LEU D 8 -19.46 -9.00 -30.96
CA LEU D 8 -19.40 -8.83 -29.51
C LEU D 8 -19.43 -7.36 -29.12
N LEU D 9 -18.49 -6.58 -29.63
CA LEU D 9 -18.41 -5.16 -29.33
C LEU D 9 -19.76 -4.48 -29.60
N LYS D 10 -20.44 -4.92 -30.65
CA LYS D 10 -21.74 -4.37 -31.01
C LYS D 10 -22.78 -4.74 -29.97
N VAL D 11 -22.75 -5.99 -29.52
CA VAL D 11 -23.69 -6.47 -28.52
C VAL D 11 -23.48 -5.76 -27.18
N LEU D 12 -22.27 -5.84 -26.66
CA LEU D 12 -21.92 -5.21 -25.39
C LEU D 12 -22.28 -3.73 -25.41
N SER D 13 -22.22 -3.13 -26.60
CA SER D 13 -22.53 -1.72 -26.76
C SER D 13 -24.02 -1.45 -26.68
N PHE D 14 -24.83 -2.44 -27.05
CA PHE D 14 -26.28 -2.30 -27.01
C PHE D 14 -26.86 -2.85 -25.72
N GLY D 15 -26.13 -3.74 -25.07
CA GLY D 15 -26.60 -4.32 -23.82
C GLY D 15 -26.68 -5.83 -23.82
N LEU D 16 -25.65 -6.47 -23.28
CA LEU D 16 -25.60 -7.92 -23.20
C LEU D 16 -26.78 -8.46 -22.40
N TRP D 17 -27.36 -7.59 -21.57
CA TRP D 17 -28.50 -7.96 -20.74
C TRP D 17 -29.83 -7.49 -21.31
N ASN D 18 -29.82 -7.08 -22.58
CA ASN D 18 -31.05 -6.61 -23.22
C ASN D 18 -32.05 -7.77 -23.32
N PRO D 19 -33.15 -7.67 -22.57
CA PRO D 19 -34.23 -8.68 -22.53
C PRO D 19 -34.86 -9.02 -23.88
N THR D 20 -34.68 -8.16 -24.87
CA THR D 20 -35.27 -8.39 -26.19
C THR D 20 -34.63 -9.53 -26.98
N TYR D 21 -33.49 -10.03 -26.51
CA TYR D 21 -32.82 -11.11 -27.21
C TYR D 21 -33.67 -12.39 -27.12
N SER D 22 -33.88 -13.01 -28.27
CA SER D 22 -34.71 -14.22 -28.38
C SER D 22 -34.16 -15.43 -27.64
N ARG D 23 -33.20 -15.22 -26.75
CA ARG D 23 -32.59 -16.31 -25.98
C ARG D 23 -31.71 -17.13 -26.92
N SER D 24 -32.27 -17.54 -28.05
CA SER D 24 -31.49 -18.29 -29.03
C SER D 24 -30.17 -17.58 -29.24
N GLU D 25 -30.26 -16.25 -29.32
CA GLU D 25 -29.09 -15.38 -29.40
C GLU D 25 -28.17 -15.24 -28.21
N ARG D 26 -28.70 -15.50 -27.02
CA ARG D 26 -27.93 -15.44 -25.79
C ARG D 26 -26.80 -16.46 -25.94
N GLN D 27 -27.15 -17.60 -26.49
CA GLN D 27 -26.20 -18.69 -26.74
C GLN D 27 -25.11 -18.17 -27.66
N SER D 28 -25.52 -17.39 -28.66
CA SER D 28 -24.61 -16.83 -29.64
C SER D 28 -23.61 -15.86 -29.00
N PHE D 29 -24.02 -15.24 -27.90
CA PHE D 29 -23.16 -14.28 -27.21
C PHE D 29 -22.22 -14.93 -26.20
N GLN D 30 -22.77 -15.80 -25.36
CA GLN D 30 -21.96 -16.50 -24.35
C GLN D 30 -20.68 -17.06 -24.94
N GLU D 31 -20.78 -17.59 -26.16
CA GLU D 31 -19.62 -18.17 -26.83
C GLU D 31 -18.50 -17.16 -27.09
N LEU D 32 -18.86 -15.89 -27.19
CA LEU D 32 -17.88 -14.83 -27.45
C LEU D 32 -17.32 -14.22 -26.16
N LEU D 33 -18.23 -13.86 -25.25
CA LEU D 33 -17.83 -13.24 -24.00
C LEU D 33 -16.84 -14.10 -23.21
N THR D 34 -16.95 -15.41 -23.33
CA THR D 34 -16.07 -16.33 -22.62
C THR D 34 -14.68 -16.36 -23.24
N VAL D 35 -14.49 -15.59 -24.31
CA VAL D 35 -13.20 -15.54 -24.99
C VAL D 35 -12.40 -14.34 -24.50
N LEU D 36 -13.05 -13.47 -23.74
CA LEU D 36 -12.40 -12.27 -23.20
C LEU D 36 -11.49 -12.64 -22.04
N GLU D 37 -10.19 -12.41 -22.21
CA GLU D 37 -9.20 -12.74 -21.19
C GLU D 37 -8.47 -11.50 -20.70
N PRO D 38 -8.61 -11.16 -19.40
CA PRO D 38 -7.95 -10.00 -18.82
C PRO D 38 -6.42 -10.12 -18.90
N VAL D 39 -5.77 -9.08 -19.42
CA VAL D 39 -4.32 -9.09 -19.55
C VAL D 39 -3.69 -7.89 -18.86
N TYR D 40 -2.36 -7.90 -18.77
CA TYR D 40 -1.62 -6.82 -18.13
C TYR D 40 -2.04 -5.45 -18.63
N PRO D 41 -2.72 -4.66 -17.77
CA PRO D 41 -3.20 -3.32 -18.13
C PRO D 41 -2.07 -2.29 -18.04
N LEU D 42 -2.13 -1.27 -18.90
CA LEU D 42 -1.12 -0.22 -18.91
C LEU D 42 -1.22 0.64 -17.66
N PRO D 43 -0.14 1.39 -17.34
CA PRO D 43 -0.08 2.27 -16.17
C PRO D 43 -1.32 3.12 -15.91
N ASN D 44 -1.81 3.82 -16.93
CA ASN D 44 -2.98 4.69 -16.78
C ASN D 44 -4.29 3.94 -17.01
N GLU D 45 -4.24 2.61 -16.98
CA GLU D 45 -5.44 1.81 -17.20
C GLU D 45 -5.94 1.15 -15.92
N LEU D 46 -7.25 0.91 -15.87
CA LEU D 46 -7.89 0.28 -14.72
C LEU D 46 -8.27 -1.15 -15.06
N GLY D 47 -8.09 -1.53 -16.32
CA GLY D 47 -8.42 -2.87 -16.76
C GLY D 47 -8.34 -3.03 -18.26
N ARG D 48 -7.66 -4.09 -18.70
CA ARG D 48 -7.51 -4.37 -20.12
C ARG D 48 -8.03 -5.77 -20.45
N VAL D 49 -8.71 -5.89 -21.58
CA VAL D 49 -9.27 -7.17 -21.99
C VAL D 49 -8.92 -7.48 -23.45
N SER D 50 -8.59 -8.74 -23.71
CA SER D 50 -8.25 -9.18 -25.06
C SER D 50 -8.97 -10.46 -25.45
N ALA D 51 -9.15 -10.67 -26.75
CA ALA D 51 -9.84 -11.86 -27.24
C ALA D 51 -9.50 -12.19 -28.69
N ARG D 52 -9.05 -13.43 -28.91
CA ARG D 52 -8.70 -13.89 -30.25
C ARG D 52 -9.71 -14.93 -30.72
N PHE D 53 -10.66 -14.49 -31.52
CA PHE D 53 -11.72 -15.35 -32.05
C PHE D 53 -11.21 -16.28 -33.15
N SER D 54 -12.10 -17.17 -33.59
CA SER D 54 -11.77 -18.14 -34.63
C SER D 54 -11.72 -17.58 -36.04
N ASP D 55 -12.43 -16.48 -36.29
CA ASP D 55 -12.45 -15.88 -37.62
C ASP D 55 -11.17 -15.07 -37.86
N GLY D 56 -10.16 -15.32 -37.04
CA GLY D 56 -8.90 -14.61 -37.19
C GLY D 56 -8.94 -13.18 -36.67
N SER D 57 -10.12 -12.72 -36.28
CA SER D 57 -10.27 -11.36 -35.76
C SER D 57 -9.71 -11.27 -34.35
N SER D 58 -9.71 -10.06 -33.81
CA SER D 58 -9.21 -9.83 -32.45
C SER D 58 -9.82 -8.57 -31.87
N LEU D 59 -9.99 -8.55 -30.55
CA LEU D 59 -10.56 -7.38 -29.87
C LEU D 59 -9.70 -6.98 -28.69
N ARG D 60 -9.58 -5.68 -28.46
CA ARG D 60 -8.78 -5.17 -27.36
C ARG D 60 -9.48 -3.97 -26.73
N ILE D 61 -10.15 -4.21 -25.60
CA ILE D 61 -10.87 -3.16 -24.89
C ILE D 61 -10.07 -2.65 -23.69
N SER D 62 -9.94 -1.33 -23.61
CA SER D 62 -9.21 -0.70 -22.50
C SER D 62 -10.13 0.17 -21.67
N VAL D 63 -9.77 0.34 -20.41
CA VAL D 63 -10.55 1.15 -19.48
C VAL D 63 -9.65 2.00 -18.60
N THR D 64 -9.52 3.28 -18.94
CA THR D 64 -8.69 4.19 -18.18
C THR D 64 -9.31 4.40 -16.80
N ASN D 65 -8.55 5.00 -15.88
CA ASN D 65 -9.06 5.25 -14.55
C ASN D 65 -10.20 6.27 -14.61
N SER D 66 -10.23 7.02 -15.71
CA SER D 66 -11.28 8.02 -15.93
C SER D 66 -12.49 7.29 -16.49
N GLU D 67 -12.48 5.97 -16.34
CA GLU D 67 -13.56 5.11 -16.81
C GLU D 67 -13.88 5.31 -18.30
N SER D 68 -12.86 5.67 -19.06
CA SER D 68 -13.01 5.88 -20.50
C SER D 68 -12.82 4.53 -21.18
N ILE D 69 -13.80 4.14 -21.99
CA ILE D 69 -13.72 2.86 -22.69
C ILE D 69 -13.30 2.97 -24.15
N GLU D 70 -12.04 2.67 -24.42
CA GLU D 70 -11.50 2.70 -25.78
C GLU D 70 -11.34 1.26 -26.25
N ALA D 71 -11.64 1.01 -27.52
CA ALA D 71 -11.52 -0.35 -28.05
C ALA D 71 -10.87 -0.37 -29.43
N GLU D 72 -10.22 -1.50 -29.73
CA GLU D 72 -9.55 -1.68 -31.01
C GLU D 72 -9.81 -3.10 -31.52
N ILE D 73 -10.02 -3.23 -32.83
CA ILE D 73 -10.30 -4.52 -33.43
C ILE D 73 -9.45 -4.73 -34.69
N ARG D 74 -9.36 -5.98 -35.13
CA ARG D 74 -8.60 -6.33 -36.33
C ARG D 74 -9.28 -7.46 -37.10
N THR D 75 -10.08 -7.08 -38.09
CA THR D 75 -10.79 -8.05 -38.92
C THR D 75 -9.81 -9.07 -39.51
N PRO D 76 -10.33 -10.16 -40.09
CA PRO D 76 -9.45 -11.18 -40.69
C PRO D 76 -8.46 -10.60 -41.69
N ASN D 77 -8.79 -9.45 -42.28
CA ASN D 77 -7.92 -8.80 -43.24
C ASN D 77 -7.13 -7.69 -42.55
N ASN D 78 -6.85 -7.88 -41.26
CA ASN D 78 -6.11 -6.92 -40.45
C ASN D 78 -6.50 -5.48 -40.78
N GLU D 79 -7.71 -5.10 -40.38
CA GLU D 79 -8.22 -3.75 -40.63
C GLU D 79 -8.38 -3.02 -39.30
N LYS D 80 -7.27 -2.56 -38.73
CA LYS D 80 -7.32 -1.86 -37.45
C LYS D 80 -8.49 -0.89 -37.39
N ILE D 81 -9.46 -1.22 -36.54
CA ILE D 81 -10.65 -0.40 -36.35
C ILE D 81 -10.78 0.01 -34.89
N THR D 82 -10.57 1.29 -34.63
CA THR D 82 -10.66 1.82 -33.27
C THR D 82 -12.05 2.40 -33.05
N VAL D 83 -12.68 2.01 -31.95
CA VAL D 83 -14.02 2.49 -31.63
C VAL D 83 -14.15 2.92 -30.17
N LEU D 84 -14.53 4.17 -29.96
CA LEU D 84 -14.70 4.70 -28.61
C LEU D 84 -16.10 4.33 -28.11
N LEU D 85 -16.16 3.73 -26.93
CA LEU D 85 -17.43 3.31 -26.35
C LEU D 85 -17.87 4.15 -25.15
N GLU D 86 -19.13 3.98 -24.78
CA GLU D 86 -19.72 4.69 -23.64
C GLU D 86 -20.69 3.76 -22.92
N SER D 87 -20.68 3.79 -21.60
CA SER D 87 -21.56 2.94 -20.80
C SER D 87 -22.63 3.73 -20.05
N ASN D 88 -23.88 3.31 -20.21
CA ASN D 88 -25.00 3.95 -19.55
C ASN D 88 -25.85 2.92 -18.83
N GLU D 89 -26.71 3.38 -17.92
CA GLU D 89 -27.58 2.49 -17.16
C GLU D 89 -28.45 1.61 -18.04
N GLN D 90 -28.41 1.85 -19.36
CA GLN D 90 -29.20 1.05 -20.30
C GLN D 90 -28.49 -0.23 -20.72
N ASN D 91 -27.30 -0.09 -21.29
CA ASN D 91 -26.54 -1.24 -21.75
C ASN D 91 -25.65 -1.88 -20.68
N ARG D 92 -25.42 -1.17 -19.58
CA ARG D 92 -24.59 -1.70 -18.49
C ARG D 92 -23.31 -2.28 -19.08
N LEU D 93 -22.68 -1.53 -19.99
CA LEU D 93 -21.47 -1.97 -20.65
C LEU D 93 -20.33 -2.22 -19.65
N LEU D 94 -19.99 -1.19 -18.88
CA LEU D 94 -18.92 -1.28 -17.90
C LEU D 94 -19.12 -2.41 -16.89
N GLN D 95 -20.21 -3.17 -17.07
CA GLN D 95 -20.51 -4.30 -16.20
C GLN D 95 -20.12 -5.62 -16.84
N SER D 96 -20.36 -5.72 -18.15
CA SER D 96 -20.05 -6.95 -18.88
C SER D 96 -18.57 -7.05 -19.25
N LEU D 97 -17.71 -6.43 -18.45
CA LEU D 97 -16.28 -6.46 -18.70
C LEU D 97 -15.52 -6.88 -17.45
N PRO D 98 -14.57 -7.83 -17.59
CA PRO D 98 -13.77 -8.32 -16.46
C PRO D 98 -12.80 -7.25 -15.96
N ILE D 99 -13.32 -6.31 -15.19
CA ILE D 99 -12.51 -5.23 -14.64
C ILE D 99 -12.92 -4.87 -13.21
N ASP D 100 -11.96 -4.95 -12.29
CA ASP D 100 -12.22 -4.63 -10.90
C ASP D 100 -12.32 -3.12 -10.75
N ARG D 101 -13.42 -2.65 -10.17
CA ARG D 101 -13.63 -1.22 -10.00
C ARG D 101 -13.83 -0.82 -8.55
N HIS D 102 -13.77 0.48 -8.29
CA HIS D 102 -13.95 1.03 -6.95
C HIS D 102 -15.44 1.23 -6.69
N MET D 103 -16.01 0.37 -5.84
CA MET D 103 -17.42 0.44 -5.51
C MET D 103 -17.65 0.44 -3.99
N PRO D 104 -18.60 1.25 -3.51
CA PRO D 104 -18.93 1.33 -2.08
C PRO D 104 -19.50 0.03 -1.55
N TYR D 105 -19.86 -0.88 -2.46
CA TYR D 105 -20.44 -2.16 -2.10
C TYR D 105 -20.16 -3.23 -3.15
N ILE D 106 -20.25 -4.49 -2.75
CA ILE D 106 -20.00 -5.61 -3.66
C ILE D 106 -20.97 -5.55 -4.84
N GLN D 107 -20.40 -5.52 -6.05
CA GLN D 107 -21.20 -5.45 -7.27
C GLN D 107 -22.18 -6.62 -7.34
N VAL D 108 -23.35 -6.36 -7.91
CA VAL D 108 -24.38 -7.40 -8.05
C VAL D 108 -24.75 -7.55 -9.51
N HIS D 109 -24.72 -8.79 -10.01
CA HIS D 109 -25.05 -9.06 -11.40
C HIS D 109 -26.11 -10.15 -11.55
N ARG D 110 -26.82 -10.12 -12.67
CA ARG D 110 -27.87 -11.08 -12.96
C ARG D 110 -27.46 -11.98 -14.12
N ALA D 111 -27.60 -13.28 -13.94
CA ALA D 111 -27.24 -14.24 -14.99
C ALA D 111 -28.10 -14.02 -16.22
N LEU D 112 -27.93 -14.87 -17.23
CA LEU D 112 -28.69 -14.76 -18.47
C LEU D 112 -29.93 -15.65 -18.48
N SER D 113 -30.46 -15.87 -19.68
CA SER D 113 -31.65 -16.69 -19.88
C SER D 113 -31.89 -18.02 -19.17
N GLU D 114 -31.04 -19.02 -19.41
CA GLU D 114 -31.27 -20.36 -18.85
C GLU D 114 -30.40 -20.78 -17.64
N MET D 115 -29.17 -20.30 -17.59
CA MET D 115 -28.23 -20.70 -16.55
C MET D 115 -28.95 -21.10 -15.26
N ASP D 116 -28.90 -22.38 -14.92
CA ASP D 116 -29.52 -22.84 -13.69
C ASP D 116 -28.50 -23.53 -12.79
N LEU D 117 -28.78 -23.54 -11.49
CA LEU D 117 -27.88 -24.16 -10.52
C LEU D 117 -28.38 -25.50 -10.01
N THR D 118 -27.77 -26.58 -10.50
CA THR D 118 -28.15 -27.93 -10.10
C THR D 118 -27.00 -28.89 -9.82
N ASP D 119 -26.27 -29.28 -10.86
CA ASP D 119 -25.16 -30.20 -10.71
C ASP D 119 -23.81 -29.50 -10.91
N THR D 120 -22.73 -30.23 -10.66
CA THR D 120 -21.38 -29.70 -10.80
C THR D 120 -21.20 -28.94 -12.12
N THR D 121 -21.67 -29.52 -13.21
CA THR D 121 -21.55 -28.90 -14.52
C THR D 121 -22.24 -27.54 -14.58
N SER D 122 -23.43 -27.47 -14.00
CA SER D 122 -24.21 -26.22 -14.00
C SER D 122 -23.50 -25.09 -13.27
N MET D 123 -22.62 -25.44 -12.34
CA MET D 123 -21.88 -24.43 -11.57
C MET D 123 -20.79 -23.81 -12.43
N ARG D 124 -19.97 -24.66 -13.03
CA ARG D 124 -18.88 -24.21 -13.89
C ARG D 124 -19.41 -23.32 -15.01
N ASN D 125 -20.46 -23.78 -15.67
CA ASN D 125 -21.06 -23.05 -16.78
C ASN D 125 -21.45 -21.63 -16.37
N LEU D 126 -21.74 -21.42 -15.09
CA LEU D 126 -22.10 -20.11 -14.60
C LEU D 126 -20.86 -19.27 -14.32
N LEU D 127 -19.91 -19.86 -13.61
CA LEU D 127 -18.67 -19.17 -13.28
C LEU D 127 -17.93 -18.74 -14.54
N GLY D 128 -18.06 -19.53 -15.60
CA GLY D 128 -17.41 -19.20 -16.86
C GLY D 128 -18.04 -17.97 -17.48
N PHE D 129 -19.02 -17.40 -16.79
CA PHE D 129 -19.73 -16.22 -17.27
C PHE D 129 -19.46 -15.03 -16.34
N THR D 130 -19.75 -15.23 -15.06
CA THR D 130 -19.55 -14.19 -14.05
C THR D 130 -18.11 -13.69 -14.04
N SER D 131 -17.17 -14.58 -14.30
CA SER D 131 -15.75 -14.24 -14.32
C SER D 131 -15.44 -13.21 -15.40
N LYS D 132 -16.40 -13.01 -16.31
CA LYS D 132 -16.24 -12.05 -17.40
C LYS D 132 -17.00 -10.77 -17.09
N LEU D 133 -17.51 -10.67 -15.87
CA LEU D 133 -18.25 -9.50 -15.45
C LEU D 133 -17.41 -8.66 -14.47
N SER D 134 -17.85 -7.44 -14.19
CA SER D 134 -17.13 -6.56 -13.29
C SER D 134 -17.13 -7.09 -11.85
N THR D 135 -16.43 -6.37 -10.98
CA THR D 135 -16.33 -6.74 -9.56
C THR D 135 -16.13 -5.48 -8.72
N THR D 136 -15.92 -5.67 -7.42
CA THR D 136 -15.72 -4.56 -6.50
C THR D 136 -14.43 -4.72 -5.71
N LEU D 137 -13.45 -3.86 -5.98
CA LEU D 137 -12.17 -3.92 -5.30
C LEU D 137 -12.35 -3.89 -3.78
N ILE D 138 -12.03 -5.01 -3.14
CA ILE D 138 -12.15 -5.13 -1.69
C ILE D 138 -10.80 -4.91 -1.02
N PRO D 139 -10.74 -3.95 -0.08
CA PRO D 139 -9.50 -3.66 0.64
C PRO D 139 -9.10 -4.80 1.57
N HIS D 140 -7.83 -4.86 1.94
CA HIS D 140 -7.36 -5.91 2.82
C HIS D 140 -6.33 -5.37 3.82
N ASN D 141 -6.53 -5.72 5.09
CA ASN D 141 -5.61 -5.28 6.14
C ASN D 141 -4.59 -6.37 6.42
N ALA D 142 -3.52 -6.01 7.13
CA ALA D 142 -2.46 -6.95 7.44
C ALA D 142 -2.97 -8.21 8.13
N GLN D 143 -4.17 -8.13 8.70
CA GLN D 143 -4.76 -9.27 9.38
C GLN D 143 -5.56 -10.19 8.46
N THR D 144 -5.97 -9.68 7.30
CA THR D 144 -6.73 -10.47 6.35
C THR D 144 -5.99 -10.65 5.03
N ASP D 145 -4.75 -10.16 4.96
CA ASP D 145 -3.95 -10.26 3.76
C ASP D 145 -3.47 -11.70 3.52
N PRO D 146 -3.90 -12.30 2.40
CA PRO D 146 -3.54 -13.67 2.02
C PRO D 146 -2.03 -13.93 1.95
N LEU D 147 -1.23 -12.87 2.05
CA LEU D 147 0.22 -13.02 1.99
C LEU D 147 0.91 -12.66 3.30
N SER D 148 0.12 -12.52 4.37
CA SER D 148 0.67 -12.19 5.68
C SER D 148 0.51 -13.39 6.61
N GLY D 149 0.62 -13.14 7.90
CA GLY D 149 0.49 -14.23 8.86
C GLY D 149 1.69 -15.16 8.92
N PRO D 150 1.64 -16.19 9.77
CA PRO D 150 2.71 -17.18 9.94
C PRO D 150 3.12 -17.95 8.69
N THR D 151 2.16 -18.60 8.04
CA THR D 151 2.45 -19.40 6.85
C THR D 151 1.82 -18.92 5.54
N PRO D 152 2.39 -17.87 4.93
CA PRO D 152 1.87 -17.33 3.66
C PRO D 152 2.25 -18.24 2.49
N PHE D 153 1.34 -18.40 1.53
CA PHE D 153 1.59 -19.25 0.37
C PHE D 153 2.15 -20.62 0.76
N SER D 154 1.61 -21.21 1.81
CA SER D 154 2.08 -22.52 2.28
C SER D 154 1.49 -23.66 1.47
N SER D 155 0.19 -23.60 1.22
CA SER D 155 -0.51 -24.64 0.47
C SER D 155 -0.58 -24.37 -1.03
N ILE D 156 0.21 -23.40 -1.50
CA ILE D 156 0.21 -23.05 -2.92
C ILE D 156 0.45 -24.25 -3.83
N PHE D 157 1.25 -25.20 -3.37
CA PHE D 157 1.54 -26.39 -4.18
C PHE D 157 0.47 -27.46 -4.07
N MET D 158 0.08 -27.79 -2.84
CA MET D 158 -0.95 -28.80 -2.64
C MET D 158 -2.29 -28.29 -3.17
N ASP D 159 -2.50 -26.99 -3.12
CA ASP D 159 -3.74 -26.39 -3.61
C ASP D 159 -3.84 -26.57 -5.12
N THR D 160 -2.71 -26.84 -5.75
CA THR D 160 -2.66 -27.02 -7.20
C THR D 160 -2.93 -28.47 -7.61
N CYS D 161 -2.44 -29.42 -6.81
CA CYS D 161 -2.64 -30.83 -7.11
C CYS D 161 -4.13 -31.13 -7.26
N ARG D 162 -4.90 -30.79 -6.24
CA ARG D 162 -6.34 -31.00 -6.25
C ARG D 162 -7.04 -29.90 -7.04
N GLY D 163 -6.25 -29.05 -7.68
CA GLY D 163 -6.81 -27.97 -8.48
C GLY D 163 -6.79 -28.29 -9.96
N LEU D 164 -5.60 -28.53 -10.49
CA LEU D 164 -5.44 -28.86 -11.91
C LEU D 164 -6.30 -30.06 -12.29
N GLY D 165 -6.81 -30.03 -13.52
CA GLY D 165 -7.65 -31.12 -13.99
C GLY D 165 -9.08 -30.99 -13.54
N ASN D 166 -9.33 -30.01 -12.66
CA ASN D 166 -10.67 -29.79 -12.14
C ASN D 166 -11.03 -28.30 -12.18
N ALA D 167 -10.29 -27.54 -12.98
CA ALA D 167 -10.53 -26.11 -13.10
C ALA D 167 -10.56 -25.67 -14.56
N LYS D 168 -11.09 -24.48 -14.80
CA LYS D 168 -11.18 -23.93 -16.15
C LYS D 168 -9.96 -23.04 -16.40
N LEU D 169 -8.92 -23.63 -16.98
CA LEU D 169 -7.70 -22.89 -17.26
C LEU D 169 -7.70 -22.24 -18.64
N SER D 170 -6.86 -21.23 -18.82
CA SER D 170 -6.76 -20.51 -20.09
C SER D 170 -5.43 -19.79 -20.19
N LEU D 171 -4.68 -20.09 -21.25
CA LEU D 171 -3.39 -19.47 -21.49
C LEU D 171 -3.39 -18.75 -22.82
N ASN D 172 -3.68 -17.45 -22.80
CA ASN D 172 -3.72 -16.64 -24.01
C ASN D 172 -4.90 -17.05 -24.90
N GLY D 173 -6.07 -17.24 -24.27
CA GLY D 173 -7.24 -17.64 -25.01
C GLY D 173 -7.27 -19.12 -25.31
N VAL D 174 -6.11 -19.76 -25.23
CA VAL D 174 -6.00 -21.19 -25.50
C VAL D 174 -6.49 -22.00 -24.31
N ASP D 175 -7.75 -22.45 -24.39
CA ASP D 175 -8.34 -23.24 -23.32
C ASP D 175 -7.52 -24.48 -23.01
N ILE D 176 -7.32 -24.75 -21.73
CA ILE D 176 -6.56 -25.91 -21.29
C ILE D 176 -7.52 -26.96 -20.74
N PRO D 177 -7.87 -27.97 -21.55
CA PRO D 177 -8.79 -29.02 -21.12
C PRO D 177 -8.29 -29.82 -19.91
N ALA D 178 -9.11 -30.74 -19.45
CA ALA D 178 -8.79 -31.58 -18.29
C ALA D 178 -7.47 -32.33 -18.50
N ASN D 179 -7.46 -33.25 -19.46
CA ASN D 179 -6.28 -34.04 -19.75
C ASN D 179 -5.04 -33.16 -19.87
N ALA D 180 -5.23 -31.98 -20.45
CA ALA D 180 -4.14 -31.02 -20.62
C ALA D 180 -3.56 -30.62 -19.27
N GLN D 181 -4.43 -30.24 -18.35
CA GLN D 181 -4.01 -29.83 -17.02
C GLN D 181 -3.29 -30.98 -16.29
N MET D 182 -3.83 -32.18 -16.40
CA MET D 182 -3.24 -33.35 -15.76
C MET D 182 -1.82 -33.57 -16.29
N LEU D 183 -1.57 -33.13 -17.51
CA LEU D 183 -0.24 -33.26 -18.11
C LEU D 183 0.69 -32.24 -17.48
N LEU D 184 0.17 -31.05 -17.23
CA LEU D 184 0.94 -29.98 -16.61
C LEU D 184 1.26 -30.38 -15.18
N ARG D 185 0.26 -30.89 -14.48
CA ARG D 185 0.40 -31.32 -13.10
C ARG D 185 1.57 -32.27 -12.94
N ASP D 186 1.93 -32.96 -14.03
CA ASP D 186 3.04 -33.89 -14.02
C ASP D 186 4.37 -33.14 -14.21
N ALA D 187 4.44 -32.33 -15.25
CA ALA D 187 5.63 -31.56 -15.56
C ALA D 187 6.03 -30.67 -14.37
N LEU D 188 5.05 -30.30 -13.55
CA LEU D 188 5.31 -29.47 -12.39
C LEU D 188 5.80 -30.29 -11.20
N GLY D 189 5.97 -31.59 -11.42
CA GLY D 189 6.43 -32.46 -10.36
C GLY D 189 5.53 -32.46 -9.14
N LEU D 190 4.25 -32.22 -9.35
CA LEU D 190 3.28 -32.19 -8.25
C LEU D 190 2.48 -33.48 -8.19
N LYS D 191 3.09 -34.52 -7.63
CA LYS D 191 2.45 -35.82 -7.50
C LYS D 191 1.48 -35.90 -6.32
N ASP D 192 2.02 -35.99 -5.11
CA ASP D 192 1.19 -36.06 -3.92
C ASP D 192 1.04 -34.66 -3.33
N THR D 193 0.10 -34.50 -2.41
CA THR D 193 -0.15 -33.20 -1.77
C THR D 193 0.93 -32.79 -0.78
N HIS D 194 2.13 -33.35 -0.92
CA HIS D 194 3.23 -33.00 -0.02
C HIS D 194 4.49 -32.64 -0.78
N SER D 195 4.53 -32.98 -2.07
CA SER D 195 5.70 -32.70 -2.90
C SER D 195 5.75 -31.26 -3.38
N SER D 196 6.91 -30.86 -3.89
CA SER D 196 7.13 -29.51 -4.41
C SER D 196 7.80 -29.61 -5.76
N PRO D 197 7.64 -28.58 -6.61
CA PRO D 197 8.26 -28.57 -7.94
C PRO D 197 9.74 -28.93 -7.90
N THR D 198 10.18 -29.72 -8.87
CA THR D 198 11.58 -30.13 -8.93
C THR D 198 12.47 -28.90 -8.91
N ARG D 199 13.68 -29.05 -8.37
CA ARG D 199 14.62 -27.94 -8.29
C ARG D 199 14.91 -27.37 -9.68
N ASN D 200 14.81 -28.22 -10.69
CA ASN D 200 15.07 -27.82 -12.07
C ASN D 200 13.90 -27.03 -12.66
N VAL D 201 12.69 -27.48 -12.40
CA VAL D 201 11.49 -26.81 -12.90
C VAL D 201 11.38 -25.38 -12.38
N ILE D 202 12.00 -25.11 -11.23
CA ILE D 202 11.94 -23.78 -10.64
C ILE D 202 12.90 -22.82 -11.35
N ASP D 203 14.11 -23.29 -11.61
CA ASP D 203 15.13 -22.49 -12.27
C ASP D 203 14.87 -22.40 -13.77
N HIS D 204 14.34 -23.48 -14.34
CA HIS D 204 14.13 -23.54 -15.80
C HIS D 204 12.68 -23.64 -16.29
N GLY D 205 11.72 -23.81 -15.39
CA GLY D 205 10.34 -23.97 -15.78
C GLY D 205 10.02 -25.38 -16.25
N ILE D 206 8.97 -25.51 -17.05
CA ILE D 206 8.56 -26.82 -17.57
C ILE D 206 9.46 -27.25 -18.72
N SER D 207 9.93 -28.49 -18.67
CA SER D 207 10.80 -29.02 -19.72
C SER D 207 10.09 -28.82 -21.06
N ARG D 208 10.87 -28.52 -22.08
CA ARG D 208 10.31 -28.29 -23.41
C ARG D 208 9.58 -29.52 -23.93
N HIS D 209 9.78 -30.66 -23.27
CA HIS D 209 9.13 -31.90 -23.68
C HIS D 209 7.67 -31.92 -23.25
N ASP D 210 7.45 -31.97 -21.93
CA ASP D 210 6.09 -32.00 -21.39
C ASP D 210 5.30 -30.80 -21.91
N ALA D 211 5.89 -29.61 -21.79
CA ALA D 211 5.26 -28.37 -22.23
C ALA D 211 4.68 -28.50 -23.64
N GLU D 212 5.54 -28.86 -24.59
CA GLU D 212 5.11 -29.00 -25.98
C GLU D 212 3.90 -29.93 -26.10
N GLN D 213 3.86 -30.95 -25.26
CA GLN D 213 2.74 -31.90 -25.26
C GLN D 213 1.44 -31.21 -24.87
N ILE D 214 1.43 -30.64 -23.66
CA ILE D 214 0.27 -29.93 -23.14
C ILE D 214 -0.42 -29.11 -24.22
N ALA D 215 0.37 -28.45 -25.05
CA ALA D 215 -0.15 -27.63 -26.13
C ALA D 215 -0.96 -28.46 -27.11
N ARG D 216 -0.34 -29.48 -27.68
CA ARG D 216 -0.99 -30.35 -28.64
C ARG D 216 -2.37 -30.81 -28.17
N GLU D 217 -2.52 -31.00 -26.86
CA GLU D 217 -3.79 -31.43 -26.29
C GLU D 217 -4.58 -30.24 -25.75
N SER D 218 -4.61 -29.15 -26.51
CA SER D 218 -5.34 -27.95 -26.11
C SER D 218 -5.99 -27.27 -27.32
N SER D 219 -7.18 -26.73 -27.11
CA SER D 219 -7.91 -26.05 -28.17
C SER D 219 -7.22 -24.76 -28.59
N GLY D 220 -6.99 -24.62 -29.88
CA GLY D 220 -6.33 -23.43 -30.40
C GLY D 220 -5.60 -23.69 -31.70
N SER D 221 -5.45 -22.67 -32.52
CA SER D 221 -4.76 -22.80 -33.80
C SER D 221 -3.31 -23.20 -33.58
N ASP D 222 -2.71 -23.87 -34.57
CA ASP D 222 -1.32 -24.30 -34.47
C ASP D 222 -0.46 -23.11 -34.05
N LYS D 223 -0.76 -21.95 -34.60
CA LYS D 223 -0.04 -20.73 -34.29
C LYS D 223 -0.14 -20.44 -32.79
N GLN D 224 -1.35 -20.52 -32.26
CA GLN D 224 -1.60 -20.27 -30.85
C GLN D 224 -0.88 -21.28 -29.95
N LYS D 225 -1.02 -22.56 -30.27
CA LYS D 225 -0.37 -23.61 -29.49
C LYS D 225 1.09 -23.29 -29.24
N ALA D 226 1.82 -22.99 -30.32
CA ALA D 226 3.24 -22.67 -30.22
C ALA D 226 3.50 -21.64 -29.12
N GLU D 227 2.61 -20.65 -29.01
CA GLU D 227 2.76 -19.62 -27.98
C GLU D 227 2.77 -20.23 -26.59
N VAL D 228 1.77 -21.06 -26.31
CA VAL D 228 1.64 -21.70 -25.01
C VAL D 228 2.93 -22.45 -24.67
N VAL D 229 3.65 -22.89 -25.69
CA VAL D 229 4.90 -23.61 -25.51
C VAL D 229 6.00 -22.67 -25.04
N GLU D 230 6.11 -21.51 -25.69
CA GLU D 230 7.12 -20.52 -25.33
C GLU D 230 6.87 -19.95 -23.94
N PHE D 231 5.62 -20.06 -23.48
CA PHE D 231 5.24 -19.55 -22.16
C PHE D 231 5.61 -20.55 -21.08
N LEU D 232 5.19 -21.80 -21.28
CA LEU D 232 5.46 -22.87 -20.32
C LEU D 232 6.92 -23.32 -20.32
N CYS D 233 7.81 -22.43 -20.77
CA CYS D 233 9.23 -22.76 -20.81
C CYS D 233 10.03 -21.86 -19.87
N HIS D 234 9.44 -20.75 -19.45
CA HIS D 234 10.12 -19.83 -18.56
C HIS D 234 9.82 -20.15 -17.09
N PRO D 235 10.83 -20.03 -16.23
CA PRO D 235 10.68 -20.31 -14.80
C PRO D 235 9.57 -19.47 -14.16
N GLU D 236 9.33 -18.29 -14.71
CA GLU D 236 8.29 -17.39 -14.20
C GLU D 236 6.91 -18.02 -14.34
N ALA D 237 6.65 -18.60 -15.51
CA ALA D 237 5.36 -19.24 -15.78
C ALA D 237 4.93 -20.19 -14.66
N ALA D 238 5.88 -20.95 -14.14
CA ALA D 238 5.59 -21.89 -13.06
C ALA D 238 5.04 -21.16 -11.84
N THR D 239 5.69 -20.06 -11.49
CA THR D 239 5.29 -19.25 -10.34
C THR D 239 3.90 -18.68 -10.55
N ALA D 240 3.56 -18.39 -11.79
CA ALA D 240 2.27 -17.81 -12.15
C ALA D 240 1.12 -18.80 -12.06
N ILE D 241 1.37 -20.04 -12.49
CA ILE D 241 0.35 -21.08 -12.47
C ILE D 241 0.08 -21.64 -11.07
N CYS D 242 1.14 -21.90 -10.33
CA CYS D 242 1.01 -22.45 -8.98
C CYS D 242 0.41 -21.47 -7.99
N SER D 243 0.65 -20.18 -8.20
CA SER D 243 0.13 -19.14 -7.32
C SER D 243 -1.36 -18.88 -7.52
N ALA D 244 -1.78 -18.87 -8.78
CA ALA D 244 -3.18 -18.63 -9.13
C ALA D 244 -4.15 -19.58 -8.42
N PHE D 245 -3.67 -20.76 -8.07
CA PHE D 245 -4.51 -21.74 -7.38
C PHE D 245 -4.57 -21.56 -5.88
N TYR D 246 -3.87 -20.56 -5.36
CA TYR D 246 -3.86 -20.30 -3.92
C TYR D 246 -5.30 -20.30 -3.39
N GLN D 247 -5.49 -20.87 -2.20
CA GLN D 247 -6.81 -20.97 -1.61
C GLN D 247 -7.20 -19.79 -0.73
N SER D 248 -6.22 -19.11 -0.16
CA SER D 248 -6.50 -17.98 0.73
C SER D 248 -6.86 -16.68 0.02
N PHE D 249 -6.72 -16.64 -1.30
CA PHE D 249 -7.07 -15.43 -2.05
C PHE D 249 -8.54 -15.07 -1.80
N ASN D 250 -9.29 -16.03 -1.28
CA ASN D 250 -10.71 -15.85 -1.01
C ASN D 250 -10.98 -15.19 0.33
N VAL D 251 -9.97 -15.15 1.20
CA VAL D 251 -10.13 -14.55 2.53
C VAL D 251 -10.64 -13.11 2.46
N PRO D 252 -9.99 -12.26 1.64
CA PRO D 252 -10.41 -10.86 1.52
C PRO D 252 -11.91 -10.67 1.30
N ALA D 253 -12.48 -11.45 0.39
CA ALA D 253 -13.91 -11.36 0.09
C ALA D 253 -14.76 -12.15 1.07
N LEU D 254 -14.33 -13.36 1.41
CA LEU D 254 -15.08 -14.21 2.33
C LEU D 254 -15.37 -13.52 3.66
N THR D 255 -14.35 -12.88 4.23
CA THR D 255 -14.50 -12.19 5.50
C THR D 255 -15.52 -11.06 5.39
N LEU D 256 -16.16 -10.96 4.23
CA LEU D 256 -17.15 -9.92 4.00
C LEU D 256 -18.53 -10.56 3.94
N THR D 257 -18.64 -11.72 3.29
CA THR D 257 -19.92 -12.41 3.17
C THR D 257 -19.92 -13.90 3.53
N HIS D 258 -18.97 -14.33 4.34
CA HIS D 258 -18.89 -15.73 4.73
C HIS D 258 -20.16 -16.15 5.45
N GLU D 259 -20.86 -15.19 6.05
CA GLU D 259 -22.10 -15.51 6.75
C GLU D 259 -23.20 -15.91 5.78
N ARG D 260 -23.41 -15.12 4.74
CA ARG D 260 -24.44 -15.42 3.75
C ARG D 260 -24.01 -16.59 2.86
N ILE D 261 -22.72 -16.90 2.88
CA ILE D 261 -22.19 -17.99 2.07
C ILE D 261 -22.59 -19.33 2.70
N SER D 262 -22.64 -19.37 4.02
CA SER D 262 -23.02 -20.59 4.73
C SER D 262 -24.52 -20.82 4.61
N LYS D 263 -25.28 -19.74 4.61
CA LYS D 263 -26.73 -19.83 4.50
C LYS D 263 -27.09 -20.51 3.18
N ALA D 264 -26.20 -20.37 2.20
CA ALA D 264 -26.41 -20.97 0.88
C ALA D 264 -26.04 -22.45 0.96
N SER D 265 -25.07 -22.75 1.81
CA SER D 265 -24.61 -24.12 1.99
C SER D 265 -25.69 -24.95 2.68
N GLU D 266 -26.45 -24.30 3.57
CA GLU D 266 -27.52 -24.98 4.29
C GLU D 266 -28.70 -25.28 3.38
N TYR D 267 -29.10 -24.28 2.59
CA TYR D 267 -30.22 -24.44 1.68
C TYR D 267 -29.93 -25.53 0.65
N ASN D 268 -28.66 -25.91 0.55
CA ASN D 268 -28.25 -26.95 -0.41
C ASN D 268 -28.08 -28.32 0.25
N ALA D 269 -27.52 -28.33 1.46
CA ALA D 269 -27.31 -29.59 2.18
C ALA D 269 -28.63 -30.29 2.41
N GLU D 270 -29.69 -29.51 2.59
CA GLU D 270 -31.02 -30.06 2.82
C GLU D 270 -31.70 -30.40 1.51
N ARG D 271 -31.51 -29.54 0.50
CA ARG D 271 -32.09 -29.76 -0.82
C ARG D 271 -31.32 -30.81 -1.63
N SER D 272 -30.26 -31.33 -1.05
CA SER D 272 -29.43 -32.34 -1.71
C SER D 272 -28.92 -31.87 -3.08
N LEU D 273 -28.85 -30.55 -3.25
CA LEU D 273 -28.38 -29.98 -4.51
C LEU D 273 -26.94 -30.48 -4.63
N ASP D 274 -26.70 -31.34 -5.62
CA ASP D 274 -25.38 -31.89 -5.85
C ASP D 274 -24.54 -30.80 -6.49
N THR D 275 -23.82 -30.06 -5.66
CA THR D 275 -22.96 -28.98 -6.13
C THR D 275 -21.68 -28.93 -5.29
N PRO D 276 -20.51 -28.89 -5.95
CA PRO D 276 -19.23 -28.84 -5.25
C PRO D 276 -19.05 -27.57 -4.41
N ASN D 277 -18.09 -27.61 -3.50
CA ASN D 277 -17.80 -26.46 -2.63
C ASN D 277 -17.60 -25.20 -3.44
N ALA D 278 -16.58 -25.19 -4.29
CA ALA D 278 -16.27 -24.04 -5.12
C ALA D 278 -15.69 -24.46 -6.47
N CYS D 279 -15.51 -23.49 -7.36
CA CYS D 279 -14.96 -23.75 -8.67
C CYS D 279 -13.92 -22.67 -9.00
N ILE D 280 -12.88 -23.04 -9.74
CA ILE D 280 -11.84 -22.10 -10.10
C ILE D 280 -11.75 -21.88 -11.61
N ASN D 281 -11.68 -20.61 -12.00
CA ASN D 281 -11.57 -20.24 -13.41
C ASN D 281 -10.39 -19.28 -13.53
N ILE D 282 -9.26 -19.80 -14.02
CA ILE D 282 -8.06 -19.00 -14.17
C ILE D 282 -7.82 -18.51 -15.59
N SER D 283 -7.16 -17.35 -15.70
CA SER D 283 -6.85 -16.74 -16.99
C SER D 283 -5.46 -16.12 -16.94
N ILE D 284 -4.48 -16.78 -17.54
CA ILE D 284 -3.11 -16.28 -17.57
C ILE D 284 -2.71 -15.84 -18.97
N SER D 285 -2.29 -14.58 -19.09
CA SER D 285 -1.87 -14.04 -20.38
C SER D 285 -0.53 -13.31 -20.27
N GLN D 286 0.31 -13.50 -21.28
CA GLN D 286 1.63 -12.88 -21.33
C GLN D 286 1.72 -11.95 -22.53
N SER D 287 1.71 -10.65 -22.28
CA SER D 287 1.79 -9.65 -23.34
C SER D 287 3.10 -9.78 -24.11
N SER D 288 3.07 -9.37 -25.38
CA SER D 288 4.25 -9.44 -26.23
C SER D 288 5.39 -8.64 -25.60
N ASP D 289 5.05 -7.80 -24.64
CA ASP D 289 6.03 -6.97 -23.94
C ASP D 289 6.85 -7.82 -22.99
N GLY D 290 6.28 -8.95 -22.58
CA GLY D 290 6.98 -9.84 -21.66
C GLY D 290 6.27 -10.00 -20.33
N ASN D 291 5.48 -9.00 -19.97
CA ASN D 291 4.73 -9.02 -18.71
C ASN D 291 3.80 -10.23 -18.62
N ILE D 292 3.66 -10.76 -17.41
CA ILE D 292 2.80 -11.91 -17.17
C ILE D 292 1.70 -11.52 -16.18
N TYR D 293 0.45 -11.60 -16.64
CA TYR D 293 -0.69 -11.25 -15.81
C TYR D 293 -1.51 -12.49 -15.50
N VAL D 294 -1.83 -12.69 -14.22
CA VAL D 294 -2.61 -13.85 -13.80
C VAL D 294 -3.89 -13.44 -13.09
N THR D 295 -5.02 -13.83 -13.65
CA THR D 295 -6.32 -13.51 -13.08
C THR D 295 -7.05 -14.80 -12.71
N SER D 296 -7.19 -15.04 -11.41
CA SER D 296 -7.86 -16.25 -10.92
C SER D 296 -9.04 -15.96 -10.00
N HIS D 297 -10.24 -16.06 -10.55
CA HIS D 297 -11.45 -15.82 -9.77
C HIS D 297 -12.11 -17.14 -9.36
N THR D 298 -12.44 -17.26 -8.08
CA THR D 298 -13.06 -18.47 -7.55
C THR D 298 -14.57 -18.28 -7.44
N GLY D 299 -15.32 -19.37 -7.61
CA GLY D 299 -16.77 -19.29 -7.53
C GLY D 299 -17.33 -20.02 -6.31
N VAL D 300 -18.36 -19.43 -5.70
CA VAL D 300 -19.00 -20.01 -4.53
C VAL D 300 -20.46 -19.58 -4.41
N LEU D 301 -21.34 -20.55 -4.18
CA LEU D 301 -22.77 -20.27 -4.05
C LEU D 301 -23.01 -19.43 -2.81
N ILE D 302 -23.83 -18.39 -2.94
CA ILE D 302 -24.13 -17.50 -1.84
C ILE D 302 -25.61 -17.12 -1.81
N MET D 303 -26.15 -16.92 -0.60
CA MET D 303 -27.55 -16.56 -0.43
C MET D 303 -27.74 -15.06 -0.58
N ALA D 304 -28.77 -14.67 -1.34
CA ALA D 304 -29.07 -13.26 -1.56
C ALA D 304 -29.31 -12.56 -0.23
N PRO D 305 -29.29 -11.22 -0.22
CA PRO D 305 -29.52 -10.43 0.99
C PRO D 305 -30.91 -10.66 1.58
N GLU D 306 -31.19 -10.00 2.70
CA GLU D 306 -32.47 -10.13 3.37
C GLU D 306 -33.72 -9.77 2.55
N ASP D 307 -33.66 -8.64 1.86
CA ASP D 307 -34.77 -8.17 1.05
C ASP D 307 -35.26 -9.16 -0.01
N ARG D 308 -34.34 -9.97 -0.53
CA ARG D 308 -34.69 -10.94 -1.56
C ARG D 308 -34.52 -12.37 -1.05
N PRO D 309 -35.56 -12.93 -0.41
CA PRO D 309 -35.55 -14.28 0.13
C PRO D 309 -35.57 -15.47 -0.83
N ASN D 310 -34.93 -16.57 -0.40
CA ASN D 310 -34.84 -17.81 -1.16
C ASN D 310 -34.31 -17.63 -2.58
N GLU D 311 -33.42 -16.66 -2.78
CA GLU D 311 -32.84 -16.42 -4.09
C GLU D 311 -31.34 -16.67 -4.02
N MET D 312 -30.90 -17.79 -4.59
CA MET D 312 -29.49 -18.15 -4.56
C MET D 312 -28.69 -17.67 -5.76
N GLY D 313 -27.41 -17.42 -5.53
CA GLY D 313 -26.52 -16.96 -6.58
C GLY D 313 -25.11 -17.48 -6.38
N MET D 314 -24.13 -16.80 -6.96
CA MET D 314 -22.73 -17.21 -6.84
C MET D 314 -21.81 -16.02 -6.66
N LEU D 315 -20.91 -16.13 -5.69
CA LEU D 315 -19.94 -15.08 -5.41
C LEU D 315 -18.69 -15.36 -6.25
N THR D 316 -18.14 -14.33 -6.88
CA THR D 316 -16.97 -14.49 -7.72
C THR D 316 -15.77 -13.71 -7.17
N ASN D 317 -15.04 -14.33 -6.26
CA ASN D 317 -13.87 -13.69 -5.66
C ASN D 317 -12.70 -13.73 -6.63
N ARG D 318 -12.48 -12.61 -7.33
CA ARG D 318 -11.40 -12.50 -8.30
C ARG D 318 -10.11 -12.00 -7.68
N THR D 319 -8.99 -12.50 -8.20
CA THR D 319 -7.67 -12.12 -7.72
C THR D 319 -6.72 -11.97 -8.90
N SER D 320 -6.36 -10.74 -9.22
CA SER D 320 -5.46 -10.46 -10.33
C SER D 320 -4.14 -9.85 -9.86
N TYR D 321 -3.04 -10.26 -10.51
CA TYR D 321 -1.72 -9.77 -10.16
C TYR D 321 -0.71 -10.00 -11.28
N GLU D 322 0.45 -9.39 -11.16
CA GLU D 322 1.50 -9.53 -12.18
C GLU D 322 2.65 -10.41 -11.67
N VAL D 323 3.34 -11.05 -12.61
CA VAL D 323 4.46 -11.90 -12.27
C VAL D 323 5.77 -11.25 -12.70
N PRO D 324 6.48 -10.61 -11.76
CA PRO D 324 7.75 -9.92 -12.03
C PRO D 324 8.65 -10.86 -12.84
N GLN D 325 9.37 -10.28 -13.81
CA GLN D 325 10.25 -11.06 -14.66
C GLN D 325 11.44 -11.49 -13.82
N GLY D 326 11.37 -12.71 -13.28
CA GLY D 326 12.44 -13.24 -12.45
C GLY D 326 11.92 -14.07 -11.30
N VAL D 327 10.74 -13.72 -10.79
CA VAL D 327 10.12 -14.45 -9.70
C VAL D 327 10.06 -15.94 -10.00
N LYS D 328 10.80 -16.75 -9.24
CA LYS D 328 10.81 -18.19 -9.44
C LYS D 328 9.82 -18.89 -8.51
N CYS D 329 9.34 -20.05 -8.94
CA CYS D 329 8.36 -20.81 -8.18
C CYS D 329 8.87 -21.37 -6.84
N THR D 330 9.04 -20.47 -5.87
CA THR D 330 9.49 -20.87 -4.54
C THR D 330 8.58 -20.19 -3.52
N ILE D 331 8.11 -20.96 -2.55
CA ILE D 331 7.23 -20.45 -1.50
C ILE D 331 7.65 -19.09 -0.98
N ASP D 332 8.95 -18.81 -1.01
CA ASP D 332 9.49 -17.54 -0.53
C ASP D 332 9.23 -16.37 -1.48
N GLU D 333 9.97 -16.34 -2.59
CA GLU D 333 9.82 -15.26 -3.57
C GLU D 333 8.37 -14.87 -3.85
N MET D 334 7.51 -15.87 -4.00
CA MET D 334 6.09 -15.63 -4.27
C MET D 334 5.45 -14.68 -3.27
N VAL D 335 5.92 -14.72 -2.03
CA VAL D 335 5.39 -13.87 -0.98
C VAL D 335 5.98 -12.46 -0.96
N ARG D 336 7.26 -12.35 -1.29
CA ARG D 336 7.95 -11.06 -1.27
C ARG D 336 7.65 -10.23 -2.53
N ALA D 337 7.56 -10.88 -3.67
CA ALA D 337 7.36 -10.18 -4.94
C ALA D 337 5.92 -9.76 -5.24
N LEU D 338 5.03 -10.73 -5.35
CA LEU D 338 3.67 -10.50 -5.83
C LEU D 338 2.74 -9.62 -4.98
N GLN D 339 1.94 -8.79 -5.65
CA GLN D 339 1.00 -7.90 -4.99
C GLN D 339 -0.39 -8.04 -5.62
N PRO D 340 -1.16 -9.04 -5.19
CA PRO D 340 -2.51 -9.33 -5.69
C PRO D 340 -3.60 -8.32 -5.33
N ARG D 341 -4.51 -8.09 -6.27
CA ARG D 341 -5.65 -7.20 -6.05
C ARG D 341 -6.87 -8.08 -5.89
N TYR D 342 -7.56 -7.93 -4.76
CA TYR D 342 -8.74 -8.73 -4.47
C TYR D 342 -10.08 -8.02 -4.61
N ALA D 343 -10.99 -8.64 -5.37
CA ALA D 343 -12.31 -8.08 -5.59
C ALA D 343 -13.31 -9.15 -6.01
N ALA D 344 -14.47 -9.18 -5.38
CA ALA D 344 -15.50 -10.17 -5.69
C ALA D 344 -16.77 -9.50 -6.21
N SER D 345 -17.78 -10.32 -6.47
CA SER D 345 -19.06 -9.83 -6.98
C SER D 345 -20.12 -10.92 -6.86
N GLU D 346 -21.33 -10.54 -6.48
CA GLU D 346 -22.42 -11.49 -6.31
C GLU D 346 -23.30 -11.53 -7.57
N THR D 347 -23.59 -12.73 -8.05
CA THR D 347 -24.41 -12.90 -9.24
C THR D 347 -25.59 -13.79 -8.90
N TYR D 348 -26.81 -13.31 -9.17
CA TYR D 348 -28.01 -14.08 -8.87
C TYR D 348 -28.79 -14.49 -10.11
N LEU D 349 -29.30 -15.72 -10.09
CA LEU D 349 -30.06 -16.28 -11.20
C LEU D 349 -31.22 -15.38 -11.63
N GLN D 350 -31.67 -15.57 -12.86
CA GLN D 350 -32.77 -14.79 -13.42
C GLN D 350 -34.07 -15.55 -13.14
N ASN D 351 -34.63 -15.34 -11.95
CA ASN D 351 -35.85 -16.02 -11.56
C ASN D 351 -36.82 -15.05 -10.87
N PRO E 1 -40.78 -32.40 13.65
CA PRO E 1 -39.50 -32.98 14.09
C PRO E 1 -39.45 -34.49 13.90
N GLU E 2 -38.93 -34.93 12.76
CA GLU E 2 -38.83 -36.36 12.46
C GLU E 2 -37.52 -36.92 13.00
N TYR E 3 -36.68 -36.05 13.55
CA TYR E 3 -35.39 -36.44 14.09
C TYR E 3 -35.37 -36.33 15.61
N ASP E 4 -34.59 -37.20 16.26
CA ASP E 4 -34.47 -37.21 17.71
C ASP E 4 -33.33 -36.33 18.19
N TYR E 5 -32.31 -36.17 17.36
CA TYR E 5 -31.16 -35.35 17.71
C TYR E 5 -30.71 -34.45 16.57
N LEU E 6 -29.98 -33.39 16.93
CA LEU E 6 -29.46 -32.42 15.96
C LEU E 6 -28.11 -32.09 16.59
N PHE E 7 -27.04 -32.59 15.99
CA PHE E 7 -25.69 -32.36 16.49
C PHE E 7 -24.95 -31.64 15.38
N LYS E 8 -24.00 -30.79 15.77
CA LYS E 8 -23.18 -30.05 14.83
C LYS E 8 -21.71 -30.36 15.07
N LEU E 9 -21.08 -30.99 14.10
CA LEU E 9 -19.67 -31.38 14.20
C LEU E 9 -18.80 -30.48 13.33
N LEU E 10 -17.67 -30.05 13.89
CA LEU E 10 -16.75 -29.19 13.15
C LEU E 10 -15.40 -29.90 12.96
N LEU E 11 -14.83 -29.77 11.78
CA LEU E 11 -13.56 -30.41 11.46
C LEU E 11 -12.47 -29.38 11.24
N ILE E 12 -11.49 -29.35 12.14
CA ILE E 12 -10.38 -28.41 12.04
C ILE E 12 -9.04 -29.14 12.02
N GLY E 13 -8.04 -28.50 11.43
CA GLY E 13 -6.72 -29.10 11.35
C GLY E 13 -5.93 -28.55 10.18
N ASP E 14 -4.63 -28.82 10.15
CA ASP E 14 -3.78 -28.35 9.06
C ASP E 14 -4.39 -28.64 7.70
N SER E 15 -4.14 -27.73 6.76
CA SER E 15 -4.67 -27.87 5.41
C SER E 15 -3.89 -28.90 4.59
N GLY E 16 -4.61 -29.83 3.98
CA GLY E 16 -3.96 -30.85 3.17
C GLY E 16 -4.01 -32.25 3.77
N VAL E 17 -4.47 -32.35 5.01
CA VAL E 17 -4.50 -33.62 5.72
C VAL E 17 -5.86 -34.32 5.74
N GLY E 18 -6.65 -34.14 4.69
CA GLY E 18 -7.90 -34.87 4.52
C GLY E 18 -8.99 -34.72 5.57
N LYS E 19 -9.53 -33.50 5.67
CA LYS E 19 -10.72 -33.24 6.46
C LYS E 19 -11.95 -33.49 5.58
N SER E 20 -11.84 -33.15 4.30
CA SER E 20 -12.91 -33.43 3.34
C SER E 20 -13.10 -34.89 2.97
N CYS E 21 -11.99 -35.58 2.69
CA CYS E 21 -12.04 -36.99 2.32
C CYS E 21 -12.82 -37.71 3.41
N LEU E 22 -12.46 -37.42 4.67
CA LEU E 22 -13.13 -38.04 5.81
C LEU E 22 -14.62 -37.69 5.84
N LEU E 23 -14.93 -36.44 5.53
CA LEU E 23 -16.31 -35.97 5.52
C LEU E 23 -17.12 -36.69 4.44
N LEU E 24 -16.56 -36.74 3.23
CA LEU E 24 -17.24 -37.37 2.11
C LEU E 24 -17.45 -38.89 2.20
N ARG E 25 -16.43 -39.60 2.66
CA ARG E 25 -16.50 -41.05 2.80
C ARG E 25 -17.53 -41.42 3.86
N PHE E 26 -17.75 -40.50 4.81
CA PHE E 26 -18.70 -40.72 5.89
C PHE E 26 -20.12 -40.31 5.51
N ALA E 27 -20.25 -39.33 4.63
CA ALA E 27 -21.55 -38.84 4.19
C ALA E 27 -21.98 -39.50 2.89
N ASP E 28 -21.02 -39.77 1.99
CA ASP E 28 -21.35 -40.32 0.68
C ASP E 28 -20.68 -41.65 0.29
N ASP E 29 -19.79 -42.16 1.15
CA ASP E 29 -19.09 -43.41 0.86
C ASP E 29 -18.37 -43.31 -0.49
N THR E 30 -17.45 -42.35 -0.59
CA THR E 30 -16.68 -42.16 -1.82
C THR E 30 -15.34 -41.49 -1.52
N TYR E 31 -14.49 -41.39 -2.53
CA TYR E 31 -13.18 -40.77 -2.36
C TYR E 31 -12.63 -40.50 -3.77
N THR E 32 -12.14 -39.28 -3.98
CA THR E 32 -11.58 -38.87 -5.25
C THR E 32 -10.93 -37.49 -5.09
N GLU E 33 -9.96 -37.19 -5.95
CA GLU E 33 -9.26 -35.91 -5.90
C GLU E 33 -9.81 -34.95 -6.95
N SER E 34 -10.92 -35.33 -7.58
CA SER E 34 -11.53 -34.50 -8.61
C SER E 34 -12.14 -33.23 -8.01
N TYR E 35 -11.92 -33.03 -6.71
CA TYR E 35 -12.44 -31.87 -6.01
C TYR E 35 -11.31 -30.89 -5.71
N ILE E 36 -11.63 -29.59 -5.75
CA ILE E 36 -10.63 -28.57 -5.47
C ILE E 36 -10.63 -28.24 -3.98
N SER E 37 -9.52 -27.67 -3.52
CA SER E 37 -9.38 -27.30 -2.11
C SER E 37 -10.62 -26.56 -1.63
N THR E 38 -11.09 -26.89 -0.44
CA THR E 38 -12.28 -26.24 0.12
C THR E 38 -11.99 -24.78 0.41
N ILE E 39 -12.89 -23.91 -0.03
CA ILE E 39 -12.76 -22.47 0.16
C ILE E 39 -13.71 -21.98 1.23
N GLY E 40 -13.19 -21.83 2.45
CA GLY E 40 -14.01 -21.35 3.56
C GLY E 40 -14.61 -22.48 4.38
N VAL E 41 -15.93 -22.56 4.39
CA VAL E 41 -16.63 -23.59 5.15
C VAL E 41 -17.59 -24.40 4.28
N ASP E 42 -17.47 -25.72 4.37
CA ASP E 42 -18.33 -26.62 3.60
C ASP E 42 -19.39 -27.16 4.56
N PHE E 43 -20.53 -27.57 4.03
CA PHE E 43 -21.60 -28.09 4.88
C PHE E 43 -22.26 -29.34 4.28
N LYS E 44 -22.17 -30.45 5.01
CA LYS E 44 -22.76 -31.70 4.57
C LYS E 44 -23.63 -32.31 5.67
N ILE E 45 -24.44 -33.29 5.30
CA ILE E 45 -25.34 -33.94 6.26
C ILE E 45 -25.36 -35.46 6.10
N ARG E 46 -25.46 -36.16 7.23
CA ARG E 46 -25.51 -37.61 7.24
C ARG E 46 -26.22 -38.09 8.49
N THR E 47 -27.41 -38.65 8.32
CA THR E 47 -28.20 -39.15 9.44
C THR E 47 -27.83 -40.59 9.76
N ILE E 48 -27.64 -40.89 11.04
CA ILE E 48 -27.28 -42.23 11.47
C ILE E 48 -28.31 -42.80 12.44
N GLU E 49 -28.07 -44.02 12.90
CA GLU E 49 -28.96 -44.70 13.85
C GLU E 49 -28.15 -45.39 14.93
N LEU E 50 -28.20 -44.84 16.15
CA LEU E 50 -27.49 -45.41 17.27
C LEU E 50 -28.35 -45.28 18.53
N ASP E 51 -28.47 -46.37 19.28
CA ASP E 51 -29.27 -46.41 20.49
C ASP E 51 -30.74 -46.23 20.18
N GLY E 52 -31.14 -46.62 18.97
CA GLY E 52 -32.52 -46.49 18.56
C GLY E 52 -33.01 -45.06 18.57
N LYS E 53 -32.21 -44.18 17.97
CA LYS E 53 -32.54 -42.76 17.91
C LYS E 53 -32.14 -42.16 16.56
N THR E 54 -32.97 -41.27 16.03
CA THR E 54 -32.69 -40.62 14.76
C THR E 54 -31.68 -39.50 15.00
N ILE E 55 -30.41 -39.79 14.79
CA ILE E 55 -29.35 -38.82 15.01
C ILE E 55 -28.95 -38.08 13.74
N LYS E 56 -29.71 -37.04 13.39
CA LYS E 56 -29.40 -36.24 12.20
C LYS E 56 -28.14 -35.44 12.49
N LEU E 57 -27.20 -35.44 11.55
CA LEU E 57 -25.96 -34.70 11.74
C LEU E 57 -25.82 -33.49 10.83
N GLN E 58 -25.00 -32.55 11.26
CA GLN E 58 -24.74 -31.32 10.52
C GLN E 58 -23.25 -31.01 10.63
N ILE E 59 -22.47 -31.68 9.80
CA ILE E 59 -21.02 -31.50 9.79
C ILE E 59 -20.58 -30.26 9.03
N TRP E 60 -19.73 -29.45 9.67
CA TRP E 60 -19.22 -28.24 9.05
C TRP E 60 -17.71 -28.38 8.80
N ASP E 61 -17.32 -28.27 7.54
CA ASP E 61 -15.91 -28.38 7.17
C ASP E 61 -15.30 -27.00 7.02
N THR E 62 -14.03 -26.86 7.41
CA THR E 62 -13.35 -25.58 7.33
C THR E 62 -11.95 -25.71 6.75
N ALA E 63 -11.51 -24.67 6.06
CA ALA E 63 -10.18 -24.65 5.46
C ALA E 63 -9.13 -24.74 6.54
N GLY E 64 -7.86 -24.91 6.15
CA GLY E 64 -6.79 -25.02 7.11
C GLY E 64 -5.77 -23.90 7.09
N GLN E 65 -5.59 -23.29 5.92
CA GLN E 65 -4.62 -22.21 5.78
C GLN E 65 -4.76 -21.20 6.92
N GLU E 66 -3.62 -20.86 7.52
CA GLU E 66 -3.58 -19.93 8.64
C GLU E 66 -4.45 -18.68 8.45
N ARG E 67 -4.60 -18.25 7.20
CA ARG E 67 -5.40 -17.07 6.89
C ARG E 67 -6.89 -17.25 7.18
N PHE E 68 -7.37 -18.47 7.05
CA PHE E 68 -8.78 -18.77 7.30
C PHE E 68 -9.06 -18.96 8.78
N ARG E 69 -8.09 -18.61 9.62
CA ARG E 69 -8.23 -18.74 11.07
C ARG E 69 -9.32 -17.80 11.60
N THR E 70 -9.16 -16.52 11.31
CA THR E 70 -10.11 -15.50 11.77
C THR E 70 -11.54 -15.75 11.31
N ILE E 71 -11.69 -16.19 10.07
CA ILE E 71 -13.01 -16.45 9.50
C ILE E 71 -13.66 -17.73 10.03
N THR E 72 -12.84 -18.71 10.41
CA THR E 72 -13.35 -19.98 10.92
C THR E 72 -13.84 -19.89 12.37
N SER E 73 -13.30 -18.94 13.12
CA SER E 73 -13.68 -18.77 14.53
C SER E 73 -15.19 -18.57 14.70
N SER E 74 -15.83 -17.99 13.68
CA SER E 74 -17.27 -17.74 13.72
C SER E 74 -18.08 -19.01 13.53
N TYR E 75 -17.46 -20.16 13.75
CA TYR E 75 -18.13 -21.44 13.58
C TYR E 75 -17.97 -22.35 14.80
N TYR E 76 -17.02 -22.02 15.67
CA TYR E 76 -16.77 -22.82 16.87
C TYR E 76 -17.85 -22.65 17.93
N ARG E 77 -18.78 -21.73 17.68
CA ARG E 77 -19.86 -21.45 18.62
C ARG E 77 -20.82 -22.53 19.12
N GLY E 78 -21.65 -23.05 18.23
CA GLY E 78 -22.64 -24.05 18.60
C GLY E 78 -22.07 -25.37 18.14
N ALA E 79 -20.84 -25.66 18.57
CA ALA E 79 -20.19 -26.91 18.20
C ALA E 79 -20.36 -27.97 19.28
N HIS E 80 -20.91 -29.11 18.90
CA HIS E 80 -21.13 -30.22 19.81
C HIS E 80 -19.93 -31.16 19.80
N GLY E 81 -19.03 -30.93 18.85
CA GLY E 81 -17.84 -31.74 18.73
C GLY E 81 -16.82 -31.10 17.80
N ILE E 82 -15.56 -31.50 17.96
CA ILE E 82 -14.48 -30.95 17.13
C ILE E 82 -13.44 -32.03 16.83
N ILE E 83 -13.46 -32.53 15.60
CA ILE E 83 -12.52 -33.57 15.17
C ILE E 83 -11.24 -32.95 14.62
N VAL E 84 -10.28 -32.69 15.50
CA VAL E 84 -9.01 -32.11 15.08
C VAL E 84 -8.22 -33.17 14.33
N VAL E 85 -8.32 -33.14 13.00
CA VAL E 85 -7.64 -34.10 12.16
C VAL E 85 -6.20 -33.67 11.84
N TYR E 86 -5.31 -34.65 11.75
CA TYR E 86 -3.91 -34.38 11.44
C TYR E 86 -3.38 -35.51 10.54
N ASP E 87 -2.44 -35.17 9.67
CA ASP E 87 -1.87 -36.17 8.76
C ASP E 87 -0.78 -36.96 9.47
N VAL E 88 -0.96 -38.29 9.52
CA VAL E 88 0.01 -39.16 10.18
C VAL E 88 1.25 -39.40 9.32
N THR E 89 1.34 -38.69 8.20
CA THR E 89 2.48 -38.83 7.30
C THR E 89 3.29 -37.54 7.26
N ASP E 90 2.69 -36.45 7.75
CA ASP E 90 3.36 -35.15 7.78
C ASP E 90 3.58 -34.74 9.23
N GLN E 91 4.83 -34.84 9.68
CA GLN E 91 5.19 -34.49 11.06
C GLN E 91 4.66 -33.12 11.47
N GLU E 92 4.77 -32.15 10.57
CA GLU E 92 4.30 -30.80 10.85
C GLU E 92 2.86 -30.79 11.35
N SER E 93 1.97 -31.39 10.58
CA SER E 93 0.55 -31.45 10.93
C SER E 93 0.31 -32.14 12.27
N PHE E 94 1.29 -32.91 12.74
CA PHE E 94 1.17 -33.62 14.00
C PHE E 94 1.49 -32.71 15.19
N ASN E 95 2.37 -31.74 14.97
CA ASN E 95 2.77 -30.82 16.03
C ASN E 95 1.70 -29.77 16.25
N ASN E 96 1.15 -29.25 15.15
CA ASN E 96 0.12 -28.22 15.19
C ASN E 96 -1.17 -28.71 15.85
N VAL E 97 -1.31 -30.02 16.00
CA VAL E 97 -2.50 -30.60 16.62
C VAL E 97 -2.73 -29.97 17.99
N LYS E 98 -1.66 -29.46 18.59
CA LYS E 98 -1.74 -28.83 19.90
C LYS E 98 -2.29 -27.41 19.76
N GLN E 99 -1.89 -26.73 18.69
CA GLN E 99 -2.33 -25.38 18.41
C GLN E 99 -3.81 -25.33 18.06
N TRP E 100 -4.28 -26.30 17.28
CA TRP E 100 -5.69 -26.34 16.91
C TRP E 100 -6.55 -26.56 18.13
N LEU E 101 -5.98 -27.19 19.15
CA LEU E 101 -6.69 -27.45 20.40
C LEU E 101 -6.85 -26.15 21.17
N GLN E 102 -5.86 -25.27 21.07
CA GLN E 102 -5.89 -23.99 21.75
C GLN E 102 -7.01 -23.13 21.15
N GLU E 103 -7.04 -23.07 19.82
CA GLU E 103 -8.06 -22.29 19.12
C GLU E 103 -9.43 -22.71 19.63
N ILE E 104 -9.59 -24.00 19.88
CA ILE E 104 -10.85 -24.57 20.38
C ILE E 104 -11.25 -23.94 21.71
N ASP E 105 -10.29 -23.82 22.63
CA ASP E 105 -10.56 -23.24 23.94
C ASP E 105 -11.00 -21.78 23.85
N ARG E 106 -10.27 -21.00 23.08
CA ARG E 106 -10.56 -19.57 22.92
C ARG E 106 -11.96 -19.37 22.32
N TYR E 107 -12.32 -20.20 21.35
CA TYR E 107 -13.61 -20.07 20.70
C TYR E 107 -14.77 -21.06 20.87
N ALA E 108 -14.45 -22.35 20.93
CA ALA E 108 -15.47 -23.38 21.08
C ALA E 108 -15.84 -23.45 22.56
N SER E 109 -17.00 -24.01 22.84
CA SER E 109 -17.48 -24.15 24.22
C SER E 109 -16.60 -25.02 25.10
N GLU E 110 -16.44 -24.60 26.35
CA GLU E 110 -15.63 -25.31 27.33
C GLU E 110 -15.88 -26.81 27.37
N ASN E 111 -17.10 -27.23 27.11
CA ASN E 111 -17.46 -28.64 27.14
C ASN E 111 -17.60 -29.29 25.75
N VAL E 112 -16.78 -28.87 24.80
CA VAL E 112 -16.83 -29.42 23.46
C VAL E 112 -16.16 -30.80 23.41
N ASN E 113 -16.82 -31.76 22.78
CA ASN E 113 -16.28 -33.11 22.68
C ASN E 113 -15.10 -33.16 21.72
N LYS E 114 -13.89 -33.21 22.27
CA LYS E 114 -12.68 -33.27 21.46
C LYS E 114 -12.37 -34.69 21.03
N LEU E 115 -12.27 -34.90 19.72
CA LEU E 115 -11.98 -36.22 19.17
C LEU E 115 -10.82 -36.14 18.18
N LEU E 116 -9.68 -36.70 18.56
CA LEU E 116 -8.49 -36.70 17.72
C LEU E 116 -8.57 -37.76 16.63
N VAL E 117 -7.94 -37.50 15.50
CA VAL E 117 -7.93 -38.43 14.38
C VAL E 117 -6.65 -38.35 13.56
N GLY E 118 -6.08 -39.53 13.25
CA GLY E 118 -4.87 -39.58 12.46
C GLY E 118 -5.35 -40.25 11.19
N ASN E 119 -5.48 -39.45 10.13
CA ASN E 119 -5.97 -39.95 8.84
C ASN E 119 -4.76 -40.26 7.96
N LYS E 120 -5.02 -40.90 6.83
CA LYS E 120 -3.99 -41.27 5.86
C LYS E 120 -2.97 -42.23 6.48
N CYS E 121 -3.45 -43.39 6.92
CA CYS E 121 -2.60 -44.40 7.54
C CYS E 121 -2.20 -45.48 6.54
N ASP E 122 -2.92 -45.55 5.43
CA ASP E 122 -2.63 -46.54 4.40
C ASP E 122 -1.20 -46.41 3.90
N LEU E 123 -0.72 -45.18 3.80
CA LEU E 123 0.64 -44.92 3.34
C LEU E 123 1.62 -45.08 4.49
N THR E 124 1.68 -46.30 5.03
CA THR E 124 2.57 -46.59 6.15
C THR E 124 4.04 -46.41 5.80
N THR E 125 4.38 -46.60 4.52
CA THR E 125 5.76 -46.46 4.08
C THR E 125 6.27 -45.04 4.31
N LYS E 126 5.40 -44.06 4.10
CA LYS E 126 5.76 -42.66 4.30
C LYS E 126 5.12 -42.07 5.55
N LYS E 127 4.86 -42.93 6.53
CA LYS E 127 4.26 -42.50 7.80
C LYS E 127 5.36 -42.10 8.78
N VAL E 128 5.02 -41.21 9.70
CA VAL E 128 5.99 -40.75 10.69
C VAL E 128 5.50 -40.80 12.15
N VAL E 129 4.19 -40.90 12.34
CA VAL E 129 3.62 -40.97 13.67
C VAL E 129 3.11 -42.30 14.23
N ASP E 130 3.89 -42.91 15.10
CA ASP E 130 3.53 -44.19 15.71
C ASP E 130 2.24 -44.09 16.52
N TYR E 131 1.40 -45.11 16.39
CA TYR E 131 0.12 -45.16 17.09
C TYR E 131 0.32 -44.81 18.57
N THR E 132 1.51 -45.11 19.09
CA THR E 132 1.84 -44.85 20.49
C THR E 132 2.18 -43.38 20.75
N THR E 133 2.99 -42.80 19.87
CA THR E 133 3.40 -41.40 20.04
C THR E 133 2.18 -40.49 20.16
N ALA E 134 1.25 -40.62 19.22
CA ALA E 134 0.03 -39.82 19.22
C ALA E 134 -0.87 -40.16 20.40
N LYS E 135 -1.21 -41.44 20.53
CA LYS E 135 -2.08 -41.91 21.61
C LYS E 135 -1.62 -41.35 22.95
N GLU E 136 -0.33 -41.04 23.03
CA GLU E 136 0.24 -40.48 24.26
C GLU E 136 -0.34 -39.11 24.61
N PHE E 137 -0.22 -38.17 23.68
CA PHE E 137 -0.74 -36.83 23.91
C PHE E 137 -2.26 -36.91 23.99
N ALA E 138 -2.85 -37.81 23.21
CA ALA E 138 -4.29 -37.99 23.19
C ALA E 138 -4.87 -38.49 24.51
N ASP E 139 -4.36 -39.62 24.99
CA ASP E 139 -4.82 -40.20 26.25
C ASP E 139 -4.42 -39.32 27.42
N SER E 140 -3.45 -38.44 27.20
CA SER E 140 -2.98 -37.53 28.24
C SER E 140 -4.04 -36.48 28.54
N LEU E 141 -4.92 -36.24 27.57
CA LEU E 141 -5.98 -35.26 27.72
C LEU E 141 -7.43 -35.76 27.66
N GLY E 142 -7.58 -37.08 27.51
CA GLY E 142 -8.91 -37.66 27.43
C GLY E 142 -9.49 -37.54 26.04
N ILE E 143 -8.64 -37.69 25.04
CA ILE E 143 -9.06 -37.59 23.64
C ILE E 143 -9.01 -38.96 22.97
N PRO E 144 -10.18 -39.53 22.63
CA PRO E 144 -10.25 -40.83 21.98
C PRO E 144 -9.62 -40.83 20.58
N PHE E 145 -8.31 -41.01 20.55
CA PHE E 145 -7.55 -41.03 19.30
C PHE E 145 -7.70 -42.35 18.55
N LEU E 146 -7.92 -42.25 17.24
CA LEU E 146 -8.07 -43.43 16.40
C LEU E 146 -7.44 -43.17 15.04
N GLU E 147 -6.75 -44.17 14.50
CA GLU E 147 -6.12 -44.04 13.19
C GLU E 147 -7.13 -44.44 12.12
N THR E 148 -7.43 -43.51 11.22
CA THR E 148 -8.40 -43.77 10.15
C THR E 148 -7.81 -43.52 8.77
N SER E 149 -8.62 -43.79 7.75
CA SER E 149 -8.22 -43.61 6.37
C SER E 149 -9.49 -43.48 5.52
N ALA E 150 -9.60 -42.36 4.81
CA ALA E 150 -10.76 -42.10 3.96
C ALA E 150 -10.66 -42.85 2.64
N LYS E 151 -9.56 -43.54 2.42
CA LYS E 151 -9.35 -44.29 1.19
C LYS E 151 -9.75 -45.75 1.37
N ASN E 152 -9.27 -46.36 2.45
CA ASN E 152 -9.58 -47.75 2.76
C ASN E 152 -10.87 -47.82 3.57
N ALA E 153 -11.37 -46.66 3.97
CA ALA E 153 -12.59 -46.56 4.77
C ALA E 153 -12.35 -47.15 6.16
N THR E 154 -11.08 -47.20 6.57
CA THR E 154 -10.72 -47.74 7.88
C THR E 154 -11.16 -46.81 9.01
N ASN E 155 -11.94 -47.35 9.94
CA ASN E 155 -12.44 -46.60 11.08
C ASN E 155 -13.16 -45.31 10.71
N VAL E 156 -13.52 -45.17 9.43
CA VAL E 156 -14.22 -43.97 8.97
C VAL E 156 -15.60 -43.91 9.65
N GLU E 157 -16.26 -45.06 9.71
CA GLU E 157 -17.57 -45.16 10.32
C GLU E 157 -17.41 -45.23 11.84
N GLN E 158 -16.41 -45.97 12.28
CA GLN E 158 -16.13 -46.14 13.71
C GLN E 158 -15.72 -44.84 14.37
N SER E 159 -14.56 -44.31 14.00
CA SER E 159 -14.04 -43.07 14.56
C SER E 159 -14.98 -41.89 14.44
N PHE E 160 -16.04 -42.03 13.65
CA PHE E 160 -16.99 -40.94 13.48
C PHE E 160 -18.17 -41.09 14.43
N MET E 161 -18.67 -42.32 14.57
CA MET E 161 -19.78 -42.59 15.47
C MET E 161 -19.32 -42.40 16.91
N THR E 162 -18.01 -42.48 17.12
CA THR E 162 -17.42 -42.31 18.44
C THR E 162 -17.86 -40.98 19.05
N MET E 163 -18.02 -39.98 18.19
CA MET E 163 -18.44 -38.66 18.63
C MET E 163 -19.95 -38.64 18.83
N ALA E 164 -20.65 -39.38 17.98
CA ALA E 164 -22.11 -39.47 18.04
C ALA E 164 -22.58 -40.02 19.39
N ALA E 165 -21.73 -40.81 20.03
CA ALA E 165 -22.06 -41.41 21.32
C ALA E 165 -21.47 -40.57 22.45
N GLU E 166 -20.22 -40.16 22.28
CA GLU E 166 -19.53 -39.36 23.28
C GLU E 166 -20.36 -38.13 23.62
N ILE E 167 -21.17 -37.69 22.66
CA ILE E 167 -22.02 -36.51 22.83
C ILE E 167 -23.34 -36.87 23.51
N LYS E 168 -23.85 -38.06 23.22
CA LYS E 168 -25.12 -38.51 23.80
C LYS E 168 -24.99 -38.69 25.31
N LYS E 169 -23.75 -38.67 25.79
CA LYS E 169 -23.48 -38.83 27.22
C LYS E 169 -23.91 -37.58 27.99
N ARG E 170 -23.60 -36.42 27.43
CA ARG E 170 -23.95 -35.15 28.05
C ARG E 170 -25.44 -34.86 27.88
N MET E 171 -26.11 -35.67 27.07
CA MET E 171 -27.53 -35.51 26.83
C MET E 171 -28.29 -36.82 27.08
N MET F 1 -32.63 19.24 -0.47
CA MET F 1 -31.99 19.37 0.87
C MET F 1 -30.60 18.74 0.89
N ARG F 2 -29.63 19.48 1.41
CA ARG F 2 -28.25 19.00 1.49
C ARG F 2 -27.99 18.36 2.85
N ILE F 3 -28.10 17.03 2.90
CA ILE F 3 -27.88 16.28 4.13
C ILE F 3 -26.45 15.74 4.22
N LEU F 4 -25.91 15.75 5.44
CA LEU F 4 -24.56 15.27 5.68
C LEU F 4 -24.56 14.10 6.66
N MET F 5 -24.19 12.92 6.18
CA MET F 5 -24.15 11.73 7.04
C MET F 5 -22.79 11.58 7.70
N LEU F 6 -22.81 11.47 9.03
CA LEU F 6 -21.58 11.32 9.81
C LEU F 6 -21.78 10.31 10.93
N GLY F 7 -20.68 9.92 11.55
CA GLY F 7 -20.73 8.96 12.64
C GLY F 7 -19.50 8.08 12.67
N LEU F 8 -19.29 7.41 13.80
CA LEU F 8 -18.14 6.53 13.95
C LEU F 8 -18.08 5.50 12.82
N ASP F 9 -16.91 4.89 12.63
CA ASP F 9 -16.74 3.89 11.59
C ASP F 9 -17.53 2.62 11.91
N ALA F 10 -17.86 1.87 10.86
CA ALA F 10 -18.61 0.63 11.01
C ALA F 10 -19.95 0.87 11.69
N ALA F 11 -20.42 2.12 11.65
CA ALA F 11 -21.69 2.49 12.27
C ALA F 11 -22.85 2.09 11.37
N GLY F 12 -22.61 2.09 10.05
CA GLY F 12 -23.64 1.71 9.11
C GLY F 12 -24.20 2.89 8.34
N LYS F 13 -23.32 3.77 7.86
CA LYS F 13 -23.74 4.93 7.10
C LYS F 13 -23.95 4.61 5.63
N THR F 14 -22.91 4.11 4.97
CA THR F 14 -22.99 3.75 3.57
C THR F 14 -24.08 2.71 3.37
N THR F 15 -24.25 1.84 4.35
CA THR F 15 -25.26 0.80 4.29
C THR F 15 -26.64 1.45 4.19
N ILE F 16 -26.78 2.61 4.81
CA ILE F 16 -28.04 3.34 4.79
C ILE F 16 -28.19 4.16 3.51
N LEU F 17 -27.22 5.03 3.25
CA LEU F 17 -27.25 5.88 2.06
C LEU F 17 -27.65 5.10 0.81
N TYR F 18 -26.97 3.99 0.56
CA TYR F 18 -27.24 3.17 -0.60
C TYR F 18 -28.41 2.19 -0.39
N LYS F 19 -28.97 2.20 0.82
CA LYS F 19 -30.10 1.33 1.13
C LYS F 19 -31.35 2.01 0.59
N LEU F 20 -31.30 3.34 0.52
CA LEU F 20 -32.43 4.12 0.02
C LEU F 20 -32.32 4.30 -1.49
N LYS F 21 -31.10 4.54 -1.97
CA LYS F 21 -30.87 4.72 -3.39
C LYS F 21 -31.16 3.48 -4.23
N LEU F 22 -31.20 2.33 -3.56
CA LEU F 22 -31.43 1.06 -4.25
C LEU F 22 -32.60 0.25 -3.69
N GLY F 23 -33.02 0.54 -2.46
CA GLY F 23 -34.08 -0.23 -1.82
C GLY F 23 -33.58 -1.55 -1.29
N GLN F 24 -32.75 -2.22 -2.08
CA GLN F 24 -32.19 -3.51 -1.69
C GLN F 24 -30.88 -3.29 -0.92
N SER F 25 -30.61 -4.15 0.04
CA SER F 25 -29.40 -4.05 0.86
C SER F 25 -28.18 -4.61 0.14
N VAL F 26 -27.05 -3.93 0.28
CA VAL F 26 -25.81 -4.35 -0.35
C VAL F 26 -24.67 -4.50 0.67
N THR F 27 -23.66 -5.28 0.32
CA THR F 27 -22.52 -5.51 1.19
C THR F 27 -21.54 -4.34 1.12
N THR F 28 -21.81 -3.31 1.93
CA THR F 28 -20.98 -2.12 1.98
C THR F 28 -19.51 -2.41 2.29
N ILE F 29 -18.65 -1.54 1.79
CA ILE F 29 -17.21 -1.65 1.99
C ILE F 29 -16.70 -0.41 2.72
N PRO F 30 -15.67 -0.57 3.57
CA PRO F 30 -15.10 0.55 4.33
C PRO F 30 -14.89 1.79 3.46
N THR F 31 -15.63 2.85 3.75
CA THR F 31 -15.52 4.10 3.01
C THR F 31 -14.24 4.84 3.37
N VAL F 32 -13.36 5.01 2.37
CA VAL F 32 -12.10 5.71 2.57
C VAL F 32 -12.23 7.15 2.10
N GLY F 33 -13.13 7.37 1.15
CA GLY F 33 -13.35 8.71 0.63
C GLY F 33 -14.65 9.30 1.12
N PHE F 34 -15.62 9.41 0.22
CA PHE F 34 -16.93 9.98 0.57
C PHE F 34 -17.97 9.67 -0.50
N ASN F 35 -19.06 9.02 -0.10
CA ASN F 35 -20.14 8.69 -1.02
C ASN F 35 -21.22 9.75 -0.98
N VAL F 36 -21.70 10.15 -2.14
CA VAL F 36 -22.74 11.18 -2.23
C VAL F 36 -23.79 10.80 -3.28
N GLU F 37 -25.00 10.50 -2.82
CA GLU F 37 -26.09 10.13 -3.71
C GLU F 37 -27.27 11.09 -3.56
N THR F 38 -28.28 10.88 -4.41
CA THR F 38 -29.48 11.71 -4.38
C THR F 38 -30.76 10.87 -4.38
N VAL F 39 -31.46 10.87 -3.26
CA VAL F 39 -32.70 10.12 -3.12
C VAL F 39 -33.88 11.08 -3.04
N THR F 40 -35.04 10.65 -3.52
CA THR F 40 -36.23 11.49 -3.50
C THR F 40 -37.40 10.76 -2.83
N TYR F 41 -37.68 11.12 -1.58
CA TYR F 41 -38.77 10.52 -0.84
C TYR F 41 -39.76 11.58 -0.38
N LYS F 42 -41.04 11.21 -0.28
CA LYS F 42 -42.08 12.14 0.13
C LYS F 42 -42.14 13.35 -0.80
N ASN F 43 -41.90 13.09 -2.08
CA ASN F 43 -41.93 14.14 -3.10
C ASN F 43 -40.90 15.23 -2.79
N VAL F 44 -39.82 14.85 -2.11
CA VAL F 44 -38.75 15.78 -1.75
C VAL F 44 -37.39 15.13 -2.00
N LYS F 45 -36.50 15.86 -2.66
CA LYS F 45 -35.17 15.36 -2.98
C LYS F 45 -34.15 15.60 -1.87
N PHE F 46 -33.42 14.55 -1.53
CA PHE F 46 -32.39 14.62 -0.50
C PHE F 46 -31.02 14.46 -1.15
N ASN F 47 -30.02 15.16 -0.61
CA ASN F 47 -28.67 15.09 -1.13
C ASN F 47 -27.73 14.62 -0.03
N VAL F 48 -27.73 13.32 0.22
CA VAL F 48 -26.90 12.71 1.24
C VAL F 48 -25.42 12.69 0.89
N TRP F 49 -24.58 12.97 1.89
CA TRP F 49 -23.13 12.97 1.71
C TRP F 49 -22.47 12.10 2.78
N ASP F 50 -22.35 10.82 2.48
CA ASP F 50 -21.73 9.87 3.40
C ASP F 50 -20.21 10.00 3.40
N VAL F 51 -19.66 10.47 4.53
CA VAL F 51 -18.22 10.63 4.67
C VAL F 51 -17.64 9.54 5.55
N GLY F 52 -16.46 9.06 5.20
CA GLY F 52 -15.81 8.01 5.97
C GLY F 52 -15.71 8.36 7.44
N GLY F 53 -15.71 7.33 8.29
CA GLY F 53 -15.61 7.55 9.72
C GLY F 53 -14.34 6.98 10.32
N GLN F 54 -13.35 6.70 9.47
CA GLN F 54 -12.08 6.15 9.93
C GLN F 54 -11.41 7.12 10.90
N ASP F 55 -10.79 6.55 11.94
CA ASP F 55 -10.11 7.34 12.95
C ASP F 55 -9.16 8.35 12.33
N LYS F 56 -8.75 8.08 11.09
CA LYS F 56 -7.82 8.96 10.38
C LYS F 56 -8.53 10.14 9.72
N ILE F 57 -9.45 9.85 8.81
CA ILE F 57 -10.19 10.89 8.09
C ILE F 57 -11.33 11.51 8.87
N ARG F 58 -11.19 11.55 10.20
CA ARG F 58 -12.21 12.14 11.06
C ARG F 58 -12.19 13.67 10.94
N PRO F 59 -10.99 14.28 10.93
CA PRO F 59 -10.83 15.72 10.83
C PRO F 59 -11.33 16.36 9.54
N LEU F 60 -11.55 15.56 8.50
CA LEU F 60 -12.02 16.08 7.23
C LEU F 60 -13.53 16.32 7.23
N TRP F 61 -14.16 16.09 8.37
CA TRP F 61 -15.60 16.29 8.51
C TRP F 61 -15.96 17.78 8.49
N ARG F 62 -15.03 18.60 8.95
CA ARG F 62 -15.24 20.05 8.99
C ARG F 62 -15.34 20.62 7.58
N HIS F 63 -14.60 20.03 6.64
CA HIS F 63 -14.61 20.49 5.26
C HIS F 63 -15.98 20.27 4.62
N TYR F 64 -16.92 19.77 5.41
CA TYR F 64 -18.27 19.51 4.92
C TYR F 64 -19.34 20.21 5.75
N TYR F 65 -18.94 20.82 6.87
CA TYR F 65 -19.87 21.51 7.74
C TYR F 65 -20.67 22.59 7.02
N THR F 66 -19.97 23.50 6.35
CA THR F 66 -20.61 24.58 5.62
C THR F 66 -21.56 24.07 4.55
N GLY F 67 -22.72 24.71 4.43
CA GLY F 67 -23.71 24.30 3.44
C GLY F 67 -24.48 23.06 3.83
N THR F 68 -24.50 22.74 5.11
CA THR F 68 -25.20 21.57 5.60
C THR F 68 -26.61 21.93 6.10
N GLN F 69 -27.62 21.37 5.46
CA GLN F 69 -29.00 21.63 5.85
C GLN F 69 -29.41 20.75 7.02
N GLY F 70 -28.83 19.55 7.09
CA GLY F 70 -29.14 18.63 8.16
C GLY F 70 -28.03 17.64 8.43
N LEU F 71 -27.96 17.17 9.68
CA LEU F 71 -26.94 16.21 10.08
C LEU F 71 -27.53 14.88 10.51
N ILE F 72 -27.19 13.82 9.79
CA ILE F 72 -27.67 12.49 10.10
C ILE F 72 -26.54 11.71 10.78
N PHE F 73 -26.52 11.73 12.10
CA PHE F 73 -25.48 11.04 12.87
C PHE F 73 -25.90 9.61 13.16
N VAL F 74 -25.33 8.66 12.41
CA VAL F 74 -25.64 7.25 12.60
C VAL F 74 -24.84 6.72 13.79
N VAL F 75 -25.47 5.89 14.60
CA VAL F 75 -24.82 5.32 15.77
C VAL F 75 -25.06 3.83 15.92
N ASP F 76 -23.99 3.08 16.20
CA ASP F 76 -24.07 1.64 16.38
C ASP F 76 -24.59 1.38 17.80
N CYS F 77 -25.87 1.05 17.89
CA CYS F 77 -26.50 0.78 19.19
C CYS F 77 -25.85 -0.34 20.00
N ALA F 78 -24.95 -1.08 19.37
CA ALA F 78 -24.27 -2.18 20.04
C ALA F 78 -22.83 -1.96 20.51
N ASP F 79 -22.12 -1.08 19.82
CA ASP F 79 -20.74 -0.78 20.16
C ASP F 79 -20.70 0.17 21.36
N ARG F 80 -21.07 -0.36 22.52
CA ARG F 80 -21.09 0.41 23.76
C ARG F 80 -19.71 0.97 24.11
N ASP F 81 -18.68 0.18 23.84
CA ASP F 81 -17.30 0.60 24.13
C ASP F 81 -16.94 1.92 23.46
N ARG F 82 -17.65 2.26 22.39
CA ARG F 82 -17.40 3.49 21.67
C ARG F 82 -18.63 4.37 21.58
N ILE F 83 -19.68 4.02 22.32
CA ILE F 83 -20.92 4.79 22.30
C ILE F 83 -20.62 6.21 22.81
N ASP F 84 -19.69 6.31 23.74
CA ASP F 84 -19.30 7.60 24.29
C ASP F 84 -18.49 8.37 23.26
N GLU F 85 -17.59 7.65 22.59
CA GLU F 85 -16.75 8.25 21.56
C GLU F 85 -17.64 8.97 20.55
N ALA F 86 -18.91 8.61 20.53
CA ALA F 86 -19.88 9.21 19.63
C ALA F 86 -20.22 10.63 20.07
N ARG F 87 -20.72 10.78 21.30
CA ARG F 87 -21.08 12.09 21.82
C ARG F 87 -19.90 13.03 21.70
N GLN F 88 -18.69 12.47 21.76
CA GLN F 88 -17.48 13.26 21.66
C GLN F 88 -17.41 13.95 20.30
N GLU F 89 -17.61 13.18 19.23
CA GLU F 89 -17.58 13.73 17.89
C GLU F 89 -18.86 14.53 17.63
N LEU F 90 -20.00 13.94 17.98
CA LEU F 90 -21.29 14.59 17.79
C LEU F 90 -21.31 16.01 18.33
N HIS F 91 -20.89 16.18 19.58
CA HIS F 91 -20.85 17.50 20.20
C HIS F 91 -19.93 18.44 19.43
N ARG F 92 -18.73 17.94 19.13
CA ARG F 92 -17.73 18.72 18.40
C ARG F 92 -18.26 19.14 17.03
N ILE F 93 -19.27 18.42 16.55
CA ILE F 93 -19.87 18.71 15.25
C ILE F 93 -20.96 19.77 15.35
N ILE F 94 -21.96 19.51 16.18
CA ILE F 94 -23.08 20.43 16.36
C ILE F 94 -22.73 21.73 17.06
N ASN F 95 -21.49 21.88 17.49
CA ASN F 95 -21.06 23.10 18.16
C ASN F 95 -20.48 24.10 17.17
N ASP F 96 -19.55 23.63 16.34
CA ASP F 96 -18.91 24.49 15.35
C ASP F 96 -19.96 25.34 14.65
N ARG F 97 -19.82 26.66 14.80
CA ARG F 97 -20.74 27.63 14.20
C ARG F 97 -21.21 27.30 12.78
N GLU F 98 -20.35 26.63 12.00
CA GLU F 98 -20.70 26.28 10.63
C GLU F 98 -22.04 25.55 10.60
N MET F 99 -22.15 24.50 11.41
CA MET F 99 -23.36 23.71 11.49
C MET F 99 -24.16 24.01 12.76
N ARG F 100 -23.88 25.14 13.39
CA ARG F 100 -24.59 25.52 14.61
C ARG F 100 -26.09 25.63 14.39
N ASP F 101 -26.51 25.63 13.13
CA ASP F 101 -27.92 25.75 12.81
C ASP F 101 -28.42 24.83 11.69
N ALA F 102 -28.88 23.64 12.08
CA ALA F 102 -29.40 22.67 11.12
C ALA F 102 -30.18 21.67 11.96
N ILE F 103 -31.05 20.88 11.31
CA ILE F 103 -31.85 19.89 12.02
C ILE F 103 -30.88 18.74 12.23
N ILE F 104 -31.08 17.99 13.32
CA ILE F 104 -30.19 16.88 13.64
C ILE F 104 -30.96 15.58 13.85
N LEU F 105 -30.74 14.62 12.95
CA LEU F 105 -31.40 13.32 13.03
C LEU F 105 -30.41 12.23 13.43
N ILE F 106 -30.62 11.65 14.61
CA ILE F 106 -29.75 10.59 15.09
C ILE F 106 -30.36 9.21 14.82
N PHE F 107 -29.63 8.40 14.05
CA PHE F 107 -30.10 7.06 13.70
C PHE F 107 -29.64 6.02 14.72
N ALA F 108 -30.59 5.28 15.25
CA ALA F 108 -30.30 4.22 16.22
C ALA F 108 -30.32 3.06 15.24
N ASN F 109 -29.16 2.79 14.65
CA ASN F 109 -29.01 1.72 13.67
C ASN F 109 -28.65 0.46 14.47
N LYS F 110 -28.81 -0.69 13.82
CA LYS F 110 -28.51 -1.97 14.42
C LYS F 110 -29.40 -2.31 15.61
N GLN F 111 -30.71 -2.07 15.43
CA GLN F 111 -31.69 -2.35 16.48
C GLN F 111 -32.05 -3.83 16.47
N ASP F 112 -31.52 -4.55 15.49
CA ASP F 112 -31.78 -5.98 15.34
C ASP F 112 -30.87 -6.80 16.24
N LEU F 113 -29.70 -6.27 16.57
CA LEU F 113 -28.73 -6.95 17.42
C LEU F 113 -29.27 -7.12 18.84
N PRO F 114 -28.88 -8.22 19.51
CA PRO F 114 -29.31 -8.51 20.88
C PRO F 114 -29.04 -7.38 21.87
N ASP F 115 -27.77 -6.96 21.94
CA ASP F 115 -27.36 -5.90 22.84
C ASP F 115 -28.00 -4.56 22.49
N ALA F 116 -29.01 -4.61 21.62
CA ALA F 116 -29.72 -3.40 21.18
C ALA F 116 -29.86 -2.37 22.29
N MET F 117 -29.68 -1.11 21.94
CA MET F 117 -29.81 -0.02 22.91
C MET F 117 -31.03 0.84 22.58
N LYS F 118 -32.03 0.79 23.47
CA LYS F 118 -33.25 1.56 23.27
C LYS F 118 -32.95 3.03 22.98
N PRO F 119 -33.75 3.65 22.11
CA PRO F 119 -33.60 5.05 21.72
C PRO F 119 -33.43 6.02 22.89
N HIS F 120 -34.44 6.06 23.76
CA HIS F 120 -34.41 6.93 24.92
C HIS F 120 -33.10 6.82 25.68
N GLU F 121 -32.36 5.74 25.45
CA GLU F 121 -31.08 5.53 26.11
C GLU F 121 -30.00 6.29 25.36
N ILE F 122 -29.96 6.10 24.04
CA ILE F 122 -28.97 6.78 23.20
C ILE F 122 -29.17 8.28 23.35
N GLN F 123 -30.42 8.67 23.57
CA GLN F 123 -30.78 10.08 23.74
C GLN F 123 -30.02 10.71 24.90
N GLU F 124 -29.94 10.00 26.02
CA GLU F 124 -29.24 10.50 27.19
C GLU F 124 -27.75 10.23 27.13
N LYS F 125 -27.38 9.17 26.41
CA LYS F 125 -25.98 8.79 26.27
C LYS F 125 -25.21 9.81 25.43
N LEU F 126 -25.68 10.05 24.22
CA LEU F 126 -25.05 11.00 23.32
C LEU F 126 -25.01 12.41 23.90
N GLY F 127 -25.92 12.68 24.82
CA GLY F 127 -25.97 14.01 25.44
C GLY F 127 -26.82 14.96 24.62
N LEU F 128 -27.90 14.43 24.05
CA LEU F 128 -28.82 15.23 23.24
C LEU F 128 -29.90 15.81 24.14
N THR F 129 -30.23 15.07 25.19
CA THR F 129 -31.26 15.48 26.14
C THR F 129 -30.98 16.81 26.83
N ARG F 130 -29.82 16.92 27.47
CA ARG F 130 -29.47 18.15 28.18
C ARG F 130 -29.32 19.34 27.23
N ILE F 131 -28.78 19.08 26.05
CA ILE F 131 -28.60 20.14 25.05
C ILE F 131 -29.92 20.47 24.37
N ARG F 132 -30.39 21.71 24.57
CA ARG F 132 -31.63 22.16 23.96
C ARG F 132 -31.25 23.33 23.06
N ASP F 133 -32.20 24.20 22.81
CA ASP F 133 -31.98 25.37 21.95
C ASP F 133 -31.60 24.84 20.58
N ARG F 134 -32.13 23.68 20.22
CA ARG F 134 -31.84 23.06 18.94
C ARG F 134 -32.90 22.01 18.61
N ASN F 135 -33.01 21.68 17.33
CA ASN F 135 -33.98 20.68 16.88
C ASN F 135 -33.31 19.36 16.54
N TRP F 136 -33.83 18.27 17.11
CA TRP F 136 -33.25 16.95 16.87
C TRP F 136 -34.28 15.84 17.13
N TYR F 137 -33.86 14.60 16.92
CA TYR F 137 -34.72 13.44 17.13
C TYR F 137 -33.88 12.17 17.07
N VAL F 138 -34.30 11.15 17.82
CA VAL F 138 -33.59 9.87 17.85
C VAL F 138 -34.50 8.82 17.21
N GLN F 139 -34.23 8.52 15.94
CA GLN F 139 -35.02 7.57 15.18
C GLN F 139 -34.41 6.17 15.13
N PRO F 140 -35.13 5.16 15.63
CA PRO F 140 -34.65 3.78 15.63
C PRO F 140 -34.65 3.10 14.27
N SER F 141 -33.51 2.57 13.83
CA SER F 141 -33.43 1.98 12.49
C SER F 141 -32.50 0.77 12.33
N CYS F 142 -32.70 0.05 11.22
CA CYS F 142 -31.87 -1.09 10.85
C CYS F 142 -31.58 -1.09 9.35
N ALA F 143 -30.41 -0.55 8.98
CA ALA F 143 -29.98 -0.45 7.60
C ALA F 143 -30.13 -1.75 6.80
N THR F 144 -29.94 -2.89 7.47
CA THR F 144 -30.04 -4.18 6.81
C THR F 144 -31.47 -4.51 6.37
N SER F 145 -32.42 -3.67 6.72
CA SER F 145 -33.82 -3.89 6.35
C SER F 145 -34.46 -2.63 5.76
N GLY F 146 -34.44 -1.55 6.53
CA GLY F 146 -35.02 -0.31 6.07
C GLY F 146 -35.97 0.31 7.07
N ASP F 147 -36.06 -0.31 8.25
CA ASP F 147 -36.94 0.18 9.30
C ASP F 147 -36.48 1.54 9.83
N GLY F 148 -37.39 2.50 9.85
CA GLY F 148 -37.05 3.83 10.34
C GLY F 148 -36.28 4.68 9.35
N LEU F 149 -35.54 4.03 8.45
CA LEU F 149 -34.76 4.75 7.46
C LEU F 149 -35.61 5.75 6.67
N TYR F 150 -36.81 5.34 6.31
CA TYR F 150 -37.72 6.20 5.57
C TYR F 150 -38.45 7.17 6.48
N GLU F 151 -38.83 6.71 7.67
CA GLU F 151 -39.52 7.58 8.62
C GLU F 151 -38.55 8.67 9.06
N GLY F 152 -37.27 8.32 9.13
CA GLY F 152 -36.26 9.29 9.52
C GLY F 152 -36.19 10.37 8.46
N LEU F 153 -36.58 10.03 7.24
CA LEU F 153 -36.58 10.98 6.14
C LEU F 153 -37.79 11.90 6.31
N THR F 154 -38.95 11.29 6.50
CA THR F 154 -40.19 12.02 6.67
C THR F 154 -40.05 13.01 7.83
N TRP F 155 -39.11 12.72 8.74
CA TRP F 155 -38.87 13.58 9.88
C TRP F 155 -38.23 14.88 9.39
N LEU F 156 -37.13 14.74 8.67
CA LEU F 156 -36.39 15.88 8.12
C LEU F 156 -37.35 16.77 7.34
N THR F 157 -38.27 16.14 6.61
CA THR F 157 -39.24 16.87 5.81
C THR F 157 -40.18 17.72 6.67
N SER F 158 -40.87 17.08 7.60
CA SER F 158 -41.79 17.78 8.49
C SER F 158 -41.11 18.84 9.35
N ASN F 159 -39.88 18.56 9.77
CA ASN F 159 -39.13 19.48 10.61
C ASN F 159 -38.27 20.45 9.80
N TYR F 160 -38.82 20.94 8.69
CA TYR F 160 -38.13 21.88 7.83
C TYR F 160 -38.98 22.25 6.62
#